data_2LNW
#
_entry.id   2LNW
#
loop_
_entity.id
_entity.type
_entity.pdbx_description
1 polymer 'Guanine nucleotide exchange factor VAV2'
2 polymer 'Arf-GAP with Rho-GAP domain, ANK repeat and PH domain-containing protein 3'
#
loop_
_entity_poly.entity_id
_entity_poly.type
_entity_poly.pdbx_seq_one_letter_code
_entity_poly.pdbx_strand_id
1 'polypeptide(L)'
;MGHHHHHHMSRPPSREIDYTAYPWFAGNMERQQTDNLLKSHASGTYLIRERPAEAERFAISIKFNDEVKHIKVVEKDNWI
HITEAKKFDSLLELVEYYQCHSLKESFKQLDTTLKYPYKSRE
;
A
2 'polypeptide(L)' EEPV(PTR)EEVG B
#
# COMPACT_ATOMS: atom_id res chain seq x y z
N SER A 10 29.40 -4.84 8.76
CA SER A 10 29.56 -4.76 10.23
C SER A 10 28.31 -4.14 10.88
N ARG A 11 28.24 -2.80 10.85
CA ARG A 11 27.11 -2.08 11.44
C ARG A 11 26.00 -1.86 10.41
N PRO A 12 26.33 -1.31 9.22
CA PRO A 12 25.34 -1.06 8.17
C PRO A 12 24.76 -2.36 7.60
N PRO A 13 23.45 -2.61 7.82
CA PRO A 13 22.79 -3.82 7.33
C PRO A 13 22.43 -3.72 5.84
N SER A 14 23.43 -3.54 5.00
CA SER A 14 23.23 -3.43 3.56
C SER A 14 23.55 -4.77 2.87
N ARG A 15 23.01 -5.85 3.42
CA ARG A 15 23.24 -7.19 2.88
C ARG A 15 21.91 -7.88 2.57
N GLU A 16 21.25 -7.43 1.50
CA GLU A 16 19.97 -7.98 1.07
C GLU A 16 18.86 -7.61 2.06
N ILE A 17 17.86 -6.87 1.58
CA ILE A 17 16.75 -6.44 2.42
C ILE A 17 15.47 -7.23 2.10
N ASP A 18 14.77 -7.66 3.15
CA ASP A 18 13.53 -8.42 2.99
C ASP A 18 12.31 -7.56 3.30
N TYR A 19 11.46 -7.36 2.29
CA TYR A 19 10.25 -6.57 2.45
C TYR A 19 9.14 -7.39 3.13
N THR A 20 9.20 -8.71 2.97
CA THR A 20 8.20 -9.60 3.57
C THR A 20 8.33 -9.61 5.10
N ALA A 21 9.53 -9.32 5.61
CA ALA A 21 9.78 -9.29 7.04
C ALA A 21 8.88 -8.28 7.75
N TYR A 22 8.51 -7.22 7.04
CA TYR A 22 7.65 -6.17 7.60
C TYR A 22 6.24 -6.69 7.83
N PRO A 23 5.55 -6.19 8.86
CA PRO A 23 4.17 -6.61 9.19
C PRO A 23 3.13 -6.03 8.23
N TRP A 24 3.51 -5.04 7.43
CA TRP A 24 2.59 -4.43 6.48
C TRP A 24 2.71 -5.05 5.08
N PHE A 25 3.40 -6.18 4.99
CA PHE A 25 3.58 -6.86 3.71
C PHE A 25 2.62 -8.04 3.57
N ALA A 26 1.56 -7.84 2.79
CA ALA A 26 0.56 -8.88 2.58
C ALA A 26 0.84 -9.63 1.28
N GLY A 27 0.48 -10.92 1.24
CA GLY A 27 0.71 -11.73 0.06
C GLY A 27 -0.42 -11.62 -0.94
N ASN A 28 -0.74 -12.74 -1.59
CA ASN A 28 -1.81 -12.78 -2.59
C ASN A 28 -3.17 -12.87 -1.90
N MET A 29 -3.63 -11.74 -1.35
CA MET A 29 -4.92 -11.70 -0.66
C MET A 29 -6.03 -11.23 -1.59
N GLU A 30 -7.25 -11.70 -1.32
CA GLU A 30 -8.41 -11.35 -2.15
C GLU A 30 -8.96 -9.98 -1.76
N ARG A 31 -9.73 -9.37 -2.66
CA ARG A 31 -10.34 -8.07 -2.42
C ARG A 31 -11.36 -8.15 -1.30
N GLN A 32 -12.30 -9.09 -1.42
CA GLN A 32 -13.35 -9.28 -0.42
C GLN A 32 -12.76 -9.60 0.95
N GLN A 33 -11.61 -10.29 0.96
CA GLN A 33 -10.95 -10.66 2.20
C GLN A 33 -10.46 -9.42 2.94
N THR A 34 -9.63 -8.64 2.26
CA THR A 34 -9.07 -7.41 2.83
C THR A 34 -10.18 -6.54 3.42
N ASP A 35 -11.33 -6.51 2.74
CA ASP A 35 -12.48 -5.72 3.20
C ASP A 35 -12.96 -6.20 4.56
N ASN A 36 -13.12 -7.51 4.70
CA ASN A 36 -13.59 -8.11 5.95
C ASN A 36 -12.50 -8.07 7.02
N LEU A 37 -11.26 -8.29 6.61
CA LEU A 37 -10.12 -8.28 7.55
C LEU A 37 -9.97 -6.91 8.19
N LEU A 38 -9.96 -5.87 7.37
CA LEU A 38 -9.82 -4.50 7.86
C LEU A 38 -11.08 -4.04 8.59
N LYS A 39 -12.23 -4.64 8.24
CA LYS A 39 -13.49 -4.28 8.89
C LYS A 39 -13.39 -4.38 10.41
N SER A 40 -12.63 -5.37 10.90
CA SER A 40 -12.44 -5.56 12.33
C SER A 40 -11.36 -4.63 12.88
N HIS A 41 -10.37 -4.29 12.04
CA HIS A 41 -9.28 -3.41 12.45
C HIS A 41 -9.76 -1.95 12.58
N ALA A 42 -9.00 -1.16 13.34
CA ALA A 42 -9.32 0.24 13.55
C ALA A 42 -8.67 1.14 12.50
N SER A 43 -8.90 2.45 12.61
CA SER A 43 -8.33 3.42 11.67
C SER A 43 -6.80 3.48 11.80
N GLY A 44 -6.13 3.76 10.69
CA GLY A 44 -4.68 3.85 10.70
C GLY A 44 -4.01 2.56 10.21
N THR A 45 -4.78 1.49 10.08
CA THR A 45 -4.26 0.21 9.62
C THR A 45 -3.97 0.24 8.13
N TYR A 46 -2.78 -0.20 7.75
CA TYR A 46 -2.36 -0.22 6.34
C TYR A 46 -1.76 -1.57 5.96
N LEU A 47 -1.72 -1.86 4.65
CA LEU A 47 -1.19 -3.12 4.15
C LEU A 47 -0.98 -3.07 2.64
N ILE A 48 -0.11 -3.95 2.13
CA ILE A 48 0.18 -4.01 0.70
C ILE A 48 0.13 -5.46 0.20
N ARG A 49 -0.80 -5.73 -0.72
CA ARG A 49 -0.96 -7.08 -1.29
C ARG A 49 -0.49 -7.11 -2.75
N GLU A 50 -0.28 -8.32 -3.27
CA GLU A 50 0.16 -8.50 -4.64
C GLU A 50 -1.02 -8.91 -5.55
N ARG A 51 -0.98 -8.46 -6.80
CA ARG A 51 -2.05 -8.77 -7.76
C ARG A 51 -1.47 -8.99 -9.17
N PRO A 52 -1.84 -10.10 -9.82
CA PRO A 52 -1.35 -10.41 -11.17
C PRO A 52 -2.12 -9.64 -12.25
N ALA A 53 -2.05 -8.30 -12.18
CA ALA A 53 -2.72 -7.45 -13.15
C ALA A 53 -1.77 -7.03 -14.27
N GLU A 54 -2.27 -6.21 -15.19
CA GLU A 54 -1.46 -5.76 -16.32
C GLU A 54 -0.75 -4.44 -16.00
N ALA A 55 -1.52 -3.35 -15.91
CA ALA A 55 -0.95 -2.04 -15.60
C ALA A 55 -0.54 -1.94 -14.14
N GLU A 56 -1.28 -2.62 -13.27
CA GLU A 56 -0.99 -2.61 -11.83
C GLU A 56 -0.31 -3.91 -11.40
N ARG A 57 0.69 -3.78 -10.54
CA ARG A 57 1.43 -4.94 -10.04
C ARG A 57 1.19 -5.12 -8.54
N PHE A 58 1.22 -4.00 -7.80
CA PHE A 58 1.01 -4.04 -6.36
C PHE A 58 -0.33 -3.39 -5.99
N ALA A 59 -0.81 -3.67 -4.77
CA ALA A 59 -2.08 -3.13 -4.29
C ALA A 59 -1.98 -2.72 -2.82
N ILE A 60 -2.36 -1.47 -2.52
CA ILE A 60 -2.31 -0.97 -1.15
C ILE A 60 -3.70 -0.73 -0.58
N SER A 61 -3.85 -0.95 0.72
CA SER A 61 -5.13 -0.77 1.41
C SER A 61 -4.94 -0.10 2.78
N ILE A 62 -5.86 0.80 3.13
CA ILE A 62 -5.79 1.51 4.41
C ILE A 62 -7.19 1.77 5.00
N LYS A 63 -7.29 1.75 6.32
CA LYS A 63 -8.56 1.97 7.02
C LYS A 63 -8.62 3.38 7.62
N PHE A 64 -9.72 4.08 7.36
CA PHE A 64 -9.92 5.44 7.87
C PHE A 64 -11.40 5.73 8.07
N ASN A 65 -11.78 6.02 9.31
CA ASN A 65 -13.18 6.32 9.66
C ASN A 65 -14.08 5.15 9.26
N ASP A 66 -13.67 3.94 9.62
CA ASP A 66 -14.42 2.72 9.30
C ASP A 66 -14.68 2.59 7.80
N GLU A 67 -13.72 3.05 6.99
CA GLU A 67 -13.83 2.99 5.54
C GLU A 67 -12.56 2.38 4.94
N VAL A 68 -12.70 1.19 4.35
CA VAL A 68 -11.57 0.51 3.74
C VAL A 68 -11.26 1.07 2.35
N LYS A 69 -10.18 1.84 2.25
CA LYS A 69 -9.78 2.44 0.97
C LYS A 69 -8.76 1.58 0.24
N HIS A 70 -8.71 1.70 -1.09
CA HIS A 70 -7.79 0.94 -1.91
C HIS A 70 -6.97 1.85 -2.83
N ILE A 71 -5.67 1.56 -2.96
CA ILE A 71 -4.78 2.36 -3.80
C ILE A 71 -4.00 1.47 -4.77
N LYS A 72 -4.18 1.73 -6.07
CA LYS A 72 -3.50 0.97 -7.12
C LYS A 72 -2.03 1.38 -7.24
N VAL A 73 -1.15 0.40 -7.45
CA VAL A 73 0.28 0.66 -7.59
C VAL A 73 0.76 0.42 -9.03
N VAL A 74 1.29 1.47 -9.66
CA VAL A 74 1.79 1.38 -11.03
C VAL A 74 3.32 1.33 -11.04
N GLU A 75 3.87 0.24 -11.57
CA GLU A 75 5.32 0.06 -11.65
C GLU A 75 5.75 -0.17 -13.09
N LYS A 76 6.44 0.83 -13.67
CA LYS A 76 6.92 0.75 -15.04
C LYS A 76 8.20 1.56 -15.23
N ASP A 77 8.97 1.22 -16.26
CA ASP A 77 10.24 1.90 -16.55
C ASP A 77 11.21 1.78 -15.38
N ASN A 78 11.12 0.66 -14.66
CA ASN A 78 11.99 0.41 -13.50
C ASN A 78 11.70 1.39 -12.35
N TRP A 79 10.48 1.93 -12.33
CA TRP A 79 10.08 2.88 -11.28
C TRP A 79 8.71 2.52 -10.72
N ILE A 80 8.45 2.94 -9.46
CA ILE A 80 7.17 2.67 -8.81
C ILE A 80 6.44 3.97 -8.47
N HIS A 81 5.11 3.99 -8.64
CA HIS A 81 4.30 5.16 -8.34
C HIS A 81 2.81 4.87 -8.46
N ILE A 82 2.04 5.30 -7.46
CA ILE A 82 0.60 5.09 -7.47
C ILE A 82 -0.14 6.21 -8.22
N THR A 83 0.48 7.39 -8.27
CA THR A 83 -0.12 8.54 -8.95
C THR A 83 0.58 8.81 -10.29
N GLU A 84 0.20 9.91 -10.93
CA GLU A 84 0.80 10.29 -12.21
C GLU A 84 1.45 11.67 -12.11
N ALA A 85 2.32 11.84 -11.12
CA ALA A 85 3.01 13.11 -10.91
C ALA A 85 4.45 12.87 -10.42
N LYS A 86 4.60 12.07 -9.37
CA LYS A 86 5.91 11.76 -8.81
C LYS A 86 6.28 10.29 -9.05
N LYS A 87 7.56 9.96 -8.87
CA LYS A 87 8.05 8.60 -9.07
C LYS A 87 8.92 8.14 -7.90
N PHE A 88 9.11 6.82 -7.78
CA PHE A 88 9.93 6.25 -6.70
C PHE A 88 10.93 5.22 -7.23
N ASP A 89 12.01 5.03 -6.48
CA ASP A 89 13.05 4.07 -6.85
C ASP A 89 12.68 2.65 -6.41
N SER A 90 11.79 2.53 -5.43
CA SER A 90 11.36 1.23 -4.93
C SER A 90 10.11 1.36 -4.06
N LEU A 91 9.48 0.22 -3.76
CA LEU A 91 8.27 0.21 -2.93
C LEU A 91 8.55 0.83 -1.56
N LEU A 92 9.74 0.55 -1.02
CA LEU A 92 10.14 1.09 0.28
C LEU A 92 10.03 2.61 0.31
N GLU A 93 10.65 3.27 -0.67
CA GLU A 93 10.62 4.73 -0.76
C GLU A 93 9.17 5.24 -0.83
N LEU A 94 8.33 4.50 -1.54
CA LEU A 94 6.92 4.87 -1.67
C LEU A 94 6.19 4.71 -0.34
N VAL A 95 6.41 3.57 0.32
CA VAL A 95 5.77 3.28 1.60
C VAL A 95 6.22 4.27 2.67
N GLU A 96 7.53 4.41 2.87
CA GLU A 96 8.06 5.32 3.88
C GLU A 96 7.56 6.74 3.66
N TYR A 97 7.37 7.13 2.40
CA TYR A 97 6.89 8.47 2.08
C TYR A 97 5.51 8.72 2.71
N TYR A 98 4.58 7.80 2.46
CA TYR A 98 3.22 7.93 3.01
C TYR A 98 3.19 7.51 4.48
N GLN A 99 4.14 6.68 4.90
CA GLN A 99 4.20 6.23 6.29
C GLN A 99 4.37 7.43 7.22
N CYS A 100 5.09 8.46 6.74
CA CYS A 100 5.33 9.67 7.53
C CYS A 100 4.50 10.85 7.01
N HIS A 101 4.27 10.90 5.70
CA HIS A 101 3.49 11.99 5.11
C HIS A 101 2.05 11.57 4.83
N SER A 102 1.10 12.45 5.16
CA SER A 102 -0.32 12.18 4.95
C SER A 102 -0.62 11.95 3.47
N LEU A 103 -1.62 11.11 3.20
CA LEU A 103 -2.02 10.80 1.83
C LEU A 103 -2.78 11.96 1.18
N LYS A 104 -3.13 12.98 1.98
CA LYS A 104 -3.85 14.14 1.48
C LYS A 104 -3.13 14.78 0.28
N GLU A 105 -1.80 14.66 0.25
CA GLU A 105 -1.00 15.23 -0.84
C GLU A 105 -1.45 14.68 -2.19
N SER A 106 -1.69 13.37 -2.26
CA SER A 106 -2.12 12.74 -3.50
C SER A 106 -3.64 12.59 -3.53
N PHE A 107 -4.21 12.13 -2.41
CA PHE A 107 -5.66 11.94 -2.32
C PHE A 107 -6.27 12.93 -1.32
N LYS A 108 -6.78 14.04 -1.84
CA LYS A 108 -7.39 15.07 -0.98
C LYS A 108 -8.51 14.49 -0.13
N GLN A 109 -9.20 13.47 -0.65
CA GLN A 109 -10.30 12.83 0.08
C GLN A 109 -9.80 12.17 1.36
N LEU A 110 -8.55 11.70 1.35
CA LEU A 110 -7.95 11.05 2.51
C LEU A 110 -6.97 11.98 3.23
N ASP A 111 -6.79 11.74 4.53
CA ASP A 111 -5.87 12.54 5.34
C ASP A 111 -5.27 11.71 6.48
N THR A 112 -5.01 10.43 6.19
CA THR A 112 -4.44 9.51 7.17
C THR A 112 -3.04 9.05 6.76
N THR A 113 -2.36 8.34 7.66
CA THR A 113 -1.01 7.84 7.40
C THR A 113 -0.84 6.41 7.91
N LEU A 114 0.29 5.79 7.54
CA LEU A 114 0.59 4.42 7.95
C LEU A 114 1.08 4.39 9.40
N LYS A 115 0.38 3.65 10.26
CA LYS A 115 0.76 3.54 11.67
C LYS A 115 0.85 2.08 12.12
N TYR A 116 -0.23 1.31 11.92
CA TYR A 116 -0.26 -0.10 12.31
C TYR A 116 -0.50 -1.01 11.11
N PRO A 117 0.13 -2.20 11.10
CA PRO A 117 -0.02 -3.18 10.02
C PRO A 117 -1.33 -3.95 10.09
N TYR A 118 -1.52 -4.88 9.15
CA TYR A 118 -2.73 -5.70 9.11
C TYR A 118 -2.63 -6.91 10.04
N LYS A 119 -1.41 -7.41 10.24
CA LYS A 119 -1.18 -8.56 11.11
C LYS A 119 -0.77 -8.14 12.53
N SER A 120 -1.02 -6.88 12.88
CA SER A 120 -0.68 -6.36 14.20
C SER A 120 -1.39 -7.14 15.31
N ARG A 121 -2.72 -7.16 15.28
CA ARG A 121 -3.49 -7.88 16.29
C ARG A 121 -4.73 -8.51 15.66
N GLU A 122 -4.78 -9.84 15.66
CA GLU A 122 -5.89 -10.58 15.08
C GLU A 122 -7.11 -10.56 16.01
N GLU B 1 -17.01 -4.36 -13.66
CA GLU B 1 -15.79 -5.10 -14.09
C GLU B 1 -14.64 -4.15 -14.42
N GLU B 2 -14.44 -3.14 -13.57
CA GLU B 2 -13.36 -2.17 -13.77
C GLU B 2 -12.76 -1.73 -12.43
N PRO B 3 -11.45 -1.41 -12.41
CA PRO B 3 -10.75 -0.99 -11.19
C PRO B 3 -11.16 0.42 -10.73
N VAL B 4 -11.81 0.50 -9.57
CA VAL B 4 -12.25 1.78 -9.02
C VAL B 4 -11.15 2.40 -8.16
N GLU B 6 -9.27 4.40 -4.90
CA GLU B 6 -9.42 5.80 -4.48
C GLU B 6 -9.07 6.75 -5.62
N GLU B 7 -7.82 6.64 -6.11
CA GLU B 7 -7.34 7.48 -7.21
C GLU B 7 -7.25 8.95 -6.81
N VAL B 8 -6.30 9.66 -7.43
CA VAL B 8 -6.10 11.08 -7.14
C VAL B 8 -7.37 11.89 -7.46
N GLY B 9 -8.02 11.57 -8.58
CA GLY B 9 -9.24 12.26 -8.96
C GLY B 9 -8.98 13.61 -9.61
N SER A 10 26.41 -14.78 -4.63
CA SER A 10 25.66 -14.76 -5.91
C SER A 10 24.17 -15.06 -5.69
N ARG A 11 23.39 -13.99 -5.50
CA ARG A 11 21.95 -14.13 -5.29
C ARG A 11 21.18 -13.37 -6.37
N PRO A 12 20.05 -13.92 -6.85
CA PRO A 12 19.23 -13.29 -7.89
C PRO A 12 18.88 -11.83 -7.57
N PRO A 13 19.54 -10.87 -8.26
CA PRO A 13 19.31 -9.44 -8.05
C PRO A 13 17.94 -8.97 -8.54
N SER A 14 17.12 -8.49 -7.62
CA SER A 14 15.78 -8.01 -7.96
C SER A 14 15.31 -6.94 -6.97
N ARG A 15 15.22 -7.31 -5.70
CA ARG A 15 14.79 -6.38 -4.65
C ARG A 15 15.86 -6.21 -3.58
N GLU A 16 16.44 -7.33 -3.12
CA GLU A 16 17.47 -7.31 -2.09
C GLU A 16 16.94 -6.73 -0.78
N ILE A 17 15.62 -6.82 -0.57
CA ILE A 17 14.98 -6.31 0.63
C ILE A 17 13.86 -7.25 1.08
N ASP A 18 13.93 -7.70 2.33
CA ASP A 18 12.91 -8.60 2.87
C ASP A 18 11.73 -7.80 3.43
N TYR A 19 10.84 -7.36 2.56
CA TYR A 19 9.67 -6.59 2.97
C TYR A 19 8.76 -7.41 3.90
N THR A 20 8.89 -8.74 3.85
CA THR A 20 8.08 -9.62 4.70
C THR A 20 8.42 -9.42 6.17
N ALA A 21 9.65 -8.98 6.45
CA ALA A 21 10.09 -8.76 7.82
C ALA A 21 9.22 -7.72 8.54
N TYR A 22 8.63 -6.80 7.76
CA TYR A 22 7.78 -5.75 8.33
C TYR A 22 6.37 -6.29 8.58
N PRO A 23 5.70 -5.79 9.65
CA PRO A 23 4.34 -6.21 10.00
C PRO A 23 3.27 -5.64 9.08
N TRP A 24 3.64 -4.67 8.24
CA TRP A 24 2.69 -4.06 7.31
C TRP A 24 2.76 -4.69 5.92
N PHE A 25 3.42 -5.84 5.81
CA PHE A 25 3.54 -6.54 4.53
C PHE A 25 2.64 -7.77 4.49
N ALA A 26 1.60 -7.72 3.66
CA ALA A 26 0.67 -8.82 3.52
C ALA A 26 1.04 -9.72 2.33
N GLY A 27 0.63 -10.98 2.39
CA GLY A 27 0.93 -11.92 1.33
C GLY A 27 -0.11 -11.92 0.21
N ASN A 28 -0.39 -13.10 -0.34
CA ASN A 28 -1.38 -13.24 -1.41
C ASN A 28 -2.80 -13.27 -0.84
N MET A 29 -3.33 -12.08 -0.56
CA MET A 29 -4.68 -11.95 -0.01
C MET A 29 -5.63 -11.31 -1.03
N GLU A 30 -6.90 -11.72 -0.99
CA GLU A 30 -7.90 -11.19 -1.92
C GLU A 30 -8.58 -9.95 -1.34
N ARG A 31 -9.30 -9.22 -2.20
CA ARG A 31 -10.01 -8.02 -1.77
C ARG A 31 -11.09 -8.36 -0.74
N GLN A 32 -11.72 -9.53 -0.90
CA GLN A 32 -12.77 -9.97 0.01
C GLN A 32 -12.21 -10.24 1.41
N GLN A 33 -10.97 -10.75 1.48
CA GLN A 33 -10.33 -11.04 2.75
C GLN A 33 -9.90 -9.76 3.45
N THR A 34 -9.08 -8.97 2.76
CA THR A 34 -8.58 -7.71 3.30
C THR A 34 -9.73 -6.84 3.82
N ASP A 35 -10.84 -6.84 3.07
CA ASP A 35 -12.01 -6.05 3.46
C ASP A 35 -12.56 -6.52 4.80
N ASN A 36 -12.71 -7.85 4.93
CA ASN A 36 -13.23 -8.45 6.17
C ASN A 36 -12.24 -8.28 7.32
N LEU A 37 -10.95 -8.45 7.03
CA LEU A 37 -9.91 -8.33 8.05
C LEU A 37 -9.90 -6.92 8.63
N LEU A 38 -9.92 -5.91 7.76
CA LEU A 38 -9.93 -4.52 8.18
C LEU A 38 -11.28 -4.12 8.79
N LYS A 39 -12.33 -4.87 8.46
CA LYS A 39 -13.68 -4.58 8.98
C LYS A 39 -13.67 -4.53 10.51
N SER A 40 -12.90 -5.42 11.13
CA SER A 40 -12.80 -5.48 12.58
C SER A 40 -11.85 -4.40 13.12
N HIS A 41 -10.78 -4.13 12.37
CA HIS A 41 -9.81 -3.12 12.76
C HIS A 41 -10.38 -1.70 12.63
N ALA A 42 -9.79 -0.75 13.37
CA ALA A 42 -10.25 0.64 13.34
C ALA A 42 -9.60 1.41 12.20
N SER A 43 -9.89 2.71 12.11
CA SER A 43 -9.31 3.57 11.07
C SER A 43 -7.80 3.72 11.27
N GLY A 44 -7.10 3.93 10.16
CA GLY A 44 -5.65 4.08 10.22
C GLY A 44 -4.90 2.81 9.87
N THR A 45 -5.57 1.66 9.97
CA THR A 45 -4.96 0.38 9.65
C THR A 45 -4.57 0.31 8.17
N TYR A 46 -3.28 0.10 7.91
CA TYR A 46 -2.78 0.01 6.54
C TYR A 46 -2.06 -1.32 6.29
N LEU A 47 -1.95 -1.70 5.02
CA LEU A 47 -1.30 -2.95 4.63
C LEU A 47 -1.04 -3.00 3.13
N ILE A 48 -0.03 -3.78 2.74
CA ILE A 48 0.31 -3.93 1.32
C ILE A 48 0.45 -5.41 0.97
N ARG A 49 -0.55 -5.94 0.27
CA ARG A 49 -0.55 -7.33 -0.15
C ARG A 49 -0.03 -7.49 -1.57
N GLU A 50 0.35 -8.72 -1.93
CA GLU A 50 0.87 -9.02 -3.26
C GLU A 50 -0.09 -9.93 -4.03
N ARG A 51 -0.40 -9.54 -5.27
CA ARG A 51 -1.29 -10.31 -6.13
C ARG A 51 -0.60 -10.58 -7.47
N PRO A 52 -1.25 -11.35 -8.38
CA PRO A 52 -0.68 -11.68 -9.70
C PRO A 52 -0.15 -10.43 -10.41
N ALA A 53 1.16 -10.21 -10.31
CA ALA A 53 1.79 -9.04 -10.92
C ALA A 53 1.70 -9.06 -12.44
N GLU A 54 1.54 -7.87 -13.00
CA GLU A 54 1.45 -7.67 -14.44
C GLU A 54 1.56 -6.19 -14.77
N ALA A 55 0.73 -5.38 -14.10
CA ALA A 55 0.72 -3.94 -14.30
C ALA A 55 1.23 -3.20 -13.04
N GLU A 56 1.20 -3.88 -11.89
CA GLU A 56 1.66 -3.29 -10.63
C GLU A 56 2.43 -4.31 -9.81
N ARG A 57 3.54 -3.87 -9.21
CA ARG A 57 4.36 -4.75 -8.38
C ARG A 57 3.59 -5.23 -7.15
N PHE A 58 2.82 -4.31 -6.55
CA PHE A 58 2.02 -4.64 -5.35
C PHE A 58 0.80 -3.72 -5.24
N ALA A 59 0.01 -3.91 -4.17
CA ALA A 59 -1.20 -3.11 -3.94
C ALA A 59 -1.39 -2.79 -2.46
N ILE A 60 -1.56 -1.50 -2.15
CA ILE A 60 -1.75 -1.05 -0.78
C ILE A 60 -3.24 -0.88 -0.43
N SER A 61 -3.57 -1.05 0.86
CA SER A 61 -4.96 -0.91 1.32
C SER A 61 -5.01 -0.28 2.72
N ILE A 62 -5.78 0.80 2.87
CA ILE A 62 -5.91 1.49 4.16
C ILE A 62 -7.37 1.77 4.51
N LYS A 63 -7.68 1.76 5.81
CA LYS A 63 -9.04 2.01 6.29
C LYS A 63 -9.19 3.46 6.77
N PHE A 64 -10.28 4.12 6.34
CA PHE A 64 -10.56 5.49 6.72
C PHE A 64 -12.06 5.77 6.69
N ASN A 65 -12.62 6.18 7.83
CA ASN A 65 -14.06 6.46 7.94
C ASN A 65 -14.88 5.22 7.58
N ASP A 66 -14.51 4.08 8.17
CA ASP A 66 -15.19 2.81 7.94
C ASP A 66 -15.23 2.46 6.45
N GLU A 67 -14.17 2.83 5.72
CA GLU A 67 -14.07 2.55 4.30
C GLU A 67 -12.71 1.95 3.95
N VAL A 68 -12.71 0.84 3.22
CA VAL A 68 -11.47 0.17 2.81
C VAL A 68 -10.98 0.70 1.47
N LYS A 69 -9.96 1.55 1.50
CA LYS A 69 -9.40 2.12 0.27
C LYS A 69 -8.26 1.24 -0.26
N HIS A 70 -8.11 1.23 -1.59
CA HIS A 70 -7.06 0.42 -2.23
C HIS A 70 -6.24 1.27 -3.21
N ILE A 71 -4.92 1.15 -3.13
CA ILE A 71 -4.02 1.90 -4.01
C ILE A 71 -2.99 0.98 -4.69
N LYS A 72 -3.10 0.86 -6.02
CA LYS A 72 -2.18 0.02 -6.78
C LYS A 72 -0.78 0.66 -6.88
N VAL A 73 0.26 -0.17 -6.86
CA VAL A 73 1.64 0.30 -6.95
C VAL A 73 2.18 0.15 -8.37
N VAL A 74 2.12 1.25 -9.14
CA VAL A 74 2.61 1.25 -10.51
C VAL A 74 4.14 1.28 -10.58
N GLU A 75 4.70 0.55 -11.54
CA GLU A 75 6.14 0.49 -11.73
C GLU A 75 6.52 0.74 -13.19
N LYS A 76 7.19 1.86 -13.45
CA LYS A 76 7.58 2.22 -14.82
C LYS A 76 8.85 3.09 -14.82
N ASP A 77 9.57 3.09 -15.94
CA ASP A 77 10.80 3.87 -16.08
C ASP A 77 11.84 3.45 -15.04
N ASN A 78 11.83 2.16 -14.70
CA ASN A 78 12.76 1.61 -13.70
C ASN A 78 12.51 2.22 -12.31
N TRP A 79 11.31 2.76 -12.10
CA TRP A 79 10.95 3.37 -10.81
C TRP A 79 9.59 2.87 -10.32
N ILE A 80 9.27 3.16 -9.06
CA ILE A 80 8.01 2.74 -8.46
C ILE A 80 7.23 3.94 -7.90
N HIS A 81 5.90 3.91 -8.06
CA HIS A 81 5.06 4.99 -7.57
C HIS A 81 3.57 4.63 -7.68
N ILE A 82 2.75 5.18 -6.79
CA ILE A 82 1.32 4.94 -6.80
C ILE A 82 0.56 6.09 -7.46
N THR A 83 1.14 7.30 -7.41
CA THR A 83 0.52 8.48 -8.00
C THR A 83 1.39 9.04 -9.13
N GLU A 84 0.84 10.00 -9.88
CA GLU A 84 1.57 10.62 -10.98
C GLU A 84 2.11 11.99 -10.58
N ALA A 85 2.49 12.14 -9.31
CA ALA A 85 3.04 13.40 -8.81
C ALA A 85 4.52 13.27 -8.48
N LYS A 86 4.89 12.14 -7.86
CA LYS A 86 6.28 11.88 -7.47
C LYS A 86 6.74 10.47 -7.90
N LYS A 87 8.02 10.18 -7.69
CA LYS A 87 8.59 8.88 -8.05
C LYS A 87 9.39 8.29 -6.89
N PHE A 88 9.57 6.97 -6.89
CA PHE A 88 10.32 6.29 -5.83
C PHE A 88 11.24 5.22 -6.41
N ASP A 89 12.30 4.88 -5.68
CA ASP A 89 13.25 3.86 -6.11
C ASP A 89 12.84 2.47 -5.64
N SER A 90 11.97 2.40 -4.62
CA SER A 90 11.52 1.12 -4.09
C SER A 90 10.27 1.30 -3.22
N LEU A 91 9.57 0.19 -2.95
CA LEU A 91 8.35 0.23 -2.14
C LEU A 91 8.61 0.90 -0.79
N LEU A 92 9.78 0.61 -0.21
CA LEU A 92 10.16 1.19 1.08
C LEU A 92 10.07 2.71 1.05
N GLU A 93 10.69 3.33 0.04
CA GLU A 93 10.67 4.78 -0.12
C GLU A 93 9.22 5.30 -0.16
N LEU A 94 8.40 4.66 -1.00
CA LEU A 94 6.99 5.05 -1.13
C LEU A 94 6.27 4.96 0.22
N VAL A 95 6.40 3.81 0.89
CA VAL A 95 5.76 3.61 2.19
C VAL A 95 6.27 4.61 3.22
N GLU A 96 7.59 4.75 3.32
CA GLU A 96 8.20 5.67 4.28
C GLU A 96 7.71 7.11 4.05
N TYR A 97 7.70 7.54 2.78
CA TYR A 97 7.24 8.88 2.44
C TYR A 97 5.81 9.11 2.89
N TYR A 98 4.94 8.12 2.65
CA TYR A 98 3.53 8.21 3.04
C TYR A 98 3.35 7.97 4.53
N GLN A 99 4.31 7.29 5.17
CA GLN A 99 4.24 7.02 6.60
C GLN A 99 4.29 8.33 7.40
N CYS A 100 5.00 9.32 6.84
CA CYS A 100 5.14 10.63 7.48
C CYS A 100 4.21 11.67 6.86
N HIS A 101 3.99 11.58 5.54
CA HIS A 101 3.12 12.52 4.84
C HIS A 101 1.69 12.00 4.70
N SER A 102 0.71 12.90 4.91
CA SER A 102 -0.70 12.53 4.80
C SER A 102 -1.07 12.10 3.39
N LEU A 103 -2.14 11.32 3.27
CA LEU A 103 -2.61 10.83 1.97
C LEU A 103 -3.58 11.83 1.31
N LYS A 104 -3.72 13.02 1.89
CA LYS A 104 -4.62 14.05 1.35
C LYS A 104 -4.01 14.73 0.12
N GLU A 105 -2.67 14.84 0.09
CA GLU A 105 -1.98 15.47 -1.03
C GLU A 105 -2.35 14.80 -2.35
N SER A 106 -2.23 13.48 -2.39
CA SER A 106 -2.58 12.71 -3.59
C SER A 106 -4.07 12.44 -3.66
N PHE A 107 -4.62 11.87 -2.59
CA PHE A 107 -6.05 11.55 -2.53
C PHE A 107 -6.76 12.52 -1.58
N LYS A 108 -7.26 13.62 -2.13
CA LYS A 108 -7.97 14.63 -1.33
C LYS A 108 -9.14 14.00 -0.57
N GLN A 109 -9.74 12.96 -1.14
CA GLN A 109 -10.85 12.25 -0.49
C GLN A 109 -10.42 11.67 0.86
N LEU A 110 -9.15 11.28 0.96
CA LEU A 110 -8.60 10.71 2.20
C LEU A 110 -7.94 11.79 3.05
N ASP A 111 -7.77 11.48 4.34
CA ASP A 111 -7.13 12.41 5.28
C ASP A 111 -6.51 11.65 6.46
N THR A 112 -5.65 10.67 6.15
CA THR A 112 -4.99 9.88 7.17
C THR A 112 -3.59 9.44 6.73
N THR A 113 -2.88 8.74 7.62
CA THR A 113 -1.53 8.26 7.34
C THR A 113 -1.36 6.81 7.79
N LEU A 114 -0.19 6.24 7.55
CA LEU A 114 0.11 4.86 7.94
C LEU A 114 0.24 4.77 9.46
N LYS A 115 -0.90 4.58 10.15
CA LYS A 115 -0.92 4.51 11.61
C LYS A 115 -0.48 3.13 12.11
N TYR A 116 -1.28 2.09 11.81
CA TYR A 116 -0.96 0.73 12.26
C TYR A 116 -1.13 -0.28 11.12
N PRO A 117 -0.33 -1.37 11.14
CA PRO A 117 -0.40 -2.41 10.12
C PRO A 117 -1.63 -3.31 10.29
N TYR A 118 -1.75 -4.32 9.43
CA TYR A 118 -2.87 -5.25 9.48
C TYR A 118 -2.73 -6.26 10.62
N LYS A 119 -1.50 -6.69 10.89
CA LYS A 119 -1.23 -7.66 11.97
C LYS A 119 -1.43 -7.02 13.34
N SER A 120 -1.03 -5.75 13.46
CA SER A 120 -1.15 -5.01 14.71
C SER A 120 -0.36 -5.69 15.84
N ARG A 121 0.97 -5.58 15.78
CA ARG A 121 1.84 -6.17 16.79
C ARG A 121 3.24 -5.53 16.78
N GLU A 122 3.29 -4.23 16.53
CA GLU A 122 4.56 -3.50 16.49
C GLU A 122 4.54 -2.31 17.46
N GLU B 1 -14.54 6.25 -16.17
CA GLU B 1 -13.98 4.89 -15.94
C GLU B 1 -14.01 4.54 -14.45
N GLU B 2 -14.13 3.24 -14.16
CA GLU B 2 -14.18 2.76 -12.79
C GLU B 2 -13.01 1.82 -12.50
N PRO B 3 -11.85 2.38 -12.11
CA PRO B 3 -10.64 1.59 -11.80
C PRO B 3 -10.72 0.87 -10.46
N VAL B 4 -11.78 1.13 -9.69
CA VAL B 4 -11.98 0.52 -8.37
C VAL B 4 -11.03 1.12 -7.32
N GLU B 6 -8.32 3.62 -5.45
CA GLU B 6 -8.35 5.07 -5.25
C GLU B 6 -7.43 5.78 -6.25
N GLU B 7 -7.86 6.95 -6.71
CA GLU B 7 -7.08 7.74 -7.68
C GLU B 7 -6.86 9.16 -7.19
N VAL B 8 -5.80 9.80 -7.68
CA VAL B 8 -5.46 11.17 -7.28
C VAL B 8 -6.58 12.15 -7.68
N GLY B 9 -6.94 12.16 -8.96
CA GLY B 9 -7.98 13.05 -9.43
C GLY B 9 -7.94 13.26 -10.93
N SER A 10 26.42 -5.89 -14.65
CA SER A 10 25.64 -6.80 -13.77
C SER A 10 26.36 -8.15 -13.59
N ARG A 11 27.54 -8.10 -12.96
CA ARG A 11 28.32 -9.32 -12.73
C ARG A 11 27.70 -10.18 -11.63
N PRO A 12 27.59 -9.64 -10.39
CA PRO A 12 27.01 -10.36 -9.26
C PRO A 12 25.49 -10.52 -9.38
N PRO A 13 24.89 -11.39 -8.54
CA PRO A 13 23.44 -11.63 -8.54
C PRO A 13 22.64 -10.43 -8.00
N SER A 14 21.33 -10.60 -7.91
CA SER A 14 20.46 -9.54 -7.41
C SER A 14 20.02 -9.81 -5.97
N ARG A 15 19.59 -11.04 -5.70
CA ARG A 15 19.13 -11.45 -4.36
C ARG A 15 17.77 -10.85 -4.04
N GLU A 16 17.70 -9.51 -3.97
CA GLU A 16 16.46 -8.79 -3.67
C GLU A 16 16.00 -9.04 -2.23
N ILE A 17 15.33 -8.04 -1.66
CA ILE A 17 14.84 -8.12 -0.29
C ILE A 17 13.35 -8.49 -0.26
N ASP A 18 13.01 -9.46 0.59
CA ASP A 18 11.62 -9.89 0.73
C ASP A 18 10.87 -8.99 1.71
N TYR A 19 10.19 -7.98 1.18
CA TYR A 19 9.43 -7.06 2.01
C TYR A 19 8.23 -7.74 2.66
N THR A 20 7.85 -8.92 2.13
CA THR A 20 6.72 -9.68 2.66
C THR A 20 6.92 -10.02 4.14
N ALA A 21 8.18 -10.10 4.57
CA ALA A 21 8.51 -10.41 5.95
C ALA A 21 8.08 -9.29 6.91
N TYR A 22 7.94 -8.07 6.38
CA TYR A 22 7.54 -6.92 7.19
C TYR A 22 6.15 -7.11 7.78
N PRO A 23 5.94 -6.65 9.03
CA PRO A 23 4.64 -6.78 9.72
C PRO A 23 3.49 -6.11 8.97
N TRP A 24 3.81 -5.17 8.08
CA TRP A 24 2.78 -4.46 7.32
C TRP A 24 2.70 -4.96 5.86
N PHE A 25 3.24 -6.16 5.63
CA PHE A 25 3.23 -6.75 4.29
C PHE A 25 2.54 -8.12 4.30
N ALA A 26 1.43 -8.24 3.56
CA ALA A 26 0.68 -9.50 3.48
C ALA A 26 0.47 -9.91 2.03
N GLY A 27 1.35 -10.79 1.54
CA GLY A 27 1.24 -11.25 0.16
C GLY A 27 0.02 -12.12 -0.09
N ASN A 28 -0.64 -11.88 -1.22
CA ASN A 28 -1.84 -12.62 -1.60
C ASN A 28 -2.98 -12.37 -0.60
N MET A 29 -3.86 -11.44 -0.94
CA MET A 29 -4.98 -11.09 -0.08
C MET A 29 -6.23 -10.78 -0.90
N GLU A 30 -7.28 -11.57 -0.69
CA GLU A 30 -8.55 -11.39 -1.40
C GLU A 30 -9.23 -10.08 -0.99
N ARG A 31 -10.05 -9.54 -1.89
CA ARG A 31 -10.77 -8.30 -1.61
C ARG A 31 -11.73 -8.48 -0.44
N GLN A 32 -12.52 -9.56 -0.48
CA GLN A 32 -13.49 -9.85 0.58
C GLN A 32 -12.79 -10.05 1.93
N GLN A 33 -11.57 -10.60 1.89
CA GLN A 33 -10.80 -10.84 3.10
C GLN A 33 -10.25 -9.54 3.66
N THR A 34 -9.47 -8.85 2.86
CA THR A 34 -8.87 -7.57 3.26
C THR A 34 -9.94 -6.61 3.79
N ASP A 35 -11.10 -6.60 3.11
CA ASP A 35 -12.21 -5.73 3.50
C ASP A 35 -12.71 -6.10 4.90
N ASN A 36 -12.92 -7.39 5.13
CA ASN A 36 -13.40 -7.87 6.43
C ASN A 36 -12.34 -7.71 7.52
N LEU A 37 -11.09 -7.99 7.18
CA LEU A 37 -9.98 -7.86 8.14
C LEU A 37 -9.86 -6.43 8.64
N LEU A 38 -9.86 -5.48 7.69
CA LEU A 38 -9.75 -4.07 8.04
C LEU A 38 -11.05 -3.53 8.66
N LYS A 39 -12.18 -4.14 8.29
CA LYS A 39 -13.48 -3.72 8.83
C LYS A 39 -13.50 -3.84 10.36
N SER A 40 -12.78 -4.83 10.89
CA SER A 40 -12.72 -5.05 12.34
C SER A 40 -11.50 -4.34 12.96
N HIS A 41 -11.09 -3.23 12.36
CA HIS A 41 -9.94 -2.46 12.85
C HIS A 41 -10.31 -0.98 13.01
N ALA A 42 -9.33 -0.18 13.47
CA ALA A 42 -9.55 1.26 13.68
C ALA A 42 -9.51 2.01 12.34
N SER A 43 -9.53 3.34 12.41
CA SER A 43 -9.48 4.18 11.20
C SER A 43 -8.05 4.57 10.85
N GLY A 44 -7.09 3.72 11.18
CA GLY A 44 -5.69 4.00 10.86
C GLY A 44 -4.90 2.74 10.54
N THR A 45 -5.61 1.69 10.13
CA THR A 45 -4.97 0.41 9.80
C THR A 45 -4.64 0.34 8.31
N TYR A 46 -3.37 0.09 8.00
CA TYR A 46 -2.91 -0.02 6.61
C TYR A 46 -2.19 -1.36 6.38
N LEU A 47 -2.03 -1.73 5.11
CA LEU A 47 -1.35 -2.98 4.75
C LEU A 47 -0.98 -3.03 3.27
N ILE A 48 -0.08 -3.94 2.91
CA ILE A 48 0.36 -4.10 1.53
C ILE A 48 -0.06 -5.47 0.99
N ARG A 49 -0.47 -5.51 -0.28
CA ARG A 49 -0.88 -6.75 -0.93
C ARG A 49 -0.02 -7.05 -2.15
N GLU A 50 -0.08 -8.31 -2.61
CA GLU A 50 0.70 -8.74 -3.77
C GLU A 50 -0.23 -9.37 -4.82
N ARG A 51 -0.28 -8.75 -6.00
CA ARG A 51 -1.11 -9.25 -7.09
C ARG A 51 -0.28 -9.39 -8.37
N PRO A 52 0.09 -10.64 -8.72
CA PRO A 52 0.89 -10.92 -9.93
C PRO A 52 0.31 -10.27 -11.19
N ALA A 53 0.85 -9.10 -11.55
CA ALA A 53 0.38 -8.37 -12.73
C ALA A 53 1.56 -7.84 -13.55
N GLU A 54 1.24 -7.18 -14.66
CA GLU A 54 2.27 -6.62 -15.55
C GLU A 54 2.59 -5.18 -15.17
N ALA A 55 1.62 -4.29 -15.34
CA ALA A 55 1.80 -2.88 -15.02
C ALA A 55 1.91 -2.66 -13.52
N GLU A 56 1.06 -3.35 -12.75
CA GLU A 56 1.07 -3.23 -11.30
C GLU A 56 1.82 -4.40 -10.65
N ARG A 57 2.58 -4.10 -9.60
CA ARG A 57 3.34 -5.12 -8.89
C ARG A 57 2.78 -5.35 -7.49
N PHE A 58 2.37 -4.26 -6.83
CA PHE A 58 1.81 -4.35 -5.49
C PHE A 58 0.47 -3.61 -5.38
N ALA A 59 -0.20 -3.75 -4.24
CA ALA A 59 -1.49 -3.09 -4.02
C ALA A 59 -1.63 -2.61 -2.57
N ILE A 60 -1.93 -1.33 -2.39
CA ILE A 60 -2.08 -0.75 -1.06
C ILE A 60 -3.54 -0.80 -0.59
N SER A 61 -3.73 -0.99 0.71
CA SER A 61 -5.08 -1.05 1.29
C SER A 61 -5.10 -0.44 2.70
N ILE A 62 -5.91 0.60 2.89
CA ILE A 62 -6.02 1.27 4.18
C ILE A 62 -7.48 1.53 4.56
N LYS A 63 -7.75 1.58 5.87
CA LYS A 63 -9.10 1.83 6.37
C LYS A 63 -9.25 3.25 6.92
N PHE A 64 -10.24 3.99 6.41
CA PHE A 64 -10.49 5.36 6.86
C PHE A 64 -11.93 5.78 6.53
N ASN A 65 -12.49 6.65 7.38
CA ASN A 65 -13.87 7.14 7.19
C ASN A 65 -14.86 5.98 7.15
N ASP A 66 -14.61 4.96 7.98
CA ASP A 66 -15.47 3.78 8.06
C ASP A 66 -15.57 3.07 6.70
N GLU A 67 -14.54 3.24 5.87
CA GLU A 67 -14.49 2.61 4.55
C GLU A 67 -13.08 2.13 4.23
N VAL A 68 -12.97 1.05 3.45
CA VAL A 68 -11.66 0.51 3.08
C VAL A 68 -11.21 1.07 1.72
N LYS A 69 -10.08 1.76 1.72
CA LYS A 69 -9.53 2.35 0.50
C LYS A 69 -8.40 1.49 -0.08
N HIS A 70 -8.14 1.64 -1.38
CA HIS A 70 -7.09 0.87 -2.05
C HIS A 70 -6.32 1.74 -3.05
N ILE A 71 -5.00 1.57 -3.10
CA ILE A 71 -4.15 2.33 -4.01
C ILE A 71 -3.23 1.40 -4.82
N LYS A 72 -3.36 1.46 -6.15
CA LYS A 72 -2.55 0.63 -7.04
C LYS A 72 -1.08 1.05 -7.01
N VAL A 73 -0.18 0.10 -7.24
CA VAL A 73 1.25 0.36 -7.26
C VAL A 73 1.88 0.01 -8.61
N VAL A 74 2.48 1.01 -9.24
CA VAL A 74 3.13 0.82 -10.55
C VAL A 74 4.61 1.17 -10.49
N GLU A 75 5.43 0.34 -11.13
CA GLU A 75 6.89 0.57 -11.16
C GLU A 75 7.39 0.66 -12.60
N LYS A 76 8.01 1.80 -12.93
CA LYS A 76 8.54 2.02 -14.28
C LYS A 76 9.82 2.85 -14.22
N ASP A 77 10.70 2.65 -15.21
CA ASP A 77 11.97 3.39 -15.29
C ASP A 77 12.83 3.12 -14.05
N ASN A 78 12.72 1.90 -13.50
CA ASN A 78 13.47 1.52 -12.31
C ASN A 78 13.04 2.33 -11.08
N TRP A 79 11.82 2.89 -11.14
CA TRP A 79 11.28 3.68 -10.03
C TRP A 79 9.87 3.22 -9.67
N ILE A 80 9.56 3.27 -8.37
CA ILE A 80 8.24 2.87 -7.88
C ILE A 80 7.41 4.08 -7.45
N HIS A 81 6.09 4.01 -7.64
CA HIS A 81 5.19 5.11 -7.29
C HIS A 81 3.72 4.75 -7.53
N ILE A 82 2.85 5.18 -6.61
CA ILE A 82 1.42 4.91 -6.73
C ILE A 82 0.72 5.94 -7.61
N THR A 83 1.27 7.16 -7.65
CA THR A 83 0.68 8.24 -8.47
C THR A 83 1.63 8.61 -9.61
N GLU A 84 1.15 9.44 -10.53
CA GLU A 84 1.95 9.88 -11.66
C GLU A 84 2.49 11.30 -11.45
N ALA A 85 2.91 11.59 -10.22
CA ALA A 85 3.45 12.91 -9.88
C ALA A 85 4.86 12.80 -9.31
N LYS A 86 5.04 11.91 -8.32
CA LYS A 86 6.34 11.70 -7.69
C LYS A 86 6.89 10.31 -7.99
N LYS A 87 8.15 10.07 -7.62
CA LYS A 87 8.78 8.78 -7.84
C LYS A 87 9.53 8.30 -6.58
N PHE A 88 9.76 6.99 -6.48
CA PHE A 88 10.46 6.42 -5.33
C PHE A 88 11.47 5.37 -5.77
N ASP A 89 12.52 5.19 -4.96
CA ASP A 89 13.57 4.21 -5.26
C ASP A 89 13.13 2.78 -4.92
N SER A 90 12.19 2.67 -3.97
CA SER A 90 11.69 1.36 -3.56
C SER A 90 10.46 1.49 -2.66
N LEU A 91 9.87 0.35 -2.27
CA LEU A 91 8.69 0.36 -1.41
C LEU A 91 9.01 0.99 -0.05
N LEU A 92 10.20 0.70 0.48
CA LEU A 92 10.63 1.25 1.77
C LEU A 92 10.49 2.77 1.78
N GLU A 93 10.92 3.41 0.70
CA GLU A 93 10.84 4.87 0.57
C GLU A 93 9.39 5.35 0.52
N LEU A 94 8.55 4.60 -0.20
CA LEU A 94 7.13 4.95 -0.35
C LEU A 94 6.39 4.78 0.98
N VAL A 95 6.70 3.69 1.69
CA VAL A 95 6.08 3.42 2.99
C VAL A 95 6.41 4.49 4.01
N GLU A 96 7.70 4.76 4.20
CA GLU A 96 8.14 5.79 5.15
C GLU A 96 7.53 7.15 4.81
N TYR A 97 7.39 7.42 3.51
CA TYR A 97 6.80 8.69 3.05
C TYR A 97 5.39 8.86 3.59
N TYR A 98 4.52 7.87 3.33
CA TYR A 98 3.14 7.92 3.80
C TYR A 98 3.04 7.77 5.31
N GLN A 99 4.06 7.14 5.93
CA GLN A 99 4.07 6.96 7.37
C GLN A 99 4.01 8.31 8.08
N CYS A 100 4.62 9.33 7.46
CA CYS A 100 4.64 10.68 8.02
C CYS A 100 3.72 11.63 7.25
N HIS A 101 3.63 11.44 5.93
CA HIS A 101 2.78 12.31 5.09
C HIS A 101 1.36 11.76 5.00
N SER A 102 0.38 12.67 5.02
CA SER A 102 -1.04 12.29 4.93
C SER A 102 -1.40 11.90 3.50
N LEU A 103 -2.53 11.20 3.36
CA LEU A 103 -3.00 10.77 2.05
C LEU A 103 -3.83 11.86 1.35
N LYS A 104 -3.92 13.03 1.99
CA LYS A 104 -4.68 14.15 1.42
C LYS A 104 -3.95 14.80 0.25
N GLU A 105 -2.62 14.83 0.31
CA GLU A 105 -1.80 15.44 -0.75
C GLU A 105 -2.11 14.80 -2.10
N SER A 106 -2.19 13.47 -2.14
CA SER A 106 -2.47 12.75 -3.37
C SER A 106 -3.98 12.54 -3.54
N PHE A 107 -4.62 11.94 -2.55
CA PHE A 107 -6.05 11.67 -2.60
C PHE A 107 -6.81 12.61 -1.67
N LYS A 108 -7.33 13.70 -2.23
CA LYS A 108 -8.10 14.68 -1.46
C LYS A 108 -9.23 14.01 -0.67
N GLN A 109 -9.76 12.91 -1.21
CA GLN A 109 -10.84 12.17 -0.56
C GLN A 109 -10.38 11.63 0.80
N LEU A 110 -9.10 11.31 0.90
CA LEU A 110 -8.53 10.76 2.15
C LEU A 110 -7.73 11.83 2.90
N ASP A 111 -7.42 11.53 4.16
CA ASP A 111 -6.65 12.45 5.00
C ASP A 111 -6.09 11.73 6.22
N THR A 112 -5.57 10.52 6.01
CA THR A 112 -5.00 9.72 7.09
C THR A 112 -3.59 9.25 6.75
N THR A 113 -2.83 8.89 7.78
CA THR A 113 -1.47 8.41 7.60
C THR A 113 -1.33 6.96 8.06
N LEU A 114 -0.24 6.29 7.67
CA LEU A 114 0.00 4.90 8.04
C LEU A 114 0.21 4.79 9.55
N LYS A 115 -0.85 4.40 10.26
CA LYS A 115 -0.80 4.27 11.72
C LYS A 115 -0.37 2.86 12.16
N TYR A 116 -1.22 1.86 11.89
CA TYR A 116 -0.91 0.48 12.28
C TYR A 116 -1.10 -0.49 11.13
N PRO A 117 -0.29 -1.58 11.10
CA PRO A 117 -0.38 -2.60 10.04
C PRO A 117 -1.63 -3.46 10.19
N TYR A 118 -1.76 -4.48 9.32
CA TYR A 118 -2.92 -5.37 9.36
C TYR A 118 -2.92 -6.24 10.62
N LYS A 119 -1.73 -6.48 11.19
CA LYS A 119 -1.59 -7.29 12.40
C LYS A 119 -1.86 -6.46 13.66
N SER A 120 -1.56 -5.17 13.59
CA SER A 120 -1.74 -4.25 14.72
C SER A 120 -1.05 -4.79 15.99
N ARG A 121 0.28 -4.76 15.96
CA ARG A 121 1.08 -5.23 17.09
C ARG A 121 0.94 -4.29 18.30
N GLU A 122 0.53 -4.85 19.44
CA GLU A 122 0.36 -4.06 20.66
C GLU A 122 0.46 -4.95 21.90
N GLU B 1 -11.53 -9.53 -14.66
CA GLU B 1 -10.50 -8.87 -13.81
C GLU B 1 -10.73 -7.36 -13.72
N GLU B 2 -10.77 -6.86 -12.49
CA GLU B 2 -10.98 -5.43 -12.24
C GLU B 2 -10.12 -4.95 -11.07
N PRO B 3 -9.17 -4.03 -11.32
CA PRO B 3 -8.29 -3.48 -10.29
C PRO B 3 -9.05 -2.89 -9.10
N VAL B 4 -9.96 -1.95 -9.37
CA VAL B 4 -10.76 -1.31 -8.32
C VAL B 4 -9.86 -0.62 -7.28
N GLU B 6 -8.38 3.60 -5.69
CA GLU B 6 -8.73 4.99 -5.47
C GLU B 6 -8.06 5.90 -6.51
N GLU B 7 -8.82 6.86 -7.04
CA GLU B 7 -8.31 7.79 -8.04
C GLU B 7 -7.72 9.04 -7.36
N VAL B 8 -6.58 9.50 -7.87
CA VAL B 8 -5.91 10.68 -7.33
C VAL B 8 -6.73 11.95 -7.57
N GLY B 9 -7.02 12.23 -8.84
CA GLY B 9 -7.79 13.42 -9.19
C GLY B 9 -8.93 13.10 -10.16
N SER A 10 16.93 -20.86 4.60
CA SER A 10 17.62 -20.36 5.82
C SER A 10 17.97 -18.88 5.71
N ARG A 11 18.54 -18.47 4.58
CA ARG A 11 18.91 -17.07 4.36
C ARG A 11 18.42 -16.57 3.00
N PRO A 12 17.98 -15.30 2.93
CA PRO A 12 17.47 -14.71 1.69
C PRO A 12 18.60 -14.39 0.70
N PRO A 13 18.47 -14.85 -0.56
CA PRO A 13 19.48 -14.62 -1.60
C PRO A 13 19.81 -13.14 -1.77
N SER A 14 21.10 -12.82 -1.90
CA SER A 14 21.53 -11.44 -2.08
C SER A 14 21.17 -10.93 -3.48
N ARG A 15 19.91 -10.52 -3.64
CA ARG A 15 19.42 -10.00 -4.91
C ARG A 15 18.52 -8.79 -4.69
N GLU A 16 17.37 -9.01 -4.03
CA GLU A 16 16.42 -7.94 -3.76
C GLU A 16 16.12 -7.85 -2.26
N ILE A 17 15.52 -6.73 -1.85
CA ILE A 17 15.16 -6.52 -0.45
C ILE A 17 13.87 -7.26 -0.09
N ASP A 18 13.96 -8.12 0.93
CA ASP A 18 12.79 -8.90 1.37
C ASP A 18 11.84 -8.03 2.19
N TYR A 19 11.00 -7.27 1.50
CA TYR A 19 10.03 -6.40 2.17
C TYR A 19 8.98 -7.20 2.93
N THR A 20 8.85 -8.48 2.60
CA THR A 20 7.89 -9.37 3.27
C THR A 20 8.16 -9.45 4.78
N ALA A 21 9.43 -9.25 5.16
CA ALA A 21 9.83 -9.30 6.57
C ALA A 21 9.11 -8.23 7.39
N TYR A 22 8.74 -7.12 6.74
CA TYR A 22 8.05 -6.02 7.42
C TYR A 22 6.67 -6.48 7.91
N PRO A 23 6.18 -5.88 9.02
CA PRO A 23 4.88 -6.23 9.60
C PRO A 23 3.70 -5.73 8.75
N TRP A 24 3.93 -4.65 7.99
CA TRP A 24 2.88 -4.08 7.14
C TRP A 24 2.79 -4.77 5.78
N PHE A 25 3.88 -5.44 5.38
CA PHE A 25 3.91 -6.13 4.09
C PHE A 25 3.18 -7.47 4.17
N ALA A 26 2.26 -7.68 3.23
CA ALA A 26 1.49 -8.92 3.16
C ALA A 26 1.66 -9.59 1.80
N GLY A 27 1.36 -10.89 1.76
CA GLY A 27 1.49 -11.64 0.51
C GLY A 27 0.34 -11.36 -0.46
N ASN A 28 -0.07 -12.39 -1.19
CA ASN A 28 -1.16 -12.24 -2.15
C ASN A 28 -2.51 -12.27 -1.44
N MET A 29 -2.91 -11.12 -0.90
CA MET A 29 -4.18 -11.00 -0.19
C MET A 29 -5.33 -10.71 -1.16
N GLU A 30 -6.46 -11.38 -0.94
CA GLU A 30 -7.65 -11.19 -1.79
C GLU A 30 -8.39 -9.90 -1.45
N ARG A 31 -9.25 -9.46 -2.36
CA ARG A 31 -10.05 -8.25 -2.16
C ARG A 31 -11.06 -8.46 -1.03
N GLN A 32 -11.83 -9.55 -1.12
CA GLN A 32 -12.84 -9.88 -0.12
C GLN A 32 -12.20 -10.11 1.25
N GLN A 33 -10.98 -10.64 1.25
CA GLN A 33 -10.25 -10.91 2.48
C GLN A 33 -9.76 -9.62 3.11
N THR A 34 -8.97 -8.86 2.36
CA THR A 34 -8.41 -7.59 2.83
C THR A 34 -9.51 -6.68 3.37
N ASP A 35 -10.66 -6.66 2.67
CA ASP A 35 -11.79 -5.83 3.09
C ASP A 35 -12.35 -6.30 4.44
N ASN A 36 -12.50 -7.61 4.58
CA ASN A 36 -13.02 -8.20 5.82
C ASN A 36 -12.02 -8.07 6.97
N LEU A 37 -10.73 -8.20 6.65
CA LEU A 37 -9.67 -8.10 7.66
C LEU A 37 -9.67 -6.71 8.30
N LEU A 38 -9.68 -5.68 7.47
CA LEU A 38 -9.69 -4.31 7.96
C LEU A 38 -11.07 -3.88 8.45
N LYS A 39 -12.11 -4.64 8.05
CA LYS A 39 -13.47 -4.33 8.47
C LYS A 39 -13.58 -4.27 10.00
N SER A 40 -12.83 -5.13 10.68
CA SER A 40 -12.83 -5.18 12.14
C SER A 40 -11.76 -4.24 12.74
N HIS A 41 -10.69 -3.99 11.99
CA HIS A 41 -9.60 -3.12 12.45
C HIS A 41 -10.07 -1.68 12.68
N ALA A 42 -9.24 -0.89 13.37
CA ALA A 42 -9.56 0.50 13.66
C ALA A 42 -9.35 1.39 12.43
N SER A 43 -9.45 2.71 12.62
CA SER A 43 -9.27 3.66 11.52
C SER A 43 -7.80 4.08 11.35
N GLY A 44 -6.87 3.20 11.75
CA GLY A 44 -5.45 3.50 11.60
C GLY A 44 -4.63 2.27 11.24
N THR A 45 -5.28 1.29 10.63
CA THR A 45 -4.62 0.04 10.22
C THR A 45 -4.32 0.05 8.73
N TYR A 46 -3.06 -0.18 8.38
CA TYR A 46 -2.65 -0.20 6.97
C TYR A 46 -1.95 -1.51 6.61
N LEU A 47 -1.91 -1.82 5.30
CA LEU A 47 -1.28 -3.05 4.81
C LEU A 47 -1.07 -3.00 3.29
N ILE A 48 -0.11 -3.78 2.80
CA ILE A 48 0.18 -3.83 1.38
C ILE A 48 0.17 -5.27 0.87
N ARG A 49 -0.73 -5.55 -0.08
CA ARG A 49 -0.85 -6.89 -0.66
C ARG A 49 -0.27 -6.93 -2.08
N GLU A 50 0.10 -8.13 -2.52
CA GLU A 50 0.66 -8.34 -3.85
C GLU A 50 -0.37 -8.96 -4.78
N ARG A 51 -0.62 -8.29 -5.91
CA ARG A 51 -1.58 -8.78 -6.89
C ARG A 51 -1.01 -8.70 -8.31
N PRO A 52 -1.23 -9.74 -9.13
CA PRO A 52 -0.74 -9.79 -10.51
C PRO A 52 -1.55 -8.93 -11.47
N ALA A 53 -1.13 -7.68 -11.65
CA ALA A 53 -1.84 -6.75 -12.55
C ALA A 53 -0.98 -6.45 -13.79
N GLU A 54 -1.61 -5.85 -14.80
CA GLU A 54 -0.91 -5.52 -16.04
C GLU A 54 0.03 -4.33 -15.84
N ALA A 55 -0.55 -3.17 -15.52
CA ALA A 55 0.24 -1.96 -15.30
C ALA A 55 0.74 -1.89 -13.87
N GLU A 56 -0.06 -2.37 -12.93
CA GLU A 56 0.29 -2.35 -11.51
C GLU A 56 0.91 -3.68 -11.08
N ARG A 57 1.78 -3.62 -10.07
CA ARG A 57 2.44 -4.81 -9.54
C ARG A 57 2.07 -5.05 -8.07
N PHE A 58 1.87 -3.95 -7.32
CA PHE A 58 1.52 -4.04 -5.89
C PHE A 58 0.23 -3.28 -5.59
N ALA A 59 -0.31 -3.48 -4.40
CA ALA A 59 -1.54 -2.81 -3.97
C ALA A 59 -1.54 -2.50 -2.47
N ILE A 60 -2.02 -1.30 -2.13
CA ILE A 60 -2.08 -0.87 -0.72
C ILE A 60 -3.52 -0.68 -0.25
N SER A 61 -3.78 -1.02 1.01
CA SER A 61 -5.13 -0.88 1.58
C SER A 61 -5.06 -0.34 3.01
N ILE A 62 -5.86 0.69 3.29
CA ILE A 62 -5.89 1.30 4.62
C ILE A 62 -7.32 1.71 5.02
N LYS A 63 -7.60 1.65 6.32
CA LYS A 63 -8.92 2.01 6.84
C LYS A 63 -8.96 3.46 7.31
N PHE A 64 -9.92 4.22 6.80
CA PHE A 64 -10.08 5.63 7.16
C PHE A 64 -11.56 6.01 7.20
N ASN A 65 -11.99 6.51 8.36
CA ASN A 65 -13.39 6.93 8.55
C ASN A 65 -14.35 5.76 8.25
N ASP A 66 -14.01 4.59 8.79
CA ASP A 66 -14.82 3.38 8.59
C ASP A 66 -14.96 3.02 7.11
N GLU A 67 -13.89 3.24 6.35
CA GLU A 67 -13.88 2.94 4.92
C GLU A 67 -12.53 2.36 4.50
N VAL A 68 -12.56 1.19 3.86
CA VAL A 68 -11.34 0.53 3.40
C VAL A 68 -10.99 0.96 1.97
N LYS A 69 -10.05 1.89 1.84
CA LYS A 69 -9.64 2.39 0.53
C LYS A 69 -8.45 1.60 -0.01
N HIS A 70 -8.37 1.48 -1.33
CA HIS A 70 -7.27 0.74 -1.98
C HIS A 70 -6.46 1.64 -2.90
N ILE A 71 -5.14 1.51 -2.85
CA ILE A 71 -4.24 2.31 -3.69
C ILE A 71 -3.32 1.41 -4.52
N LYS A 72 -3.57 1.37 -5.83
CA LYS A 72 -2.75 0.54 -6.74
C LYS A 72 -1.35 1.11 -6.91
N VAL A 73 -0.35 0.23 -7.08
CA VAL A 73 1.04 0.64 -7.24
C VAL A 73 1.53 0.39 -8.67
N VAL A 74 2.21 1.40 -9.25
CA VAL A 74 2.75 1.30 -10.60
C VAL A 74 4.27 1.43 -10.61
N GLU A 75 4.95 0.42 -11.14
CA GLU A 75 6.41 0.42 -11.22
C GLU A 75 6.88 0.16 -12.65
N LYS A 76 7.38 1.21 -13.32
CA LYS A 76 7.85 1.09 -14.71
C LYS A 76 9.33 1.47 -14.81
N ASP A 77 10.03 0.83 -15.75
CA ASP A 77 11.45 1.08 -15.98
C ASP A 77 12.28 0.73 -14.75
N ASN A 78 12.30 1.64 -13.79
CA ASN A 78 13.04 1.44 -12.55
C ASN A 78 12.58 2.44 -11.48
N TRP A 79 11.31 2.84 -11.53
CA TRP A 79 10.76 3.77 -10.57
C TRP A 79 9.36 3.36 -10.13
N ILE A 80 9.18 3.20 -8.82
CA ILE A 80 7.89 2.81 -8.25
C ILE A 80 7.08 4.03 -7.82
N HIS A 81 5.77 3.97 -8.02
CA HIS A 81 4.89 5.08 -7.67
C HIS A 81 3.41 4.67 -7.70
N ILE A 82 2.61 5.27 -6.82
CA ILE A 82 1.18 4.97 -6.76
C ILE A 82 0.37 5.95 -7.62
N THR A 83 0.90 7.16 -7.81
CA THR A 83 0.25 8.18 -8.61
C THR A 83 0.80 8.17 -10.05
N GLU A 84 0.56 9.24 -10.80
CA GLU A 84 1.04 9.34 -12.16
C GLU A 84 1.78 10.68 -12.38
N ALA A 85 2.79 10.93 -11.55
CA ALA A 85 3.56 12.15 -11.65
C ALA A 85 4.96 12.00 -11.04
N LYS A 86 5.01 11.71 -9.74
CA LYS A 86 6.28 11.53 -9.03
C LYS A 86 6.83 10.11 -9.20
N LYS A 87 8.11 9.93 -8.91
CA LYS A 87 8.76 8.63 -9.02
C LYS A 87 9.63 8.33 -7.80
N PHE A 88 9.56 7.09 -7.30
CA PHE A 88 10.33 6.68 -6.15
C PHE A 88 11.34 5.59 -6.52
N ASP A 89 12.42 5.50 -5.73
CA ASP A 89 13.47 4.50 -5.99
C ASP A 89 13.07 3.11 -5.49
N SER A 90 12.04 3.03 -4.64
CA SER A 90 11.57 1.74 -4.12
C SER A 90 10.35 1.93 -3.21
N LEU A 91 9.75 0.82 -2.79
CA LEU A 91 8.57 0.86 -1.93
C LEU A 91 8.87 1.60 -0.63
N LEU A 92 10.07 1.39 -0.07
CA LEU A 92 10.47 2.05 1.16
C LEU A 92 10.35 3.57 1.04
N GLU A 93 10.86 4.12 -0.06
CA GLU A 93 10.80 5.56 -0.30
C GLU A 93 9.34 6.03 -0.36
N LEU A 94 8.49 5.26 -1.03
CA LEU A 94 7.08 5.60 -1.15
C LEU A 94 6.38 5.52 0.20
N VAL A 95 6.59 4.42 0.93
CA VAL A 95 5.97 4.24 2.24
C VAL A 95 6.47 5.26 3.24
N GLU A 96 7.79 5.47 3.28
CA GLU A 96 8.39 6.43 4.21
C GLU A 96 7.79 7.82 4.01
N TYR A 97 7.59 8.21 2.74
CA TYR A 97 7.02 9.52 2.42
C TYR A 97 5.62 9.67 3.04
N TYR A 98 4.79 8.63 2.86
CA TYR A 98 3.43 8.65 3.40
C TYR A 98 3.40 8.38 4.90
N GLN A 99 4.45 7.74 5.41
CA GLN A 99 4.54 7.44 6.84
C GLN A 99 4.49 8.74 7.65
N CYS A 100 5.06 9.81 7.08
CA CYS A 100 5.08 11.11 7.74
C CYS A 100 4.10 12.08 7.10
N HIS A 101 3.94 12.01 5.77
CA HIS A 101 3.04 12.91 5.06
C HIS A 101 1.65 12.29 4.90
N SER A 102 0.61 13.11 5.05
CA SER A 102 -0.77 12.65 4.93
C SER A 102 -1.11 12.29 3.48
N LEU A 103 -1.98 11.30 3.32
CA LEU A 103 -2.40 10.86 1.98
C LEU A 103 -3.24 11.93 1.28
N LYS A 104 -3.80 12.87 2.05
CA LYS A 104 -4.62 13.95 1.50
C LYS A 104 -3.87 14.71 0.39
N GLU A 105 -2.55 14.79 0.52
CA GLU A 105 -1.73 15.50 -0.46
C GLU A 105 -1.99 14.98 -1.88
N SER A 106 -2.02 13.65 -2.04
CA SER A 106 -2.26 13.05 -3.34
C SER A 106 -3.73 12.68 -3.51
N PHE A 107 -4.28 11.99 -2.52
CA PHE A 107 -5.69 11.57 -2.56
C PHE A 107 -6.53 12.44 -1.62
N LYS A 108 -7.24 13.40 -2.21
CA LYS A 108 -8.09 14.30 -1.42
C LYS A 108 -9.08 13.53 -0.55
N GLN A 109 -9.56 12.40 -1.07
CA GLN A 109 -10.52 11.56 -0.34
C GLN A 109 -9.92 11.02 0.96
N LEU A 110 -8.60 10.81 0.97
CA LEU A 110 -7.90 10.30 2.14
C LEU A 110 -7.30 11.43 2.97
N ASP A 111 -7.13 11.19 4.27
CA ASP A 111 -6.54 12.19 5.17
C ASP A 111 -5.95 11.52 6.41
N THR A 112 -5.28 10.38 6.20
CA THR A 112 -4.67 9.63 7.28
C THR A 112 -3.28 9.12 6.87
N THR A 113 -2.51 8.69 7.86
CA THR A 113 -1.16 8.17 7.61
C THR A 113 -0.99 6.78 8.21
N LEU A 114 0.08 6.09 7.82
CA LEU A 114 0.36 4.74 8.31
C LEU A 114 0.65 4.75 9.80
N LYS A 115 -0.31 4.25 10.60
CA LYS A 115 -0.16 4.22 12.06
C LYS A 115 0.21 2.82 12.54
N TYR A 116 -0.63 1.82 12.23
CA TYR A 116 -0.38 0.45 12.67
C TYR A 116 -0.60 -0.55 11.54
N PRO A 117 0.28 -1.57 11.43
CA PRO A 117 0.17 -2.61 10.40
C PRO A 117 -1.05 -3.50 10.61
N TYR A 118 -1.16 -4.56 9.82
CA TYR A 118 -2.29 -5.49 9.92
C TYR A 118 -1.99 -6.65 10.88
N LYS A 119 -0.72 -7.03 11.00
CA LYS A 119 -0.33 -8.13 11.87
C LYS A 119 -0.20 -7.67 13.34
N SER A 120 0.03 -6.36 13.54
CA SER A 120 0.18 -5.82 14.89
C SER A 120 -1.02 -6.13 15.79
N ARG A 121 -2.19 -5.58 15.45
CA ARG A 121 -3.40 -5.81 16.24
C ARG A 121 -3.89 -7.26 16.11
N GLU A 122 -3.83 -7.99 17.22
CA GLU A 122 -4.26 -9.38 17.24
C GLU A 122 -5.53 -9.55 18.08
N GLU B 1 -15.46 -9.62 -10.86
CA GLU B 1 -14.32 -8.81 -10.36
C GLU B 1 -14.20 -7.50 -11.15
N GLU B 2 -14.35 -6.37 -10.46
CA GLU B 2 -14.25 -5.07 -11.09
C GLU B 2 -13.46 -4.10 -10.20
N PRO B 3 -12.12 -4.07 -10.35
CA PRO B 3 -11.24 -3.20 -9.56
C PRO B 3 -11.60 -1.72 -9.70
N VAL B 4 -11.42 -0.97 -8.61
CA VAL B 4 -11.73 0.47 -8.60
C VAL B 4 -10.57 1.28 -8.01
N GLU B 6 -8.53 3.87 -5.23
CA GLU B 6 -8.74 5.27 -4.92
C GLU B 6 -8.46 6.16 -6.13
N GLU B 7 -8.72 7.47 -5.98
CA GLU B 7 -8.49 8.41 -7.07
C GLU B 7 -7.69 9.62 -6.59
N VAL B 8 -6.69 10.01 -7.38
CA VAL B 8 -5.85 11.15 -7.03
C VAL B 8 -6.68 12.43 -6.92
N GLY B 9 -7.36 12.81 -7.99
CA GLY B 9 -8.18 14.01 -7.97
C GLY B 9 -8.60 14.48 -9.35
N SER A 10 25.12 -8.28 -15.66
CA SER A 10 26.20 -7.39 -15.16
C SER A 10 26.95 -8.03 -13.99
N ARG A 11 28.10 -7.45 -13.65
CA ARG A 11 28.93 -7.97 -12.56
C ARG A 11 28.24 -7.80 -11.20
N PRO A 12 27.77 -6.59 -10.86
CA PRO A 12 27.10 -6.32 -9.58
C PRO A 12 25.79 -7.10 -9.45
N PRO A 13 25.74 -8.07 -8.51
CA PRO A 13 24.54 -8.90 -8.28
C PRO A 13 23.31 -8.07 -7.93
N SER A 14 22.22 -8.31 -8.65
CA SER A 14 20.97 -7.58 -8.42
C SER A 14 19.87 -8.54 -7.98
N ARG A 15 19.61 -8.59 -6.67
CA ARG A 15 18.57 -9.47 -6.12
C ARG A 15 17.51 -8.66 -5.39
N GLU A 16 16.29 -9.19 -5.34
CA GLU A 16 15.18 -8.53 -4.66
C GLU A 16 15.33 -8.64 -3.13
N ILE A 17 14.41 -8.01 -2.41
CA ILE A 17 14.42 -8.02 -0.95
C ILE A 17 13.13 -8.61 -0.40
N ASP A 18 13.25 -9.52 0.57
CA ASP A 18 12.08 -10.15 1.17
C ASP A 18 11.36 -9.19 2.11
N TYR A 19 10.62 -8.25 1.52
CA TYR A 19 9.86 -7.26 2.29
C TYR A 19 8.83 -7.93 3.20
N THR A 20 8.45 -9.18 2.87
CA THR A 20 7.49 -9.93 3.68
C THR A 20 7.95 -10.03 5.12
N ALA A 21 9.27 -10.09 5.33
CA ALA A 21 9.85 -10.19 6.67
C ALA A 21 9.37 -9.03 7.55
N TYR A 22 9.11 -7.87 6.92
CA TYR A 22 8.64 -6.70 7.64
C TYR A 22 7.11 -6.71 7.72
N PRO A 23 6.53 -6.11 8.78
CA PRO A 23 5.07 -6.05 8.96
C PRO A 23 4.35 -5.35 7.81
N TRP A 24 3.03 -5.14 7.97
CA TRP A 24 2.20 -4.48 6.95
C TRP A 24 2.49 -5.00 5.54
N PHE A 25 2.95 -6.25 5.43
CA PHE A 25 3.25 -6.85 4.14
C PHE A 25 2.61 -8.24 4.02
N ALA A 26 1.62 -8.36 3.14
CA ALA A 26 0.93 -9.62 2.93
C ALA A 26 1.18 -10.14 1.52
N GLY A 27 1.20 -11.47 1.38
CA GLY A 27 1.43 -12.08 0.08
C GLY A 27 0.22 -11.99 -0.83
N ASN A 28 -0.05 -13.07 -1.56
CA ASN A 28 -1.20 -13.11 -2.47
C ASN A 28 -2.49 -13.30 -1.69
N MET A 29 -2.98 -12.20 -1.11
CA MET A 29 -4.21 -12.23 -0.31
C MET A 29 -5.45 -12.00 -1.20
N GLU A 30 -6.63 -12.25 -0.64
CA GLU A 30 -7.88 -12.08 -1.36
C GLU A 30 -8.52 -10.73 -1.04
N ARG A 31 -9.20 -10.15 -2.05
CA ARG A 31 -9.87 -8.86 -1.88
C ARG A 31 -10.99 -8.96 -0.85
N GLN A 32 -11.84 -9.98 -1.01
CA GLN A 32 -12.96 -10.20 -0.09
C GLN A 32 -12.47 -10.34 1.36
N GLN A 33 -11.30 -10.95 1.54
CA GLN A 33 -10.73 -11.14 2.87
C GLN A 33 -10.22 -9.82 3.43
N THR A 34 -9.29 -9.20 2.70
CA THR A 34 -8.71 -7.92 3.12
C THR A 34 -9.79 -6.92 3.52
N ASP A 35 -10.91 -6.93 2.80
CA ASP A 35 -12.03 -6.03 3.09
C ASP A 35 -12.62 -6.32 4.47
N ASN A 36 -12.83 -7.61 4.77
CA ASN A 36 -13.39 -8.03 6.06
C ASN A 36 -12.37 -7.85 7.19
N LEU A 37 -11.10 -8.17 6.89
CA LEU A 37 -10.03 -8.05 7.89
C LEU A 37 -9.90 -6.60 8.37
N LEU A 38 -9.89 -5.66 7.43
CA LEU A 38 -9.77 -4.25 7.77
C LEU A 38 -11.08 -3.67 8.29
N LYS A 39 -12.20 -4.29 7.93
CA LYS A 39 -13.51 -3.82 8.38
C LYS A 39 -13.59 -3.75 9.91
N SER A 40 -12.88 -4.65 10.58
CA SER A 40 -12.88 -4.69 12.05
C SER A 40 -11.53 -4.23 12.63
N HIS A 41 -10.81 -3.36 11.90
CA HIS A 41 -9.52 -2.86 12.36
C HIS A 41 -9.54 -1.37 12.69
N ALA A 42 -10.75 -0.81 12.74
CA ALA A 42 -10.93 0.61 13.04
C ALA A 42 -10.30 1.50 11.97
N SER A 43 -10.17 2.79 12.27
CA SER A 43 -9.58 3.74 11.34
C SER A 43 -8.08 3.86 11.54
N GLY A 44 -7.38 4.28 10.49
CA GLY A 44 -5.94 4.42 10.57
C GLY A 44 -5.20 3.11 10.31
N THR A 45 -5.90 2.14 9.71
CA THR A 45 -5.31 0.83 9.42
C THR A 45 -4.85 0.79 7.96
N TYR A 46 -3.65 0.24 7.74
CA TYR A 46 -3.09 0.13 6.39
C TYR A 46 -2.43 -1.22 6.16
N LEU A 47 -2.24 -1.56 4.88
CA LEU A 47 -1.60 -2.83 4.51
C LEU A 47 -1.25 -2.85 3.02
N ILE A 48 -0.21 -3.60 2.68
CA ILE A 48 0.23 -3.73 1.30
C ILE A 48 0.35 -5.20 0.89
N ARG A 49 -0.39 -5.58 -0.15
CA ARG A 49 -0.38 -6.96 -0.64
C ARG A 49 0.11 -7.02 -2.09
N GLU A 50 0.63 -8.20 -2.49
CA GLU A 50 1.13 -8.40 -3.84
C GLU A 50 0.04 -8.97 -4.76
N ARG A 51 0.08 -8.58 -6.03
CA ARG A 51 -0.89 -9.06 -7.02
C ARG A 51 -0.22 -9.33 -8.37
N PRO A 52 -0.54 -10.47 -9.00
CA PRO A 52 0.02 -10.86 -10.30
C PRO A 52 -0.54 -10.02 -11.45
N ALA A 53 0.31 -9.19 -12.06
CA ALA A 53 -0.10 -8.34 -13.17
C ALA A 53 1.11 -7.78 -13.93
N GLU A 54 0.85 -6.96 -14.95
CA GLU A 54 1.90 -6.35 -15.75
C GLU A 54 2.18 -4.91 -15.32
N ALA A 55 1.17 -4.04 -15.47
CA ALA A 55 1.31 -2.63 -15.09
C ALA A 55 1.40 -2.48 -13.58
N GLU A 56 0.50 -3.14 -12.86
CA GLU A 56 0.46 -3.09 -11.40
C GLU A 56 1.37 -4.16 -10.80
N ARG A 57 2.12 -3.78 -9.77
CA ARG A 57 3.02 -4.71 -9.09
C ARG A 57 2.52 -5.04 -7.69
N PHE A 58 2.01 -4.03 -6.99
CA PHE A 58 1.49 -4.22 -5.63
C PHE A 58 0.17 -3.49 -5.42
N ALA A 59 -0.49 -3.75 -4.29
CA ALA A 59 -1.76 -3.12 -3.96
C ALA A 59 -1.83 -2.71 -2.49
N ILE A 60 -2.22 -1.46 -2.25
CA ILE A 60 -2.32 -0.93 -0.89
C ILE A 60 -3.78 -0.75 -0.46
N SER A 61 -4.05 -0.99 0.82
CA SER A 61 -5.40 -0.86 1.36
C SER A 61 -5.38 -0.14 2.71
N ILE A 62 -6.09 0.99 2.80
CA ILE A 62 -6.15 1.77 4.04
C ILE A 62 -7.60 2.00 4.49
N LYS A 63 -7.82 1.92 5.80
CA LYS A 63 -9.14 2.11 6.38
C LYS A 63 -9.31 3.54 6.91
N PHE A 64 -10.31 4.26 6.37
CA PHE A 64 -10.57 5.63 6.80
C PHE A 64 -12.07 5.96 6.67
N ASN A 65 -12.62 6.59 7.71
CA ASN A 65 -14.03 6.96 7.73
C ASN A 65 -14.92 5.72 7.55
N ASP A 66 -14.58 4.65 8.26
CA ASP A 66 -15.31 3.39 8.19
C ASP A 66 -15.42 2.88 6.76
N GLU A 67 -14.41 3.18 5.94
CA GLU A 67 -14.38 2.76 4.54
C GLU A 67 -13.00 2.23 4.17
N VAL A 68 -12.97 1.01 3.60
CA VAL A 68 -11.71 0.39 3.20
C VAL A 68 -11.30 0.84 1.80
N LYS A 69 -10.36 1.78 1.72
CA LYS A 69 -9.88 2.30 0.44
C LYS A 69 -8.69 1.48 -0.07
N HIS A 70 -8.43 1.58 -1.38
CA HIS A 70 -7.34 0.85 -2.01
C HIS A 70 -6.57 1.74 -2.99
N ILE A 71 -5.24 1.60 -2.99
CA ILE A 71 -4.39 2.38 -3.89
C ILE A 71 -3.47 1.46 -4.69
N LYS A 72 -3.65 1.42 -6.01
CA LYS A 72 -2.85 0.57 -6.88
C LYS A 72 -1.39 1.06 -6.94
N VAL A 73 -0.46 0.10 -6.89
CA VAL A 73 0.97 0.41 -6.93
C VAL A 73 1.56 0.12 -8.32
N VAL A 74 2.09 1.16 -8.96
CA VAL A 74 2.68 1.03 -10.28
C VAL A 74 4.20 1.22 -10.24
N GLU A 75 4.94 0.27 -10.81
CA GLU A 75 6.40 0.33 -10.84
C GLU A 75 6.92 0.31 -12.27
N LYS A 76 7.75 1.29 -12.62
CA LYS A 76 8.32 1.40 -13.98
C LYS A 76 9.62 2.19 -13.96
N ASP A 77 10.48 1.95 -14.96
CA ASP A 77 11.76 2.65 -15.07
C ASP A 77 12.63 2.39 -13.84
N ASN A 78 12.46 1.22 -13.22
CA ASN A 78 13.20 0.84 -12.02
C ASN A 78 12.79 1.72 -10.83
N TRP A 79 11.60 2.33 -10.91
CA TRP A 79 11.10 3.18 -9.83
C TRP A 79 9.70 2.75 -9.42
N ILE A 80 9.38 2.95 -8.13
CA ILE A 80 8.07 2.59 -7.59
C ILE A 80 7.27 3.83 -7.18
N HIS A 81 5.95 3.76 -7.33
CA HIS A 81 5.09 4.90 -6.97
C HIS A 81 3.61 4.54 -7.10
N ILE A 82 2.79 5.10 -6.21
CA ILE A 82 1.35 4.86 -6.22
C ILE A 82 0.61 5.90 -7.08
N THR A 83 1.17 7.10 -7.18
CA THR A 83 0.57 8.18 -7.98
C THR A 83 1.46 8.55 -9.16
N GLU A 84 1.05 9.56 -9.93
CA GLU A 84 1.82 10.02 -11.08
C GLU A 84 2.41 11.41 -10.83
N ALA A 85 2.71 11.72 -9.58
CA ALA A 85 3.28 13.02 -9.22
C ALA A 85 4.75 12.89 -8.81
N LYS A 86 5.05 11.90 -7.97
CA LYS A 86 6.42 11.67 -7.50
C LYS A 86 6.84 10.21 -7.71
N LYS A 87 8.12 9.93 -7.48
CA LYS A 87 8.68 8.57 -7.65
C LYS A 87 9.44 8.14 -6.40
N PHE A 88 9.51 6.83 -6.18
CA PHE A 88 10.22 6.27 -5.02
C PHE A 88 11.18 5.17 -5.45
N ASP A 89 12.24 4.97 -4.66
CA ASP A 89 13.25 3.96 -4.94
C ASP A 89 12.75 2.56 -4.57
N SER A 90 11.80 2.49 -3.63
CA SER A 90 11.25 1.21 -3.19
C SER A 90 9.99 1.43 -2.36
N LEU A 91 9.28 0.33 -2.06
CA LEU A 91 8.06 0.41 -1.27
C LEU A 91 8.34 1.00 0.11
N LEU A 92 9.47 0.62 0.70
CA LEU A 92 9.87 1.12 2.02
C LEU A 92 9.90 2.65 2.03
N GLU A 93 10.55 3.24 1.02
CA GLU A 93 10.64 4.70 0.91
C GLU A 93 9.25 5.32 0.84
N LEU A 94 8.39 4.76 -0.01
CA LEU A 94 7.02 5.25 -0.16
C LEU A 94 6.27 5.18 1.16
N VAL A 95 6.32 4.03 1.82
CA VAL A 95 5.64 3.83 3.10
C VAL A 95 6.16 4.81 4.16
N GLU A 96 7.48 4.90 4.29
CA GLU A 96 8.11 5.80 5.26
C GLU A 96 7.74 7.26 4.97
N TYR A 97 7.86 7.66 3.70
CA TYR A 97 7.53 9.03 3.29
C TYR A 97 6.06 9.34 3.56
N TYR A 98 5.18 8.44 3.12
CA TYR A 98 3.74 8.62 3.31
C TYR A 98 3.34 8.42 4.77
N GLN A 99 4.19 7.76 5.56
CA GLN A 99 3.90 7.53 6.98
C GLN A 99 3.79 8.86 7.71
N CYS A 100 4.59 9.84 7.28
CA CYS A 100 4.59 11.17 7.89
C CYS A 100 3.69 12.14 7.13
N HIS A 101 3.70 12.06 5.79
CA HIS A 101 2.88 12.94 4.96
C HIS A 101 1.44 12.42 4.87
N SER A 102 0.48 13.35 4.73
CA SER A 102 -0.93 12.99 4.65
C SER A 102 -1.31 12.58 3.22
N LEU A 103 -2.19 11.59 3.12
CA LEU A 103 -2.65 11.11 1.81
C LEU A 103 -3.42 12.19 1.05
N LYS A 104 -3.98 13.17 1.79
CA LYS A 104 -4.73 14.25 1.17
C LYS A 104 -3.93 14.96 0.07
N GLU A 105 -2.61 14.99 0.23
CA GLU A 105 -1.73 15.63 -0.75
C GLU A 105 -1.93 15.03 -2.13
N SER A 106 -1.94 13.70 -2.20
CA SER A 106 -2.13 13.00 -3.47
C SER A 106 -3.61 12.77 -3.75
N PHE A 107 -4.28 12.04 -2.86
CA PHE A 107 -5.71 11.76 -3.00
C PHE A 107 -6.52 12.66 -2.08
N LYS A 108 -7.07 13.75 -2.63
CA LYS A 108 -7.88 14.68 -1.85
C LYS A 108 -9.07 13.98 -1.19
N GLN A 109 -9.60 12.95 -1.86
CA GLN A 109 -10.74 12.19 -1.33
C GLN A 109 -10.42 11.58 0.05
N LEU A 110 -9.14 11.27 0.27
CA LEU A 110 -8.71 10.68 1.54
C LEU A 110 -7.82 11.66 2.32
N ASP A 111 -8.01 11.70 3.64
CA ASP A 111 -7.23 12.60 4.49
C ASP A 111 -6.80 11.89 5.77
N THR A 112 -5.88 10.95 5.64
CA THR A 112 -5.37 10.19 6.79
C THR A 112 -3.92 9.72 6.55
N THR A 113 -3.39 8.94 7.49
CA THR A 113 -2.02 8.42 7.41
C THR A 113 -1.94 6.98 7.94
N LEU A 114 -0.78 6.34 7.75
CA LEU A 114 -0.58 4.96 8.20
C LEU A 114 -0.32 4.92 9.71
N LYS A 115 -0.94 3.95 10.39
CA LYS A 115 -0.78 3.79 11.84
C LYS A 115 -0.66 2.32 12.24
N TYR A 116 -1.72 1.54 11.97
CA TYR A 116 -1.73 0.12 12.31
C TYR A 116 -1.82 -0.76 11.06
N PRO A 117 -1.08 -1.89 11.04
CA PRO A 117 -1.07 -2.81 9.89
C PRO A 117 -2.33 -3.68 9.84
N TYR A 118 -2.34 -4.63 8.91
CA TYR A 118 -3.48 -5.53 8.75
C TYR A 118 -3.58 -6.55 9.91
N LYS A 119 -2.44 -6.87 10.54
CA LYS A 119 -2.44 -7.82 11.64
C LYS A 119 -1.84 -7.20 12.91
N SER A 120 -0.55 -6.84 12.84
CA SER A 120 0.15 -6.24 13.98
C SER A 120 1.60 -5.94 13.61
N ARG A 121 2.07 -4.75 13.96
CA ARG A 121 3.44 -4.34 13.66
C ARG A 121 4.39 -4.74 14.79
N GLU A 122 5.57 -5.24 14.41
CA GLU A 122 6.58 -5.65 15.38
C GLU A 122 7.54 -4.52 15.69
N GLU B 1 -15.40 -9.03 -9.36
CA GLU B 1 -14.57 -8.22 -8.43
C GLU B 1 -14.07 -6.95 -9.11
N GLU B 2 -14.79 -5.85 -8.91
CA GLU B 2 -14.40 -4.57 -9.52
C GLU B 2 -13.33 -3.88 -8.66
N PRO B 3 -12.09 -3.79 -9.18
CA PRO B 3 -10.97 -3.17 -8.46
C PRO B 3 -11.21 -1.68 -8.17
N VAL B 4 -11.41 -0.90 -9.22
CA VAL B 4 -11.66 0.55 -9.11
C VAL B 4 -10.46 1.30 -8.51
N GLU B 6 -8.61 3.95 -5.53
CA GLU B 6 -8.69 5.40 -5.38
C GLU B 6 -7.97 6.10 -6.53
N GLU B 7 -8.64 7.10 -7.10
CA GLU B 7 -8.08 7.85 -8.22
C GLU B 7 -7.43 9.16 -7.73
N VAL B 8 -6.20 9.40 -8.20
CA VAL B 8 -5.46 10.60 -7.81
C VAL B 8 -5.90 11.81 -8.65
N GLY B 9 -7.12 12.27 -8.41
CA GLY B 9 -7.66 13.41 -9.15
C GLY B 9 -9.18 13.44 -9.13
N SER A 10 10.65 -7.53 -10.77
CA SER A 10 10.74 -8.24 -9.46
C SER A 10 12.18 -8.67 -9.16
N ARG A 11 12.47 -8.91 -7.89
CA ARG A 11 13.81 -9.32 -7.45
C ARG A 11 14.84 -8.23 -7.75
N PRO A 12 15.06 -7.31 -6.78
CA PRO A 12 16.01 -6.21 -6.94
C PRO A 12 17.39 -6.68 -7.42
N PRO A 13 17.89 -6.10 -8.53
CA PRO A 13 19.20 -6.47 -9.10
C PRO A 13 20.33 -6.38 -8.06
N SER A 14 20.97 -7.51 -7.81
CA SER A 14 22.08 -7.59 -6.85
C SER A 14 21.57 -7.53 -5.41
N ARG A 15 20.91 -6.43 -5.05
CA ARG A 15 20.37 -6.25 -3.70
C ARG A 15 19.35 -7.33 -3.36
N GLU A 16 19.26 -7.68 -2.08
CA GLU A 16 18.32 -8.70 -1.62
C GLU A 16 17.65 -8.27 -0.32
N ILE A 17 16.52 -7.57 -0.44
CA ILE A 17 15.79 -7.10 0.73
C ILE A 17 14.44 -7.79 0.85
N ASP A 18 14.20 -8.41 2.02
CA ASP A 18 12.94 -9.11 2.26
C ASP A 18 11.94 -8.18 2.95
N TYR A 19 11.01 -7.63 2.18
CA TYR A 19 9.99 -6.74 2.72
C TYR A 19 9.08 -7.46 3.72
N THR A 20 8.95 -8.78 3.56
CA THR A 20 8.12 -9.59 4.46
C THR A 20 8.69 -9.57 5.87
N ALA A 21 10.00 -9.40 5.99
CA ALA A 21 10.67 -9.35 7.28
C ALA A 21 10.05 -8.27 8.17
N TYR A 22 9.58 -7.19 7.54
CA TYR A 22 8.95 -6.08 8.26
C TYR A 22 7.44 -6.31 8.34
N PRO A 23 6.78 -5.76 9.37
CA PRO A 23 5.33 -5.90 9.53
C PRO A 23 4.54 -5.22 8.41
N TRP A 24 3.22 -5.13 8.59
CA TRP A 24 2.32 -4.51 7.61
C TRP A 24 2.59 -4.96 6.16
N PHE A 25 3.16 -6.16 6.00
CA PHE A 25 3.45 -6.68 4.68
C PHE A 25 2.81 -8.05 4.47
N ALA A 26 1.75 -8.08 3.66
CA ALA A 26 1.05 -9.32 3.36
C ALA A 26 1.46 -9.89 2.02
N GLY A 27 1.11 -11.15 1.77
CA GLY A 27 1.44 -11.79 0.51
C GLY A 27 0.32 -11.72 -0.50
N ASN A 28 0.14 -12.81 -1.25
CA ASN A 28 -0.92 -12.88 -2.27
C ASN A 28 -2.28 -13.16 -1.62
N MET A 29 -2.92 -12.10 -1.12
CA MET A 29 -4.23 -12.22 -0.48
C MET A 29 -5.36 -11.87 -1.43
N GLU A 30 -6.61 -11.98 -0.96
CA GLU A 30 -7.77 -11.69 -1.78
C GLU A 30 -8.38 -10.32 -1.44
N ARG A 31 -9.16 -9.78 -2.37
CA ARG A 31 -9.80 -8.48 -2.17
C ARG A 31 -10.81 -8.55 -1.02
N GLN A 32 -11.61 -9.62 -0.99
CA GLN A 32 -12.61 -9.80 0.06
C GLN A 32 -11.93 -9.92 1.44
N GLN A 33 -10.75 -10.53 1.47
CA GLN A 33 -10.01 -10.71 2.70
C GLN A 33 -9.61 -9.36 3.30
N THR A 34 -8.84 -8.59 2.52
CA THR A 34 -8.38 -7.28 2.97
C THR A 34 -9.55 -6.40 3.43
N ASP A 35 -10.61 -6.39 2.63
CA ASP A 35 -11.80 -5.59 2.95
C ASP A 35 -12.44 -6.07 4.25
N ASN A 36 -12.49 -7.39 4.44
CA ASN A 36 -13.09 -7.97 5.64
C ASN A 36 -12.17 -7.79 6.85
N LEU A 37 -10.86 -7.86 6.62
CA LEU A 37 -9.88 -7.72 7.70
C LEU A 37 -9.90 -6.29 8.26
N LEU A 38 -9.83 -5.30 7.36
CA LEU A 38 -9.84 -3.89 7.77
C LEU A 38 -11.25 -3.43 8.18
N LYS A 39 -12.25 -4.29 7.97
CA LYS A 39 -13.63 -3.95 8.34
C LYS A 39 -13.76 -3.74 9.85
N SER A 40 -13.17 -4.64 10.63
CA SER A 40 -13.22 -4.56 12.09
C SER A 40 -12.17 -3.58 12.63
N HIS A 41 -11.08 -3.39 11.87
CA HIS A 41 -10.00 -2.49 12.27
C HIS A 41 -10.48 -1.05 12.38
N ALA A 42 -9.67 -0.20 13.02
CA ALA A 42 -10.00 1.21 13.20
C ALA A 42 -9.63 2.04 11.97
N SER A 43 -9.79 3.36 12.07
CA SER A 43 -9.46 4.27 10.98
C SER A 43 -7.97 4.62 10.97
N GLY A 44 -7.11 3.60 11.03
CA GLY A 44 -5.68 3.82 11.04
C GLY A 44 -4.89 2.53 10.81
N THR A 45 -5.47 1.62 10.05
CA THR A 45 -4.84 0.34 9.76
C THR A 45 -4.43 0.26 8.28
N TYR A 46 -3.18 -0.13 8.04
CA TYR A 46 -2.66 -0.23 6.67
C TYR A 46 -2.03 -1.59 6.40
N LEU A 47 -1.98 -1.97 5.12
CA LEU A 47 -1.40 -3.25 4.71
C LEU A 47 -1.16 -3.29 3.20
N ILE A 48 -0.08 -3.95 2.79
CA ILE A 48 0.25 -4.09 1.37
C ILE A 48 0.23 -5.55 0.94
N ARG A 49 -0.46 -5.83 -0.16
CA ARG A 49 -0.57 -7.18 -0.69
C ARG A 49 -0.05 -7.26 -2.12
N GLU A 50 0.33 -8.47 -2.55
CA GLU A 50 0.84 -8.70 -3.90
C GLU A 50 -0.20 -9.38 -4.77
N ARG A 51 -0.21 -9.05 -6.06
CA ARG A 51 -1.15 -9.64 -7.02
C ARG A 51 -0.52 -9.74 -8.41
N PRO A 52 -0.85 -10.82 -9.15
CA PRO A 52 -0.33 -11.04 -10.51
C PRO A 52 -0.92 -10.08 -11.53
N ALA A 53 -0.16 -9.04 -11.87
CA ALA A 53 -0.61 -8.04 -12.85
C ALA A 53 0.55 -7.56 -13.71
N GLU A 54 0.21 -6.86 -14.80
CA GLU A 54 1.22 -6.32 -15.72
C GLU A 54 1.65 -4.91 -15.29
N ALA A 55 0.70 -3.97 -15.32
CA ALA A 55 0.97 -2.58 -14.94
C ALA A 55 1.11 -2.44 -13.42
N GLU A 56 0.31 -3.21 -12.68
CA GLU A 56 0.33 -3.17 -11.22
C GLU A 56 1.32 -4.19 -10.66
N ARG A 57 2.06 -3.78 -9.63
CA ARG A 57 3.03 -4.67 -8.98
C ARG A 57 2.59 -5.02 -7.55
N PHE A 58 2.06 -4.02 -6.84
CA PHE A 58 1.60 -4.23 -5.47
C PHE A 58 0.32 -3.44 -5.19
N ALA A 59 -0.47 -3.91 -4.22
CA ALA A 59 -1.72 -3.24 -3.85
C ALA A 59 -1.73 -2.80 -2.39
N ILE A 60 -2.06 -1.53 -2.16
CA ILE A 60 -2.10 -0.97 -0.81
C ILE A 60 -3.53 -0.77 -0.33
N SER A 61 -3.79 -1.10 0.93
CA SER A 61 -5.13 -0.97 1.52
C SER A 61 -5.05 -0.30 2.89
N ILE A 62 -5.95 0.66 3.12
CA ILE A 62 -5.99 1.40 4.39
C ILE A 62 -7.44 1.74 4.78
N LYS A 63 -7.71 1.71 6.09
CA LYS A 63 -9.05 2.03 6.60
C LYS A 63 -9.13 3.49 7.04
N PHE A 64 -10.09 4.22 6.46
CA PHE A 64 -10.28 5.63 6.80
C PHE A 64 -11.76 6.03 6.66
N ASN A 65 -12.24 6.82 7.62
CA ASN A 65 -13.63 7.28 7.62
C ASN A 65 -14.59 6.09 7.62
N ASP A 66 -14.25 5.06 8.41
CA ASP A 66 -15.07 3.85 8.52
C ASP A 66 -15.28 3.19 7.14
N GLU A 67 -14.30 3.34 6.26
CA GLU A 67 -14.36 2.75 4.92
C GLU A 67 -12.98 2.32 4.45
N VAL A 68 -12.89 1.11 3.89
CA VAL A 68 -11.62 0.58 3.41
C VAL A 68 -11.25 1.20 2.05
N LYS A 69 -10.01 1.70 1.95
CA LYS A 69 -9.53 2.31 0.72
C LYS A 69 -8.45 1.44 0.06
N HIS A 70 -8.19 1.71 -1.22
CA HIS A 70 -7.17 0.95 -1.96
C HIS A 70 -6.35 1.86 -2.86
N ILE A 71 -5.03 1.66 -2.85
CA ILE A 71 -4.12 2.45 -3.66
C ILE A 71 -3.26 1.55 -4.56
N LYS A 72 -3.64 1.43 -5.83
CA LYS A 72 -2.91 0.58 -6.79
C LYS A 72 -1.52 1.15 -7.06
N VAL A 73 -0.53 0.26 -7.10
CA VAL A 73 0.86 0.66 -7.36
C VAL A 73 1.30 0.25 -8.76
N VAL A 74 1.73 1.24 -9.55
CA VAL A 74 2.18 1.00 -10.92
C VAL A 74 3.67 1.32 -11.07
N GLU A 75 4.43 0.37 -11.60
CA GLU A 75 5.87 0.56 -11.79
C GLU A 75 6.17 0.89 -13.25
N LYS A 76 6.79 2.05 -13.47
CA LYS A 76 7.13 2.50 -14.82
C LYS A 76 8.50 3.19 -14.85
N ASP A 77 9.22 3.04 -15.96
CA ASP A 77 10.54 3.64 -16.11
C ASP A 77 11.50 3.10 -15.06
N ASN A 78 11.33 1.83 -14.68
CA ASN A 78 12.17 1.20 -13.68
C ASN A 78 12.01 1.85 -12.30
N TRP A 79 10.90 2.55 -12.11
CA TRP A 79 10.63 3.23 -10.84
C TRP A 79 9.19 2.99 -10.37
N ILE A 80 9.00 2.96 -9.05
CA ILE A 80 7.67 2.74 -8.46
C ILE A 80 7.00 4.06 -8.11
N HIS A 81 5.71 4.18 -8.46
CA HIS A 81 4.94 5.39 -8.17
C HIS A 81 3.44 5.12 -8.23
N ILE A 82 2.69 5.82 -7.38
CA ILE A 82 1.23 5.66 -7.34
C ILE A 82 0.51 6.96 -7.72
N THR A 83 1.18 8.10 -7.55
CA THR A 83 0.58 9.40 -7.88
C THR A 83 1.06 9.92 -9.23
N GLU A 84 1.66 9.02 -10.01
CA GLU A 84 2.17 9.37 -11.33
C GLU A 84 3.06 10.62 -11.27
N ALA A 85 3.75 10.80 -10.15
CA ALA A 85 4.64 11.94 -9.96
C ALA A 85 5.80 11.60 -9.03
N LYS A 86 5.47 11.07 -7.85
CA LYS A 86 6.49 10.69 -6.87
C LYS A 86 7.22 9.42 -7.31
N LYS A 87 8.38 9.60 -7.95
CA LYS A 87 9.18 8.49 -8.42
C LYS A 87 10.04 7.92 -7.29
N PHE A 88 9.76 6.67 -6.90
CA PHE A 88 10.51 6.02 -5.84
C PHE A 88 11.32 4.84 -6.36
N ASP A 89 12.39 4.50 -5.65
CA ASP A 89 13.25 3.38 -6.04
C ASP A 89 12.63 2.04 -5.64
N SER A 90 11.76 2.08 -4.62
CA SER A 90 11.11 0.86 -4.13
C SER A 90 9.88 1.21 -3.28
N LEU A 91 9.06 0.20 -2.99
CA LEU A 91 7.84 0.40 -2.20
C LEU A 91 8.16 0.99 -0.82
N LEU A 92 9.32 0.60 -0.27
CA LEU A 92 9.74 1.10 1.05
C LEU A 92 9.77 2.63 1.07
N GLU A 93 10.43 3.22 0.08
CA GLU A 93 10.52 4.68 -0.02
C GLU A 93 9.13 5.31 -0.09
N LEU A 94 8.22 4.65 -0.82
CA LEU A 94 6.84 5.13 -0.96
C LEU A 94 6.10 5.02 0.38
N VAL A 95 6.19 3.86 1.02
CA VAL A 95 5.52 3.64 2.29
C VAL A 95 6.06 4.56 3.37
N GLU A 96 7.39 4.65 3.45
CA GLU A 96 8.04 5.51 4.46
C GLU A 96 7.56 6.96 4.31
N TYR A 97 7.38 7.41 3.07
CA TYR A 97 6.92 8.77 2.80
C TYR A 97 5.51 8.99 3.37
N TYR A 98 4.60 8.06 3.07
CA TYR A 98 3.22 8.16 3.55
C TYR A 98 3.11 7.81 5.03
N GLN A 99 4.07 7.03 5.54
CA GLN A 99 4.07 6.64 6.95
C GLN A 99 4.09 7.87 7.84
N CYS A 100 4.77 8.92 7.37
CA CYS A 100 4.89 10.18 8.12
C CYS A 100 4.01 11.27 7.51
N HIS A 101 3.90 11.29 6.18
CA HIS A 101 3.08 12.30 5.50
C HIS A 101 1.67 11.79 5.23
N SER A 102 0.69 12.68 5.35
CA SER A 102 -0.71 12.34 5.12
C SER A 102 -0.96 11.98 3.66
N LEU A 103 -1.95 11.13 3.43
CA LEU A 103 -2.31 10.71 2.07
C LEU A 103 -3.12 11.79 1.34
N LYS A 104 -3.53 12.84 2.07
CA LYS A 104 -4.31 13.93 1.47
C LYS A 104 -3.52 14.68 0.39
N GLU A 105 -2.19 14.69 0.53
CA GLU A 105 -1.33 15.38 -0.43
C GLU A 105 -1.59 14.90 -1.86
N SER A 106 -1.59 13.58 -2.05
CA SER A 106 -1.83 13.00 -3.37
C SER A 106 -3.32 12.73 -3.60
N PHE A 107 -3.97 12.11 -2.61
CA PHE A 107 -5.39 11.81 -2.71
C PHE A 107 -6.18 12.67 -1.73
N LYS A 108 -6.74 13.78 -2.22
CA LYS A 108 -7.52 14.69 -1.38
C LYS A 108 -8.64 13.95 -0.65
N GLN A 109 -9.17 12.90 -1.28
CA GLN A 109 -10.24 12.10 -0.68
C GLN A 109 -9.78 11.47 0.65
N LEU A 110 -8.49 11.16 0.73
CA LEU A 110 -7.93 10.56 1.95
C LEU A 110 -7.36 11.63 2.88
N ASP A 111 -7.22 11.27 4.16
CA ASP A 111 -6.67 12.19 5.16
C ASP A 111 -6.16 11.41 6.38
N THR A 112 -5.54 10.25 6.12
CA THR A 112 -5.00 9.42 7.19
C THR A 112 -3.55 9.03 6.90
N THR A 113 -2.94 8.26 7.82
CA THR A 113 -1.55 7.83 7.67
C THR A 113 -1.35 6.40 8.18
N LEU A 114 -0.12 5.90 8.10
CA LEU A 114 0.20 4.56 8.55
C LEU A 114 0.64 4.57 10.02
N LYS A 115 -0.03 3.76 10.84
CA LYS A 115 0.30 3.68 12.26
C LYS A 115 0.25 2.25 12.78
N TYR A 116 -0.81 1.52 12.44
CA TYR A 116 -0.98 0.14 12.89
C TYR A 116 -1.17 -0.83 11.72
N PRO A 117 -0.32 -1.86 11.62
CA PRO A 117 -0.41 -2.87 10.55
C PRO A 117 -1.71 -3.67 10.62
N TYR A 118 -1.81 -4.70 9.79
CA TYR A 118 -3.01 -5.55 9.74
C TYR A 118 -2.89 -6.74 10.70
N LYS A 119 -1.71 -7.37 10.74
CA LYS A 119 -1.49 -8.53 11.61
C LYS A 119 -0.80 -8.14 12.92
N SER A 120 -0.82 -6.85 13.25
CA SER A 120 -0.20 -6.37 14.49
C SER A 120 -1.08 -6.69 15.70
N ARG A 121 -1.02 -7.94 16.16
CA ARG A 121 -1.79 -8.38 17.31
C ARG A 121 -0.87 -8.88 18.42
N GLU A 122 -0.83 -8.15 19.53
CA GLU A 122 0.02 -8.51 20.67
C GLU A 122 -0.83 -8.81 21.91
N GLU B 1 -11.98 -8.05 -14.44
CA GLU B 1 -12.51 -7.59 -13.12
C GLU B 1 -12.74 -6.09 -13.10
N GLU B 2 -13.45 -5.62 -12.08
CA GLU B 2 -13.74 -4.19 -11.93
C GLU B 2 -13.28 -3.68 -10.56
N PRO B 3 -11.97 -3.38 -10.42
CA PRO B 3 -11.40 -2.89 -9.16
C PRO B 3 -11.79 -1.45 -8.87
N VAL B 4 -11.58 -1.02 -7.61
CA VAL B 4 -11.90 0.34 -7.19
C VAL B 4 -10.80 0.91 -6.29
N GLU B 6 -7.87 4.28 -5.44
CA GLU B 6 -7.88 5.73 -5.28
C GLU B 6 -7.12 6.43 -6.41
N GLU B 7 -7.62 7.60 -6.83
CA GLU B 7 -6.99 8.37 -7.91
C GLU B 7 -6.53 9.73 -7.40
N VAL B 8 -5.41 10.21 -7.95
CA VAL B 8 -4.85 11.51 -7.55
C VAL B 8 -5.82 12.65 -7.86
N GLY B 9 -6.56 12.53 -8.96
CA GLY B 9 -7.52 13.56 -9.35
C GLY B 9 -7.24 14.12 -10.73
N SER A 10 27.60 -3.05 -10.04
CA SER A 10 26.80 -3.93 -9.13
C SER A 10 25.34 -3.47 -9.06
N ARG A 11 24.69 -3.36 -10.22
CA ARG A 11 23.29 -2.94 -10.28
C ARG A 11 22.35 -4.10 -10.00
N PRO A 12 22.49 -5.23 -10.73
CA PRO A 12 21.63 -6.41 -10.54
C PRO A 12 21.62 -6.91 -9.09
N PRO A 13 22.81 -7.08 -8.45
CA PRO A 13 22.91 -7.55 -7.08
C PRO A 13 22.63 -6.44 -6.06
N SER A 14 21.89 -6.79 -5.01
CA SER A 14 21.54 -5.82 -3.95
C SER A 14 21.21 -6.55 -2.64
N ARG A 15 21.11 -5.78 -1.56
CA ARG A 15 20.79 -6.36 -0.24
C ARG A 15 19.42 -7.03 -0.26
N GLU A 16 19.41 -8.36 -0.21
CA GLU A 16 18.17 -9.12 -0.22
C GLU A 16 17.39 -8.91 1.08
N ILE A 17 16.44 -7.99 1.06
CA ILE A 17 15.62 -7.69 2.23
C ILE A 17 14.22 -8.25 2.08
N ASP A 18 13.79 -9.06 3.04
CA ASP A 18 12.46 -9.65 3.01
C ASP A 18 11.43 -8.69 3.60
N TYR A 19 10.62 -8.08 2.72
CA TYR A 19 9.59 -7.15 3.15
C TYR A 19 8.45 -7.87 3.84
N THR A 20 8.28 -9.17 3.55
CA THR A 20 7.22 -9.96 4.16
C THR A 20 7.38 -10.06 5.69
N ALA A 21 8.59 -9.79 6.18
CA ALA A 21 8.86 -9.84 7.61
C ALA A 21 8.12 -8.76 8.38
N TYR A 22 7.94 -7.60 7.73
CA TYR A 22 7.25 -6.47 8.35
C TYR A 22 5.80 -6.82 8.70
N PRO A 23 5.27 -6.21 9.77
CA PRO A 23 3.88 -6.46 10.21
C PRO A 23 2.83 -5.80 9.29
N TRP A 24 3.29 -4.91 8.39
CA TRP A 24 2.38 -4.21 7.47
C TRP A 24 2.33 -4.89 6.10
N PHE A 25 3.40 -5.60 5.74
CA PHE A 25 3.48 -6.28 4.46
C PHE A 25 2.67 -7.58 4.45
N ALA A 26 1.82 -7.74 3.44
CA ALA A 26 0.99 -8.93 3.31
C ALA A 26 1.34 -9.73 2.06
N GLY A 27 0.64 -10.85 1.84
CA GLY A 27 0.92 -11.67 0.68
C GLY A 27 -0.21 -11.66 -0.35
N ASN A 28 -0.44 -12.81 -0.99
CA ASN A 28 -1.48 -12.94 -2.00
C ASN A 28 -2.85 -13.10 -1.35
N MET A 29 -3.44 -11.97 -0.94
CA MET A 29 -4.75 -11.99 -0.28
C MET A 29 -5.84 -11.48 -1.22
N GLU A 30 -7.02 -12.11 -1.14
CA GLU A 30 -8.15 -11.73 -1.99
C GLU A 30 -8.78 -10.42 -1.52
N ARG A 31 -9.52 -9.77 -2.42
CA ARG A 31 -10.18 -8.51 -2.11
C ARG A 31 -11.22 -8.71 -1.00
N GLN A 32 -12.07 -9.72 -1.17
CA GLN A 32 -13.10 -10.02 -0.17
C GLN A 32 -12.49 -10.34 1.19
N GLN A 33 -11.30 -10.96 1.17
CA GLN A 33 -10.61 -11.33 2.41
C GLN A 33 -10.12 -10.09 3.14
N THR A 34 -9.25 -9.33 2.48
CA THR A 34 -8.70 -8.10 3.07
C THR A 34 -9.81 -7.13 3.47
N ASP A 35 -10.78 -6.95 2.58
CA ASP A 35 -11.90 -6.05 2.86
C ASP A 35 -12.68 -6.50 4.09
N ASN A 36 -12.91 -7.81 4.21
CA ASN A 36 -13.63 -8.37 5.34
C ASN A 36 -12.77 -8.36 6.61
N LEU A 37 -11.46 -8.46 6.44
CA LEU A 37 -10.54 -8.44 7.57
C LEU A 37 -10.49 -7.06 8.22
N LEU A 38 -10.36 -6.03 7.38
CA LEU A 38 -10.30 -4.65 7.87
C LEU A 38 -11.64 -4.20 8.50
N LYS A 39 -12.71 -4.97 8.24
CA LYS A 39 -14.03 -4.63 8.79
C LYS A 39 -13.97 -4.54 10.31
N SER A 40 -13.13 -5.36 10.94
CA SER A 40 -12.99 -5.35 12.39
C SER A 40 -11.74 -4.59 12.84
N HIS A 41 -11.33 -3.60 12.05
CA HIS A 41 -10.15 -2.79 12.36
C HIS A 41 -10.54 -1.35 12.63
N ALA A 42 -9.68 -0.64 13.38
CA ALA A 42 -9.93 0.76 13.72
C ALA A 42 -9.49 1.69 12.59
N SER A 43 -9.83 2.97 12.70
CA SER A 43 -9.46 3.95 11.69
C SER A 43 -7.95 4.19 11.70
N GLY A 44 -7.31 3.94 10.57
CA GLY A 44 -5.88 4.13 10.46
C GLY A 44 -5.11 2.85 10.16
N THR A 45 -5.84 1.78 9.81
CA THR A 45 -5.19 0.51 9.48
C THR A 45 -4.67 0.51 8.06
N TYR A 46 -3.42 0.10 7.89
CA TYR A 46 -2.79 0.07 6.57
C TYR A 46 -2.13 -1.29 6.30
N LEU A 47 -2.01 -1.65 5.02
CA LEU A 47 -1.39 -2.90 4.61
C LEU A 47 -1.17 -2.95 3.10
N ILE A 48 -0.33 -3.88 2.65
CA ILE A 48 -0.03 -4.03 1.22
C ILE A 48 -0.05 -5.50 0.81
N ARG A 49 -0.71 -5.80 -0.32
CA ARG A 49 -0.80 -7.16 -0.82
C ARG A 49 -0.14 -7.29 -2.19
N GLU A 50 0.23 -8.52 -2.55
CA GLU A 50 0.86 -8.78 -3.84
C GLU A 50 -0.16 -9.37 -4.82
N ARG A 51 -0.15 -8.86 -6.04
CA ARG A 51 -1.07 -9.35 -7.08
C ARG A 51 -0.35 -9.49 -8.43
N PRO A 52 -0.33 -10.71 -8.99
CA PRO A 52 0.33 -10.98 -10.28
C PRO A 52 -0.19 -10.09 -11.40
N ALA A 53 0.60 -9.09 -11.79
CA ALA A 53 0.22 -8.17 -12.84
C ALA A 53 1.45 -7.59 -13.55
N GLU A 54 1.22 -6.93 -14.69
CA GLU A 54 2.30 -6.32 -15.46
C GLU A 54 2.56 -4.88 -15.02
N ALA A 55 1.58 -4.00 -15.24
CA ALA A 55 1.70 -2.59 -14.86
C ALA A 55 1.66 -2.43 -13.34
N GLU A 56 0.86 -3.26 -12.68
CA GLU A 56 0.73 -3.21 -11.22
C GLU A 56 1.62 -4.26 -10.55
N ARG A 57 2.28 -3.86 -9.47
CA ARG A 57 3.16 -4.76 -8.73
C ARG A 57 2.58 -5.08 -7.36
N PHE A 58 2.04 -4.05 -6.69
CA PHE A 58 1.46 -4.22 -5.35
C PHE A 58 0.18 -3.39 -5.20
N ALA A 59 -0.51 -3.58 -4.08
CA ALA A 59 -1.74 -2.85 -3.80
C ALA A 59 -1.87 -2.52 -2.31
N ILE A 60 -1.88 -1.22 -1.99
CA ILE A 60 -1.99 -0.78 -0.60
C ILE A 60 -3.45 -0.47 -0.24
N SER A 61 -3.89 -0.94 0.92
CA SER A 61 -5.26 -0.69 1.39
C SER A 61 -5.25 -0.06 2.77
N ILE A 62 -5.94 1.07 2.91
CA ILE A 62 -6.01 1.79 4.18
C ILE A 62 -7.46 2.06 4.59
N LYS A 63 -7.73 1.96 5.89
CA LYS A 63 -9.07 2.20 6.42
C LYS A 63 -9.27 3.68 6.78
N PHE A 64 -10.41 4.23 6.39
CA PHE A 64 -10.73 5.63 6.67
C PHE A 64 -12.24 5.86 6.58
N ASN A 65 -12.83 6.39 7.65
CA ASN A 65 -14.26 6.67 7.69
C ASN A 65 -15.07 5.37 7.47
N ASP A 66 -14.66 4.32 8.18
CA ASP A 66 -15.32 3.02 8.07
C ASP A 66 -15.35 2.51 6.63
N GLU A 67 -14.34 2.89 5.85
CA GLU A 67 -14.24 2.48 4.46
C GLU A 67 -12.85 1.92 4.15
N VAL A 68 -12.81 0.87 3.34
CA VAL A 68 -11.54 0.24 2.95
C VAL A 68 -11.00 0.84 1.65
N LYS A 69 -10.09 1.81 1.78
CA LYS A 69 -9.50 2.46 0.62
C LYS A 69 -8.43 1.57 -0.01
N HIS A 70 -8.22 1.72 -1.32
CA HIS A 70 -7.23 0.92 -2.03
C HIS A 70 -6.47 1.76 -3.06
N ILE A 71 -5.14 1.66 -3.04
CA ILE A 71 -4.29 2.40 -3.97
C ILE A 71 -3.31 1.46 -4.67
N LYS A 72 -3.58 1.18 -5.94
CA LYS A 72 -2.73 0.30 -6.74
C LYS A 72 -1.35 0.91 -6.98
N VAL A 73 -0.32 0.06 -6.97
CA VAL A 73 1.05 0.51 -7.18
C VAL A 73 1.50 0.24 -8.61
N VAL A 74 2.10 1.25 -9.24
CA VAL A 74 2.58 1.12 -10.62
C VAL A 74 4.11 1.21 -10.68
N GLU A 75 4.71 0.36 -11.50
CA GLU A 75 6.16 0.34 -11.67
C GLU A 75 6.55 0.46 -13.14
N LYS A 76 6.87 1.68 -13.56
CA LYS A 76 7.26 1.95 -14.95
C LYS A 76 8.47 2.87 -15.02
N ASP A 77 9.18 2.82 -16.15
CA ASP A 77 10.38 3.65 -16.35
C ASP A 77 11.45 3.32 -15.30
N ASN A 78 11.47 2.07 -14.84
CA ASN A 78 12.43 1.63 -13.84
C ASN A 78 12.21 2.33 -12.49
N TRP A 79 10.99 2.83 -12.28
CA TRP A 79 10.66 3.53 -11.03
C TRP A 79 9.30 3.07 -10.50
N ILE A 80 9.16 3.07 -9.17
CA ILE A 80 7.92 2.66 -8.51
C ILE A 80 7.14 3.88 -8.00
N HIS A 81 5.81 3.83 -8.10
CA HIS A 81 4.95 4.93 -7.63
C HIS A 81 3.47 4.62 -7.81
N ILE A 82 2.65 5.16 -6.92
CA ILE A 82 1.20 4.96 -6.98
C ILE A 82 0.51 6.10 -7.75
N THR A 83 1.13 7.29 -7.72
CA THR A 83 0.59 8.46 -8.40
C THR A 83 1.23 8.63 -9.78
N GLU A 84 0.93 9.74 -10.45
CA GLU A 84 1.49 10.02 -11.77
C GLU A 84 2.31 11.32 -11.76
N ALA A 85 3.15 11.47 -10.74
CA ALA A 85 4.00 12.65 -10.61
C ALA A 85 5.27 12.35 -9.82
N LYS A 86 5.10 11.76 -8.64
CA LYS A 86 6.23 11.42 -7.77
C LYS A 86 6.75 10.01 -8.07
N LYS A 87 8.06 9.88 -8.21
CA LYS A 87 8.68 8.59 -8.50
C LYS A 87 9.52 8.12 -7.32
N PHE A 88 9.47 6.81 -7.04
CA PHE A 88 10.23 6.22 -5.93
C PHE A 88 11.17 5.13 -6.44
N ASP A 89 12.28 4.92 -5.72
CA ASP A 89 13.26 3.90 -6.09
C ASP A 89 12.76 2.50 -5.75
N SER A 90 11.88 2.40 -4.75
CA SER A 90 11.35 1.10 -4.32
C SER A 90 10.16 1.29 -3.38
N LEU A 91 9.54 0.18 -2.97
CA LEU A 91 8.40 0.23 -2.07
C LEU A 91 8.76 0.88 -0.74
N LEU A 92 9.97 0.58 -0.25
CA LEU A 92 10.44 1.14 1.02
C LEU A 92 10.36 2.67 1.02
N GLU A 93 10.94 3.30 0.01
CA GLU A 93 10.92 4.76 -0.11
C GLU A 93 9.47 5.27 -0.15
N LEU A 94 8.60 4.53 -0.83
CA LEU A 94 7.19 4.90 -0.95
C LEU A 94 6.50 4.76 0.40
N VAL A 95 6.61 3.58 1.03
CA VAL A 95 5.98 3.32 2.32
C VAL A 95 6.53 4.24 3.40
N GLU A 96 7.85 4.45 3.40
CA GLU A 96 8.49 5.31 4.40
C GLU A 96 7.97 6.75 4.29
N TYR A 97 7.96 7.29 3.07
CA TYR A 97 7.48 8.66 2.85
C TYR A 97 6.03 8.80 3.29
N TYR A 98 5.17 7.87 2.87
CA TYR A 98 3.76 7.91 3.22
C TYR A 98 3.52 7.52 4.68
N GLN A 99 4.48 6.81 5.28
CA GLN A 99 4.36 6.40 6.68
C GLN A 99 4.14 7.63 7.56
N CYS A 100 4.80 8.73 7.21
CA CYS A 100 4.68 9.98 7.97
C CYS A 100 3.80 10.99 7.24
N HIS A 101 3.91 11.03 5.90
CA HIS A 101 3.13 11.98 5.11
C HIS A 101 1.77 11.38 4.75
N SER A 102 0.71 12.18 4.96
CA SER A 102 -0.65 11.74 4.66
C SER A 102 -0.89 11.65 3.16
N LEU A 103 -1.93 10.93 2.77
CA LEU A 103 -2.28 10.76 1.35
C LEU A 103 -3.13 11.92 0.83
N LYS A 104 -3.27 12.99 1.63
CA LYS A 104 -4.07 14.14 1.22
C LYS A 104 -3.35 14.98 0.16
N GLU A 105 -2.01 14.98 0.21
CA GLU A 105 -1.20 15.75 -0.76
C GLU A 105 -1.59 15.38 -2.20
N SER A 106 -1.67 14.09 -2.49
CA SER A 106 -2.01 13.61 -3.83
C SER A 106 -3.49 13.21 -3.90
N PHE A 107 -3.97 12.51 -2.88
CA PHE A 107 -5.35 12.06 -2.83
C PHE A 107 -6.16 12.91 -1.86
N LYS A 108 -6.66 14.05 -2.34
CA LYS A 108 -7.46 14.97 -1.49
C LYS A 108 -8.60 14.23 -0.80
N GLN A 109 -9.12 13.18 -1.45
CA GLN A 109 -10.21 12.39 -0.88
C GLN A 109 -9.82 11.76 0.46
N LEU A 110 -8.53 11.45 0.62
CA LEU A 110 -8.03 10.84 1.86
C LEU A 110 -7.21 11.83 2.67
N ASP A 111 -7.05 11.54 3.95
CA ASP A 111 -6.27 12.38 4.86
C ASP A 111 -5.73 11.56 6.04
N THR A 112 -5.33 10.32 5.77
CA THR A 112 -4.81 9.43 6.80
C THR A 112 -3.43 8.87 6.40
N THR A 113 -2.65 8.47 7.41
CA THR A 113 -1.31 7.93 7.18
C THR A 113 -1.21 6.49 7.71
N LEU A 114 0.03 5.96 7.73
CA LEU A 114 0.27 4.61 8.22
C LEU A 114 0.67 4.62 9.70
N LYS A 115 -0.18 4.04 10.54
CA LYS A 115 0.09 4.00 11.98
C LYS A 115 -0.10 2.59 12.56
N TYR A 116 -1.21 1.94 12.21
CA TYR A 116 -1.50 0.59 12.71
C TYR A 116 -1.56 -0.43 11.56
N PRO A 117 -0.71 -1.47 11.62
CA PRO A 117 -0.67 -2.53 10.59
C PRO A 117 -1.97 -3.33 10.55
N TYR A 118 -1.95 -4.43 9.79
CA TYR A 118 -3.13 -5.28 9.66
C TYR A 118 -3.08 -6.49 10.59
N LYS A 119 -1.92 -7.14 10.68
CA LYS A 119 -1.75 -8.32 11.54
C LYS A 119 -1.28 -7.93 12.94
N SER A 120 -0.53 -6.84 13.03
CA SER A 120 -0.01 -6.36 14.31
C SER A 120 -1.13 -5.78 15.17
N ARG A 121 -1.86 -6.65 15.86
CA ARG A 121 -2.97 -6.24 16.71
C ARG A 121 -2.78 -6.75 18.14
N GLU A 122 -2.30 -5.87 19.01
CA GLU A 122 -2.06 -6.19 20.42
C GLU A 122 -0.91 -7.20 20.55
N GLU B 1 -17.74 0.55 -16.22
CA GLU B 1 -16.51 -0.09 -15.68
C GLU B 1 -16.03 0.61 -14.42
N GLU B 2 -15.39 -0.15 -13.52
CA GLU B 2 -14.89 0.39 -12.26
C GLU B 2 -13.43 0.02 -12.05
N PRO B 3 -12.60 0.97 -11.56
CA PRO B 3 -11.18 0.73 -11.32
C PRO B 3 -10.93 -0.12 -10.07
N VAL B 4 -11.89 -0.13 -9.15
CA VAL B 4 -11.77 -0.89 -7.91
C VAL B 4 -10.70 -0.29 -6.97
N GLU B 6 -8.79 3.82 -5.44
CA GLU B 6 -9.00 5.25 -5.20
C GLU B 6 -8.36 6.10 -6.30
N GLU B 7 -9.01 7.24 -6.61
CA GLU B 7 -8.52 8.15 -7.65
C GLU B 7 -7.61 9.23 -7.05
N VAL B 8 -6.70 9.75 -7.89
CA VAL B 8 -5.78 10.80 -7.44
C VAL B 8 -6.33 12.19 -7.73
N GLY B 9 -6.49 12.52 -9.03
CA GLY B 9 -7.00 13.82 -9.42
C GLY B 9 -5.91 14.72 -9.97
N SER A 10 28.42 0.13 -13.25
CA SER A 10 26.97 -0.04 -13.53
C SER A 10 26.54 -1.49 -13.34
N ARG A 11 25.81 -1.75 -12.25
CA ARG A 11 25.33 -3.10 -11.95
C ARG A 11 23.88 -3.07 -11.46
N PRO A 12 23.09 -4.11 -11.81
CA PRO A 12 21.67 -4.20 -11.41
C PRO A 12 21.48 -4.12 -9.89
N PRO A 13 20.34 -3.57 -9.43
CA PRO A 13 20.05 -3.44 -8.00
C PRO A 13 19.75 -4.77 -7.33
N SER A 14 20.44 -5.06 -6.23
CA SER A 14 20.25 -6.30 -5.48
C SER A 14 19.20 -6.12 -4.38
N ARG A 15 18.46 -7.19 -4.09
CA ARG A 15 17.43 -7.16 -3.05
C ARG A 15 17.80 -8.06 -1.88
N GLU A 16 18.40 -7.46 -0.85
CA GLU A 16 18.81 -8.21 0.35
C GLU A 16 17.92 -7.84 1.54
N ILE A 17 16.66 -7.50 1.29
CA ILE A 17 15.72 -7.13 2.33
C ILE A 17 14.36 -7.78 2.11
N ASP A 18 13.89 -8.55 3.09
CA ASP A 18 12.59 -9.23 2.99
C ASP A 18 11.48 -8.34 3.53
N TYR A 19 10.63 -7.83 2.63
CA TYR A 19 9.51 -6.97 3.02
C TYR A 19 8.39 -7.80 3.65
N THR A 20 8.30 -9.08 3.27
CA THR A 20 7.28 -9.98 3.80
C THR A 20 7.45 -10.20 5.31
N ALA A 21 8.65 -9.95 5.82
CA ALA A 21 8.95 -10.11 7.25
C ALA A 21 8.17 -9.12 8.11
N TYR A 22 7.88 -7.95 7.55
CA TYR A 22 7.15 -6.90 8.28
C TYR A 22 5.67 -7.28 8.46
N PRO A 23 5.05 -6.83 9.56
CA PRO A 23 3.63 -7.12 9.87
C PRO A 23 2.66 -6.39 8.95
N TRP A 24 3.16 -5.45 8.13
CA TRP A 24 2.30 -4.69 7.21
C TRP A 24 2.41 -5.23 5.77
N PHE A 25 3.07 -6.39 5.60
CA PHE A 25 3.23 -6.99 4.28
C PHE A 25 2.57 -8.36 4.21
N ALA A 26 1.58 -8.50 3.31
CA ALA A 26 0.87 -9.77 3.14
C ALA A 26 1.04 -10.29 1.71
N GLY A 27 0.74 -11.57 1.51
CA GLY A 27 0.85 -12.17 0.18
C GLY A 27 -0.35 -11.90 -0.70
N ASN A 28 -0.77 -12.92 -1.44
CA ASN A 28 -1.93 -12.80 -2.33
C ASN A 28 -3.23 -12.81 -1.53
N MET A 29 -3.56 -11.66 -0.94
CA MET A 29 -4.79 -11.53 -0.14
C MET A 29 -6.02 -11.44 -1.03
N GLU A 30 -7.18 -11.78 -0.45
CA GLU A 30 -8.45 -11.75 -1.18
C GLU A 30 -9.19 -10.44 -0.95
N ARG A 31 -10.14 -10.13 -1.84
CA ARG A 31 -10.94 -8.91 -1.72
C ARG A 31 -11.78 -8.93 -0.44
N GLN A 32 -12.47 -10.05 -0.21
CA GLN A 32 -13.31 -10.22 0.98
C GLN A 32 -12.45 -10.20 2.25
N GLN A 33 -11.25 -10.78 2.16
CA GLN A 33 -10.34 -10.84 3.30
C GLN A 33 -9.89 -9.44 3.71
N THR A 34 -9.21 -8.76 2.77
CA THR A 34 -8.70 -7.41 3.03
C THR A 34 -9.80 -6.50 3.60
N ASP A 35 -11.00 -6.59 3.04
CA ASP A 35 -12.12 -5.77 3.49
C ASP A 35 -12.60 -6.20 4.89
N ASN A 36 -12.81 -7.51 5.07
CA ASN A 36 -13.27 -8.04 6.35
C ASN A 36 -12.25 -7.79 7.46
N LEU A 37 -10.96 -7.91 7.11
CA LEU A 37 -9.88 -7.69 8.07
C LEU A 37 -9.88 -6.25 8.57
N LEU A 38 -9.92 -5.30 7.64
CA LEU A 38 -9.92 -3.88 7.99
C LEU A 38 -11.24 -3.48 8.65
N LYS A 39 -12.32 -4.19 8.31
CA LYS A 39 -13.64 -3.90 8.88
C LYS A 39 -13.60 -4.00 10.40
N SER A 40 -12.83 -4.96 10.92
CA SER A 40 -12.71 -5.17 12.37
C SER A 40 -11.87 -4.07 13.01
N HIS A 41 -10.75 -3.72 12.37
CA HIS A 41 -9.85 -2.69 12.89
C HIS A 41 -10.49 -1.30 12.81
N ALA A 42 -9.92 -0.34 13.54
CA ALA A 42 -10.44 1.02 13.55
C ALA A 42 -9.78 1.88 12.47
N SER A 43 -10.07 3.19 12.47
CA SER A 43 -9.50 4.10 11.49
C SER A 43 -7.99 4.19 11.64
N GLY A 44 -7.28 4.05 10.52
CA GLY A 44 -5.82 4.13 10.54
C GLY A 44 -5.16 2.77 10.34
N THR A 45 -5.88 1.85 9.70
CA THR A 45 -5.35 0.51 9.45
C THR A 45 -4.93 0.39 7.98
N TYR A 46 -3.67 0.00 7.75
CA TYR A 46 -3.15 -0.14 6.40
C TYR A 46 -2.55 -1.52 6.17
N LEU A 47 -2.44 -1.91 4.89
CA LEU A 47 -1.89 -3.20 4.51
C LEU A 47 -1.58 -3.26 3.02
N ILE A 48 -0.43 -3.83 2.67
CA ILE A 48 -0.01 -3.95 1.28
C ILE A 48 -0.10 -5.40 0.80
N ARG A 49 -0.82 -5.63 -0.29
CA ARG A 49 -0.98 -6.96 -0.86
C ARG A 49 -0.27 -7.08 -2.21
N GLU A 50 0.28 -8.26 -2.48
CA GLU A 50 0.97 -8.51 -3.74
C GLU A 50 -0.03 -8.87 -4.83
N ARG A 51 0.05 -8.18 -5.97
CA ARG A 51 -0.86 -8.43 -7.09
C ARG A 51 -0.07 -8.61 -8.39
N PRO A 52 -0.04 -9.84 -8.94
CA PRO A 52 0.68 -10.14 -10.18
C PRO A 52 0.03 -9.53 -11.41
N ALA A 53 0.60 -8.42 -11.89
CA ALA A 53 0.07 -7.72 -13.07
C ALA A 53 1.21 -7.15 -13.91
N GLU A 54 0.87 -6.71 -15.13
CA GLU A 54 1.86 -6.14 -16.04
C GLU A 54 2.27 -4.73 -15.61
N ALA A 55 1.31 -3.80 -15.62
CA ALA A 55 1.58 -2.42 -15.22
C ALA A 55 1.65 -2.29 -13.69
N GLU A 56 0.70 -2.93 -13.01
CA GLU A 56 0.65 -2.89 -11.54
C GLU A 56 1.41 -4.07 -10.94
N ARG A 57 2.10 -3.81 -9.83
CA ARG A 57 2.86 -4.87 -9.15
C ARG A 57 2.35 -5.11 -7.73
N PHE A 58 1.93 -4.03 -7.05
CA PHE A 58 1.42 -4.14 -5.69
C PHE A 58 0.09 -3.41 -5.53
N ALA A 59 -0.64 -3.73 -4.45
CA ALA A 59 -1.93 -3.11 -4.18
C ALA A 59 -2.12 -2.88 -2.67
N ILE A 60 -2.12 -1.62 -2.26
CA ILE A 60 -2.27 -1.26 -0.85
C ILE A 60 -3.73 -0.96 -0.51
N SER A 61 -4.11 -1.18 0.75
CA SER A 61 -5.47 -0.93 1.21
C SER A 61 -5.47 -0.35 2.63
N ILE A 62 -6.03 0.86 2.78
CA ILE A 62 -6.08 1.52 4.08
C ILE A 62 -7.53 1.84 4.49
N LYS A 63 -7.76 1.85 5.81
CA LYS A 63 -9.08 2.13 6.36
C LYS A 63 -9.18 3.58 6.88
N PHE A 64 -10.11 4.34 6.32
CA PHE A 64 -10.30 5.73 6.72
C PHE A 64 -11.76 6.15 6.55
N ASN A 65 -12.27 6.94 7.50
CA ASN A 65 -13.66 7.42 7.45
C ASN A 65 -14.63 6.23 7.42
N ASP A 66 -14.33 5.21 8.25
CA ASP A 66 -15.15 4.00 8.33
C ASP A 66 -15.32 3.33 6.96
N GLU A 67 -14.33 3.50 6.08
CA GLU A 67 -14.38 2.92 4.75
C GLU A 67 -13.00 2.42 4.32
N VAL A 68 -12.98 1.29 3.60
CA VAL A 68 -11.73 0.72 3.12
C VAL A 68 -11.35 1.28 1.75
N LYS A 69 -10.11 1.75 1.63
CA LYS A 69 -9.61 2.32 0.38
C LYS A 69 -8.60 1.39 -0.29
N HIS A 70 -8.34 1.62 -1.57
CA HIS A 70 -7.38 0.80 -2.33
C HIS A 70 -6.46 1.66 -3.19
N ILE A 71 -5.16 1.37 -3.12
CA ILE A 71 -4.16 2.12 -3.89
C ILE A 71 -3.24 1.17 -4.68
N LYS A 72 -3.36 1.22 -6.01
CA LYS A 72 -2.54 0.37 -6.89
C LYS A 72 -1.16 0.98 -7.11
N VAL A 73 -0.13 0.11 -7.17
CA VAL A 73 1.24 0.54 -7.37
C VAL A 73 1.70 0.28 -8.81
N VAL A 74 2.30 1.28 -9.44
CA VAL A 74 2.78 1.16 -10.82
C VAL A 74 4.28 1.48 -10.90
N GLU A 75 5.03 0.60 -11.56
CA GLU A 75 6.47 0.78 -11.72
C GLU A 75 6.81 1.17 -13.16
N LYS A 76 7.43 2.34 -13.32
CA LYS A 76 7.82 2.84 -14.64
C LYS A 76 9.34 2.95 -14.75
N ASP A 77 9.89 2.47 -15.87
CA ASP A 77 11.33 2.49 -16.12
C ASP A 77 12.06 1.63 -15.08
N ASN A 78 12.35 2.22 -13.94
CA ASN A 78 13.02 1.53 -12.83
C ASN A 78 12.69 2.21 -11.51
N TRP A 79 11.48 2.76 -11.44
CA TRP A 79 11.01 3.47 -10.25
C TRP A 79 9.60 3.04 -9.87
N ILE A 80 9.37 2.85 -8.57
CA ILE A 80 8.06 2.44 -8.07
C ILE A 80 7.28 3.65 -7.53
N HIS A 81 5.96 3.67 -7.79
CA HIS A 81 5.11 4.77 -7.34
C HIS A 81 3.63 4.46 -7.58
N ILE A 82 2.77 5.12 -6.81
CA ILE A 82 1.32 4.93 -6.93
C ILE A 82 0.65 6.10 -7.65
N THR A 83 1.34 7.25 -7.70
CA THR A 83 0.81 8.45 -8.35
C THR A 83 1.52 8.66 -9.70
N GLU A 84 1.29 9.83 -10.30
CA GLU A 84 1.92 10.14 -11.59
C GLU A 84 2.73 11.44 -11.49
N ALA A 85 3.60 11.50 -10.48
CA ALA A 85 4.46 12.68 -10.28
C ALA A 85 5.75 12.29 -9.57
N LYS A 86 5.61 11.64 -8.42
CA LYS A 86 6.77 11.20 -7.63
C LYS A 86 7.27 9.83 -8.08
N LYS A 87 8.60 9.65 -8.04
CA LYS A 87 9.22 8.39 -8.43
C LYS A 87 10.15 7.89 -7.33
N PHE A 88 9.80 6.73 -6.74
CA PHE A 88 10.61 6.14 -5.68
C PHE A 88 11.50 5.03 -6.23
N ASP A 89 12.61 4.76 -5.53
CA ASP A 89 13.54 3.70 -5.95
C ASP A 89 13.21 2.35 -5.32
N SER A 90 12.21 2.31 -4.43
CA SER A 90 11.81 1.08 -3.76
C SER A 90 10.53 1.28 -2.95
N LEU A 91 9.88 0.16 -2.61
CA LEU A 91 8.64 0.21 -1.83
C LEU A 91 8.88 0.83 -0.45
N LEU A 92 10.08 0.61 0.11
CA LEU A 92 10.43 1.16 1.41
C LEU A 92 10.29 2.68 1.42
N GLU A 93 10.88 3.34 0.42
CA GLU A 93 10.81 4.80 0.30
C GLU A 93 9.36 5.26 0.23
N LEU A 94 8.55 4.55 -0.55
CA LEU A 94 7.14 4.89 -0.71
C LEU A 94 6.41 4.78 0.64
N VAL A 95 6.57 3.62 1.30
CA VAL A 95 5.93 3.38 2.60
C VAL A 95 6.45 4.36 3.65
N GLU A 96 7.76 4.61 3.65
CA GLU A 96 8.37 5.53 4.61
C GLU A 96 7.85 6.95 4.40
N TYR A 97 7.78 7.38 3.13
CA TYR A 97 7.30 8.72 2.81
C TYR A 97 5.86 8.91 3.28
N TYR A 98 4.98 7.99 2.87
CA TYR A 98 3.57 8.06 3.26
C TYR A 98 3.38 7.80 4.76
N GLN A 99 4.36 7.16 5.39
CA GLN A 99 4.29 6.89 6.82
C GLN A 99 4.19 8.20 7.61
N CYS A 100 4.86 9.23 7.10
CA CYS A 100 4.85 10.55 7.74
C CYS A 100 3.96 11.54 6.98
N HIS A 101 3.93 11.43 5.65
CA HIS A 101 3.11 12.32 4.83
C HIS A 101 1.69 11.78 4.66
N SER A 102 0.71 12.68 4.73
CA SER A 102 -0.70 12.31 4.59
C SER A 102 -1.02 11.92 3.14
N LEU A 103 -1.97 11.00 2.99
CA LEU A 103 -2.39 10.55 1.66
C LEU A 103 -3.12 11.65 0.90
N LYS A 104 -3.64 12.65 1.63
CA LYS A 104 -4.37 13.76 1.01
C LYS A 104 -3.53 14.43 -0.09
N GLU A 105 -2.21 14.44 0.09
CA GLU A 105 -1.30 15.05 -0.87
C GLU A 105 -1.54 14.49 -2.27
N SER A 106 -1.68 13.17 -2.37
CA SER A 106 -1.92 12.52 -3.66
C SER A 106 -3.40 12.34 -3.92
N PHE A 107 -4.12 11.80 -2.92
CA PHE A 107 -5.55 11.57 -3.05
C PHE A 107 -6.33 12.45 -2.08
N LYS A 108 -6.89 13.56 -2.58
CA LYS A 108 -7.66 14.49 -1.75
C LYS A 108 -8.77 13.78 -0.99
N GLN A 109 -9.32 12.71 -1.58
CA GLN A 109 -10.39 11.94 -0.95
C GLN A 109 -9.95 11.38 0.40
N LEU A 110 -8.66 11.04 0.50
CA LEU A 110 -8.11 10.49 1.74
C LEU A 110 -7.38 11.57 2.55
N ASP A 111 -7.18 11.31 3.83
CA ASP A 111 -6.48 12.23 4.72
C ASP A 111 -5.93 11.51 5.95
N THR A 112 -5.41 10.30 5.74
CA THR A 112 -4.86 9.49 6.82
C THR A 112 -3.42 9.03 6.48
N THR A 113 -2.82 8.25 7.38
CA THR A 113 -1.46 7.75 7.20
C THR A 113 -1.30 6.33 7.76
N LEU A 114 -0.11 5.76 7.60
CA LEU A 114 0.17 4.41 8.09
C LEU A 114 0.38 4.42 9.61
N LYS A 115 -0.45 3.65 10.33
CA LYS A 115 -0.35 3.57 11.78
C LYS A 115 -0.35 2.12 12.26
N TYR A 116 -1.45 1.40 12.03
CA TYR A 116 -1.57 0.00 12.44
C TYR A 116 -1.75 -0.93 11.26
N PRO A 117 -0.85 -1.92 11.08
CA PRO A 117 -0.93 -2.90 9.99
C PRO A 117 -2.18 -3.78 10.06
N TYR A 118 -2.30 -4.71 9.11
CA TYR A 118 -3.45 -5.60 9.07
C TYR A 118 -3.45 -6.59 10.25
N LYS A 119 -2.29 -7.17 10.53
CA LYS A 119 -2.15 -8.13 11.64
C LYS A 119 -1.36 -7.52 12.80
N SER A 120 -0.30 -6.77 12.47
CA SER A 120 0.56 -6.14 13.48
C SER A 120 1.13 -7.17 14.48
N ARG A 121 1.25 -8.41 14.03
CA ARG A 121 1.78 -9.50 14.84
C ARG A 121 0.97 -9.68 16.14
N GLU A 122 -0.35 -9.59 16.02
CA GLU A 122 -1.23 -9.75 17.19
C GLU A 122 -1.13 -11.16 17.77
N GLU B 1 -18.47 -5.36 -10.18
CA GLU B 1 -17.93 -4.21 -9.39
C GLU B 1 -16.89 -3.44 -10.20
N GLU B 2 -16.66 -2.19 -9.83
CA GLU B 2 -15.69 -1.33 -10.51
C GLU B 2 -14.92 -0.48 -9.50
N PRO B 3 -13.97 -1.10 -8.76
CA PRO B 3 -13.16 -0.39 -7.76
C PRO B 3 -12.37 0.76 -8.35
N VAL B 4 -11.52 0.47 -9.34
CA VAL B 4 -10.70 1.48 -10.00
C VAL B 4 -9.70 2.15 -9.03
N GLU B 6 -8.18 4.30 -5.68
CA GLU B 6 -8.37 5.71 -5.31
C GLU B 6 -7.94 6.62 -6.45
N GLU B 7 -8.74 7.67 -6.70
CA GLU B 7 -8.46 8.62 -7.76
C GLU B 7 -7.50 9.71 -7.28
N VAL B 8 -6.39 9.87 -7.99
CA VAL B 8 -5.39 10.89 -7.65
C VAL B 8 -6.00 12.28 -7.69
N GLY B 9 -6.85 12.53 -8.70
CA GLY B 9 -7.49 13.84 -8.83
C GLY B 9 -6.60 14.87 -9.47
N SER A 10 19.96 -25.43 -1.68
CA SER A 10 21.18 -24.58 -1.80
C SER A 10 20.83 -23.09 -1.78
N ARG A 11 20.24 -22.60 -2.89
CA ARG A 11 19.85 -21.19 -3.02
C ARG A 11 21.08 -20.29 -3.13
N PRO A 12 21.12 -19.42 -4.16
CA PRO A 12 22.24 -18.49 -4.37
C PRO A 12 22.31 -17.41 -3.31
N PRO A 13 23.33 -17.45 -2.43
CA PRO A 13 23.51 -16.47 -1.36
C PRO A 13 23.83 -15.07 -1.90
N SER A 14 22.82 -14.20 -1.96
CA SER A 14 22.98 -12.84 -2.46
C SER A 14 22.43 -11.81 -1.47
N ARG A 15 22.56 -10.53 -1.83
CA ARG A 15 22.08 -9.44 -0.97
C ARG A 15 20.73 -8.91 -1.46
N GLU A 16 19.66 -9.30 -0.78
CA GLU A 16 18.31 -8.87 -1.14
C GLU A 16 17.58 -8.26 0.07
N ILE A 17 16.50 -7.53 -0.19
CA ILE A 17 15.73 -6.89 0.87
C ILE A 17 14.31 -7.48 0.94
N ASP A 18 14.06 -8.28 1.97
CA ASP A 18 12.75 -8.89 2.17
C ASP A 18 11.77 -7.93 2.84
N TYR A 19 10.94 -7.28 2.04
CA TYR A 19 9.96 -6.33 2.56
C TYR A 19 8.93 -7.03 3.45
N THR A 20 8.68 -8.32 3.17
CA THR A 20 7.73 -9.11 3.96
C THR A 20 8.20 -9.25 5.41
N ALA A 21 9.51 -9.25 5.62
CA ALA A 21 10.07 -9.37 6.96
C ALA A 21 9.53 -8.27 7.88
N TYR A 22 9.25 -7.11 7.29
CA TYR A 22 8.72 -5.97 8.04
C TYR A 22 7.18 -6.03 8.04
N PRO A 23 6.55 -5.41 9.06
CA PRO A 23 5.08 -5.39 9.16
C PRO A 23 4.42 -4.67 7.99
N TRP A 24 3.11 -4.44 8.10
CA TRP A 24 2.32 -3.75 7.06
C TRP A 24 2.59 -4.30 5.66
N PHE A 25 3.04 -5.56 5.57
CA PHE A 25 3.31 -6.17 4.28
C PHE A 25 2.73 -7.57 4.19
N ALA A 26 1.78 -7.75 3.27
CA ALA A 26 1.14 -9.05 3.07
C ALA A 26 1.55 -9.66 1.73
N GLY A 27 1.00 -10.83 1.41
CA GLY A 27 1.33 -11.50 0.16
C GLY A 27 0.14 -11.63 -0.78
N ASN A 28 0.06 -12.78 -1.44
CA ASN A 28 -1.03 -13.04 -2.38
C ASN A 28 -2.31 -13.41 -1.64
N MET A 29 -3.03 -12.39 -1.15
CA MET A 29 -4.26 -12.59 -0.40
C MET A 29 -5.47 -12.20 -1.25
N GLU A 30 -6.66 -12.64 -0.81
CA GLU A 30 -7.91 -12.33 -1.52
C GLU A 30 -8.43 -10.95 -1.17
N ARG A 31 -9.18 -10.35 -2.10
CA ARG A 31 -9.76 -9.02 -1.89
C ARG A 31 -10.72 -9.02 -0.70
N GLN A 32 -11.54 -10.07 -0.61
CA GLN A 32 -12.50 -10.20 0.48
C GLN A 32 -11.80 -10.29 1.83
N GLN A 33 -10.62 -10.92 1.85
CA GLN A 33 -9.84 -11.06 3.08
C GLN A 33 -9.42 -9.70 3.61
N THR A 34 -8.66 -8.96 2.80
CA THR A 34 -8.19 -7.64 3.18
C THR A 34 -9.33 -6.78 3.74
N ASP A 35 -10.47 -6.80 3.06
CA ASP A 35 -11.64 -6.02 3.47
C ASP A 35 -12.21 -6.56 4.79
N ASN A 36 -12.42 -7.88 4.85
CA ASN A 36 -12.97 -8.52 6.04
C ASN A 36 -12.07 -8.32 7.25
N LEU A 37 -10.75 -8.39 7.02
CA LEU A 37 -9.78 -8.20 8.09
C LEU A 37 -9.76 -6.76 8.57
N LEU A 38 -9.69 -5.82 7.63
CA LEU A 38 -9.68 -4.40 7.96
C LEU A 38 -10.98 -3.97 8.63
N LYS A 39 -12.07 -4.70 8.36
CA LYS A 39 -13.37 -4.39 8.94
C LYS A 39 -13.31 -4.38 10.46
N SER A 40 -12.72 -5.44 11.03
CA SER A 40 -12.59 -5.55 12.49
C SER A 40 -11.72 -4.43 13.05
N HIS A 41 -10.66 -4.07 12.32
CA HIS A 41 -9.76 -3.01 12.75
C HIS A 41 -10.45 -1.64 12.72
N ALA A 42 -9.78 -0.61 13.25
CA ALA A 42 -10.33 0.74 13.28
C ALA A 42 -9.74 1.61 12.17
N SER A 43 -9.95 2.92 12.27
CA SER A 43 -9.44 3.85 11.27
C SER A 43 -7.93 4.04 11.42
N GLY A 44 -7.22 3.94 10.31
CA GLY A 44 -5.77 4.10 10.33
C GLY A 44 -5.04 2.82 9.93
N THR A 45 -5.76 1.70 9.92
CA THR A 45 -5.18 0.42 9.55
C THR A 45 -4.72 0.42 8.09
N TYR A 46 -3.45 0.09 7.87
CA TYR A 46 -2.89 0.06 6.52
C TYR A 46 -2.12 -1.24 6.24
N LEU A 47 -2.06 -1.63 4.98
CA LEU A 47 -1.36 -2.84 4.57
C LEU A 47 -1.16 -2.90 3.05
N ILE A 48 -0.14 -3.63 2.61
CA ILE A 48 0.16 -3.77 1.19
C ILE A 48 0.21 -5.25 0.78
N ARG A 49 -0.38 -5.57 -0.37
CA ARG A 49 -0.42 -6.95 -0.87
C ARG A 49 0.27 -7.06 -2.22
N GLU A 50 0.57 -8.29 -2.63
CA GLU A 50 1.22 -8.55 -3.92
C GLU A 50 0.21 -8.95 -4.99
N ARG A 51 0.42 -8.47 -6.21
CA ARG A 51 -0.46 -8.77 -7.33
C ARG A 51 0.33 -8.93 -8.62
N PRO A 52 0.64 -10.18 -9.00
CA PRO A 52 1.42 -10.49 -10.22
C PRO A 52 0.79 -9.90 -11.48
N ALA A 53 1.41 -8.86 -12.02
CA ALA A 53 0.93 -8.20 -13.23
C ALA A 53 1.97 -7.26 -13.83
N GLU A 54 1.77 -6.87 -15.09
CA GLU A 54 2.70 -5.96 -15.77
C GLU A 54 2.37 -4.51 -15.44
N ALA A 55 1.08 -4.15 -15.55
CA ALA A 55 0.63 -2.80 -15.27
C ALA A 55 0.88 -2.41 -13.81
N GLU A 56 0.43 -3.27 -12.89
CA GLU A 56 0.62 -3.02 -11.47
C GLU A 56 1.50 -4.10 -10.83
N ARG A 57 2.40 -3.69 -9.95
CA ARG A 57 3.29 -4.64 -9.28
C ARG A 57 2.77 -4.96 -7.87
N PHE A 58 2.23 -3.95 -7.18
CA PHE A 58 1.69 -4.13 -5.84
C PHE A 58 0.38 -3.36 -5.65
N ALA A 59 -0.26 -3.56 -4.49
CA ALA A 59 -1.52 -2.88 -4.18
C ALA A 59 -1.63 -2.55 -2.70
N ILE A 60 -1.76 -1.26 -2.40
CA ILE A 60 -1.88 -0.79 -1.02
C ILE A 60 -3.35 -0.68 -0.58
N SER A 61 -3.59 -0.75 0.73
CA SER A 61 -4.95 -0.66 1.27
C SER A 61 -4.93 0.00 2.65
N ILE A 62 -5.90 0.90 2.90
CA ILE A 62 -6.00 1.61 4.18
C ILE A 62 -7.45 1.82 4.60
N LYS A 63 -7.69 1.79 5.93
CA LYS A 63 -9.03 1.97 6.47
C LYS A 63 -9.22 3.40 7.02
N PHE A 64 -10.19 4.13 6.48
CA PHE A 64 -10.47 5.50 6.92
C PHE A 64 -11.94 5.85 6.73
N ASN A 65 -12.43 6.81 7.53
CA ASN A 65 -13.83 7.25 7.49
C ASN A 65 -14.78 6.05 7.50
N ASP A 66 -14.41 5.02 8.25
CA ASP A 66 -15.20 3.80 8.38
C ASP A 66 -15.43 3.13 7.02
N GLU A 67 -14.37 3.09 6.21
CA GLU A 67 -14.44 2.47 4.88
C GLU A 67 -13.06 2.01 4.42
N VAL A 68 -13.00 0.82 3.81
CA VAL A 68 -11.74 0.28 3.33
C VAL A 68 -11.39 0.85 1.95
N LYS A 69 -10.15 1.29 1.78
CA LYS A 69 -9.70 1.85 0.50
C LYS A 69 -8.48 1.12 -0.02
N HIS A 70 -8.22 1.26 -1.32
CA HIS A 70 -7.08 0.60 -1.97
C HIS A 70 -6.38 1.55 -2.94
N ILE A 71 -5.06 1.43 -3.05
CA ILE A 71 -4.27 2.26 -3.95
C ILE A 71 -3.39 1.41 -4.87
N LYS A 72 -3.67 1.46 -6.17
CA LYS A 72 -2.90 0.70 -7.15
C LYS A 72 -1.47 1.24 -7.28
N VAL A 73 -0.51 0.35 -7.49
CA VAL A 73 0.89 0.73 -7.64
C VAL A 73 1.39 0.51 -9.07
N VAL A 74 1.88 1.58 -9.69
CA VAL A 74 2.39 1.51 -11.06
C VAL A 74 3.91 1.73 -11.09
N GLU A 75 4.63 0.73 -11.57
CA GLU A 75 6.09 0.81 -11.67
C GLU A 75 6.54 0.87 -13.13
N LYS A 76 7.04 2.02 -13.54
CA LYS A 76 7.51 2.22 -14.91
C LYS A 76 8.78 3.06 -14.94
N ASP A 77 9.57 2.90 -16.02
CA ASP A 77 10.82 3.64 -16.17
C ASP A 77 11.79 3.34 -15.02
N ASN A 78 11.71 2.12 -14.48
CA ASN A 78 12.56 1.71 -13.37
C ASN A 78 12.25 2.51 -12.10
N TRP A 79 11.01 3.01 -12.01
CA TRP A 79 10.58 3.79 -10.84
C TRP A 79 9.19 3.35 -10.36
N ILE A 80 8.97 3.44 -9.06
CA ILE A 80 7.69 3.06 -8.46
C ILE A 80 6.92 4.29 -7.94
N HIS A 81 5.60 4.26 -8.09
CA HIS A 81 4.75 5.37 -7.63
C HIS A 81 3.26 5.01 -7.75
N ILE A 82 2.46 5.55 -6.83
CA ILE A 82 1.01 5.30 -6.84
C ILE A 82 0.27 6.39 -7.62
N THR A 83 0.84 7.59 -7.67
CA THR A 83 0.24 8.71 -8.39
C THR A 83 1.06 9.05 -9.63
N GLU A 84 0.74 10.18 -10.27
CA GLU A 84 1.46 10.61 -11.47
C GLU A 84 2.08 11.99 -11.25
N ALA A 85 2.82 12.12 -10.15
CA ALA A 85 3.48 13.38 -9.82
C ALA A 85 4.97 13.17 -9.52
N LYS A 86 5.25 12.31 -8.55
CA LYS A 86 6.65 12.02 -8.16
C LYS A 86 6.97 10.54 -8.38
N LYS A 87 8.27 10.24 -8.49
CA LYS A 87 8.73 8.87 -8.70
C LYS A 87 9.62 8.42 -7.54
N PHE A 88 9.54 7.13 -7.21
CA PHE A 88 10.34 6.55 -6.11
C PHE A 88 11.20 5.40 -6.61
N ASP A 89 12.30 5.12 -5.90
CA ASP A 89 13.21 4.04 -6.26
C ASP A 89 12.68 2.68 -5.79
N SER A 90 11.78 2.70 -4.80
CA SER A 90 11.21 1.47 -4.26
C SER A 90 10.00 1.77 -3.37
N LEU A 91 9.25 0.73 -3.02
CA LEU A 91 8.07 0.88 -2.16
C LEU A 91 8.45 1.50 -0.82
N LEU A 92 9.64 1.14 -0.30
CA LEU A 92 10.12 1.67 0.97
C LEU A 92 10.06 3.20 0.98
N GLU A 93 10.56 3.81 -0.10
CA GLU A 93 10.56 5.26 -0.21
C GLU A 93 9.13 5.80 -0.20
N LEU A 94 8.26 5.18 -1.01
CA LEU A 94 6.86 5.59 -1.08
C LEU A 94 6.19 5.48 0.29
N VAL A 95 6.43 4.38 0.98
CA VAL A 95 5.84 4.16 2.31
C VAL A 95 6.33 5.20 3.31
N GLU A 96 7.65 5.35 3.41
CA GLU A 96 8.24 6.32 4.35
C GLU A 96 7.75 7.74 4.04
N TYR A 97 7.69 8.08 2.76
CA TYR A 97 7.23 9.41 2.35
C TYR A 97 5.78 9.63 2.77
N TYR A 98 4.93 8.62 2.55
CA TYR A 98 3.51 8.72 2.91
C TYR A 98 3.30 8.51 4.41
N GLN A 99 4.27 7.91 5.09
CA GLN A 99 4.16 7.67 6.53
C GLN A 99 4.02 9.00 7.27
N CYS A 100 4.68 10.03 6.75
CA CYS A 100 4.64 11.37 7.35
C CYS A 100 3.66 12.29 6.62
N HIS A 101 3.57 12.15 5.30
CA HIS A 101 2.67 12.99 4.50
C HIS A 101 1.27 12.39 4.45
N SER A 102 0.26 13.26 4.60
CA SER A 102 -1.13 12.82 4.57
C SER A 102 -1.55 12.39 3.17
N LEU A 103 -2.52 11.50 3.12
CA LEU A 103 -3.03 10.98 1.85
C LEU A 103 -3.94 11.99 1.14
N LYS A 104 -4.27 13.09 1.82
CA LYS A 104 -5.14 14.12 1.24
C LYS A 104 -4.43 14.90 0.13
N GLU A 105 -3.10 15.03 0.24
CA GLU A 105 -2.31 15.75 -0.76
C GLU A 105 -2.58 15.23 -2.16
N SER A 106 -2.63 13.90 -2.30
CA SER A 106 -2.88 13.27 -3.60
C SER A 106 -4.35 12.89 -3.73
N PHE A 107 -4.86 12.13 -2.76
CA PHE A 107 -6.25 11.69 -2.77
C PHE A 107 -7.09 12.57 -1.84
N LYS A 108 -7.81 13.53 -2.42
CA LYS A 108 -8.67 14.42 -1.64
C LYS A 108 -9.68 13.63 -0.82
N GLN A 109 -10.12 12.49 -1.34
CA GLN A 109 -11.08 11.63 -0.65
C GLN A 109 -10.50 11.10 0.67
N LEU A 110 -9.17 10.92 0.71
CA LEU A 110 -8.49 10.41 1.90
C LEU A 110 -7.89 11.55 2.73
N ASP A 111 -7.87 11.36 4.05
CA ASP A 111 -7.30 12.36 4.96
C ASP A 111 -6.62 11.70 6.16
N THR A 112 -5.93 10.59 5.91
CA THR A 112 -5.23 9.85 6.97
C THR A 112 -3.82 9.44 6.55
N THR A 113 -3.16 8.68 7.41
CA THR A 113 -1.79 8.19 7.15
C THR A 113 -1.57 6.80 7.74
N LEU A 114 -0.34 6.28 7.59
CA LEU A 114 0.00 4.96 8.12
C LEU A 114 0.15 5.00 9.64
N LYS A 115 -0.89 4.53 10.35
CA LYS A 115 -0.88 4.50 11.81
C LYS A 115 -0.59 3.10 12.34
N TYR A 116 -1.42 2.13 11.97
CA TYR A 116 -1.24 0.75 12.42
C TYR A 116 -1.36 -0.25 11.27
N PRO A 117 -0.48 -1.27 11.25
CA PRO A 117 -0.49 -2.31 10.21
C PRO A 117 -1.74 -3.18 10.29
N TYR A 118 -1.69 -4.34 9.64
CA TYR A 118 -2.83 -5.27 9.63
C TYR A 118 -2.60 -6.43 10.62
N LYS A 119 -1.38 -6.95 10.67
CA LYS A 119 -1.06 -8.06 11.57
C LYS A 119 -0.25 -7.60 12.78
N SER A 120 0.61 -6.60 12.58
CA SER A 120 1.44 -6.06 13.65
C SER A 120 0.70 -4.98 14.43
N ARG A 121 -0.20 -5.41 15.31
CA ARG A 121 -0.99 -4.48 16.12
C ARG A 121 -0.11 -3.81 17.19
N GLU A 122 0.15 -2.50 16.99
CA GLU A 122 0.97 -1.72 17.92
C GLU A 122 2.46 -2.13 17.84
N GLU B 1 -19.07 -8.77 -8.13
CA GLU B 1 -17.90 -8.15 -7.44
C GLU B 1 -17.04 -7.36 -8.42
N GLU B 2 -16.84 -6.08 -8.12
CA GLU B 2 -16.03 -5.21 -8.97
C GLU B 2 -15.13 -4.31 -8.12
N PRO B 3 -13.89 -4.77 -7.85
CA PRO B 3 -12.92 -4.01 -7.04
C PRO B 3 -12.70 -2.59 -7.57
N VAL B 4 -12.53 -1.64 -6.64
CA VAL B 4 -12.31 -0.24 -7.01
C VAL B 4 -11.31 0.41 -6.08
N GLU B 6 -8.60 3.86 -5.09
CA GLU B 6 -8.72 5.30 -4.96
C GLU B 6 -7.91 6.02 -6.04
N GLU B 7 -8.60 6.83 -6.84
CA GLU B 7 -7.95 7.58 -7.91
C GLU B 7 -7.48 8.95 -7.42
N VAL B 8 -6.35 9.41 -7.94
CA VAL B 8 -5.79 10.71 -7.56
C VAL B 8 -6.55 11.86 -8.24
N GLY B 9 -6.65 12.99 -7.53
CA GLY B 9 -7.35 14.15 -8.06
C GLY B 9 -6.40 15.26 -8.46
N SER A 10 19.72 -21.32 -9.08
CA SER A 10 20.34 -20.00 -8.82
C SER A 10 21.51 -20.12 -7.84
N ARG A 11 22.70 -19.72 -8.27
CA ARG A 11 23.89 -19.79 -7.43
C ARG A 11 24.02 -18.55 -6.54
N PRO A 12 24.01 -17.34 -7.13
CA PRO A 12 24.13 -16.08 -6.38
C PRO A 12 23.06 -15.93 -5.28
N PRO A 13 23.47 -16.04 -4.00
CA PRO A 13 22.56 -15.93 -2.86
C PRO A 13 22.26 -14.47 -2.48
N SER A 14 21.01 -14.21 -2.09
CA SER A 14 20.58 -12.86 -1.69
C SER A 14 20.55 -11.91 -2.87
N ARG A 15 19.34 -11.53 -3.31
CA ARG A 15 19.17 -10.62 -4.44
C ARG A 15 18.32 -9.41 -4.06
N GLU A 16 17.19 -9.65 -3.40
CA GLU A 16 16.29 -8.58 -2.98
C GLU A 16 15.88 -8.75 -1.52
N ILE A 17 15.64 -7.62 -0.83
CA ILE A 17 15.24 -7.66 0.58
C ILE A 17 13.81 -8.17 0.73
N ASP A 18 13.60 -9.07 1.69
CA ASP A 18 12.28 -9.63 1.93
C ASP A 18 11.42 -8.67 2.75
N TYR A 19 10.56 -7.92 2.07
CA TYR A 19 9.68 -6.97 2.73
C TYR A 19 8.56 -7.67 3.49
N THR A 20 8.39 -8.97 3.23
CA THR A 20 7.36 -9.78 3.89
C THR A 20 7.55 -9.76 5.41
N ALA A 21 8.80 -9.65 5.86
CA ALA A 21 9.11 -9.62 7.29
C ALA A 21 8.44 -8.45 8.00
N TYR A 22 8.21 -7.35 7.25
CA TYR A 22 7.57 -6.17 7.82
C TYR A 22 6.10 -6.44 8.15
N PRO A 23 5.64 -5.97 9.34
CA PRO A 23 4.24 -6.16 9.79
C PRO A 23 3.21 -5.54 8.84
N TRP A 24 3.64 -4.69 7.92
CA TRP A 24 2.72 -4.04 6.98
C TRP A 24 2.80 -4.69 5.59
N PHE A 25 3.24 -5.95 5.54
CA PHE A 25 3.34 -6.67 4.27
C PHE A 25 2.48 -7.94 4.28
N ALA A 26 1.65 -8.09 3.26
CA ALA A 26 0.78 -9.26 3.12
C ALA A 26 1.10 -10.02 1.83
N GLY A 27 0.70 -11.29 1.78
CA GLY A 27 0.95 -12.11 0.60
C GLY A 27 0.03 -11.76 -0.55
N ASN A 28 -0.39 -12.79 -1.29
CA ASN A 28 -1.29 -12.59 -2.44
C ASN A 28 -2.75 -12.75 -2.01
N MET A 29 -3.13 -12.03 -0.95
CA MET A 29 -4.49 -12.08 -0.43
C MET A 29 -5.45 -11.28 -1.32
N GLU A 30 -6.72 -11.66 -1.29
CA GLU A 30 -7.74 -10.99 -2.10
C GLU A 30 -8.38 -9.83 -1.34
N ARG A 31 -9.11 -8.97 -2.07
CA ARG A 31 -9.78 -7.82 -1.45
C ARG A 31 -10.78 -8.27 -0.41
N GLN A 32 -11.44 -9.40 -0.65
CA GLN A 32 -12.44 -9.95 0.29
C GLN A 32 -11.84 -10.15 1.68
N GLN A 33 -10.57 -10.57 1.73
CA GLN A 33 -9.89 -10.80 3.00
C GLN A 33 -9.52 -9.48 3.66
N THR A 34 -8.73 -8.68 2.95
CA THR A 34 -8.29 -7.38 3.46
C THR A 34 -9.48 -6.56 3.96
N ASP A 35 -10.59 -6.59 3.22
CA ASP A 35 -11.79 -5.85 3.59
C ASP A 35 -12.31 -6.31 4.95
N ASN A 36 -12.42 -7.63 5.12
CA ASN A 36 -12.90 -8.21 6.38
C ASN A 36 -11.86 -8.08 7.50
N LEU A 37 -10.59 -8.22 7.14
CA LEU A 37 -9.49 -8.11 8.11
C LEU A 37 -9.43 -6.69 8.70
N LEU A 38 -9.54 -5.69 7.83
CA LEU A 38 -9.50 -4.29 8.26
C LEU A 38 -10.76 -3.92 9.05
N LYS A 39 -11.86 -4.66 8.83
CA LYS A 39 -13.12 -4.39 9.53
C LYS A 39 -12.92 -4.42 11.04
N SER A 40 -12.23 -5.45 11.53
CA SER A 40 -11.98 -5.59 12.96
C SER A 40 -11.13 -4.43 13.49
N HIS A 41 -10.20 -3.96 12.65
CA HIS A 41 -9.32 -2.85 13.03
C HIS A 41 -10.08 -1.53 13.02
N ALA A 42 -9.41 -0.46 13.47
CA ALA A 42 -10.03 0.86 13.51
C ALA A 42 -9.53 1.75 12.36
N SER A 43 -9.87 3.03 12.42
CA SER A 43 -9.46 3.98 11.38
C SER A 43 -7.97 4.29 11.51
N GLY A 44 -7.22 4.05 10.44
CA GLY A 44 -5.79 4.31 10.46
C GLY A 44 -4.93 3.08 10.16
N THR A 45 -5.58 1.93 9.96
CA THR A 45 -4.86 0.70 9.67
C THR A 45 -4.44 0.65 8.20
N TYR A 46 -3.15 0.37 7.97
CA TYR A 46 -2.60 0.31 6.62
C TYR A 46 -1.95 -1.05 6.35
N LEU A 47 -1.84 -1.41 5.07
CA LEU A 47 -1.24 -2.68 4.66
C LEU A 47 -0.97 -2.71 3.15
N ILE A 48 -0.01 -3.54 2.74
CA ILE A 48 0.34 -3.69 1.33
C ILE A 48 0.42 -5.17 0.93
N ARG A 49 -0.17 -5.50 -0.22
CA ARG A 49 -0.17 -6.87 -0.72
C ARG A 49 0.64 -6.99 -2.00
N GLU A 50 0.91 -8.22 -2.42
CA GLU A 50 1.67 -8.50 -3.63
C GLU A 50 0.76 -9.00 -4.75
N ARG A 51 0.98 -8.47 -5.97
CA ARG A 51 0.18 -8.85 -7.13
C ARG A 51 1.06 -8.97 -8.38
N PRO A 52 1.41 -10.20 -8.80
CA PRO A 52 2.26 -10.42 -9.99
C PRO A 52 1.55 -10.07 -11.29
N ALA A 53 2.00 -9.01 -11.95
CA ALA A 53 1.42 -8.57 -13.23
C ALA A 53 2.30 -7.53 -13.92
N GLU A 54 1.92 -7.17 -15.15
CA GLU A 54 2.67 -6.17 -15.93
C GLU A 54 1.99 -4.80 -15.85
N ALA A 55 1.35 -4.51 -14.71
CA ALA A 55 0.68 -3.24 -14.50
C ALA A 55 0.84 -2.77 -13.06
N GLU A 56 0.46 -3.63 -12.12
CA GLU A 56 0.58 -3.31 -10.69
C GLU A 56 1.24 -4.45 -9.94
N ARG A 57 2.51 -4.26 -9.58
CA ARG A 57 3.26 -5.28 -8.85
C ARG A 57 2.80 -5.39 -7.40
N PHE A 58 2.42 -4.25 -6.81
CA PHE A 58 1.95 -4.22 -5.43
C PHE A 58 0.59 -3.52 -5.32
N ALA A 59 -0.06 -3.70 -4.17
CA ALA A 59 -1.37 -3.09 -3.93
C ALA A 59 -1.51 -2.66 -2.47
N ILE A 60 -1.64 -1.35 -2.25
CA ILE A 60 -1.78 -0.80 -0.90
C ILE A 60 -3.25 -0.66 -0.50
N SER A 61 -3.53 -0.81 0.79
CA SER A 61 -4.89 -0.70 1.32
C SER A 61 -4.90 0.00 2.68
N ILE A 62 -5.94 0.81 2.91
CA ILE A 62 -6.07 1.55 4.17
C ILE A 62 -7.54 1.73 4.57
N LYS A 63 -7.80 1.72 5.88
CA LYS A 63 -9.15 1.89 6.41
C LYS A 63 -9.35 3.30 6.99
N PHE A 64 -10.27 4.06 6.38
CA PHE A 64 -10.57 5.41 6.83
C PHE A 64 -11.92 5.87 6.30
N ASN A 65 -12.53 6.85 7.00
CA ASN A 65 -13.84 7.37 6.60
C ASN A 65 -14.90 6.26 6.62
N ASP A 66 -14.74 5.31 7.53
CA ASP A 66 -15.67 4.19 7.67
C ASP A 66 -15.81 3.41 6.35
N GLU A 67 -14.71 3.34 5.59
CA GLU A 67 -14.70 2.64 4.31
C GLU A 67 -13.28 2.23 3.91
N VAL A 68 -13.13 1.01 3.38
CA VAL A 68 -11.82 0.51 2.96
C VAL A 68 -11.45 1.05 1.57
N LYS A 69 -10.20 1.47 1.42
CA LYS A 69 -9.72 2.00 0.14
C LYS A 69 -8.49 1.23 -0.35
N HIS A 70 -8.21 1.35 -1.66
CA HIS A 70 -7.07 0.66 -2.26
C HIS A 70 -6.26 1.60 -3.17
N ILE A 71 -4.94 1.42 -3.17
CA ILE A 71 -4.05 2.24 -3.98
C ILE A 71 -3.12 1.36 -4.81
N LYS A 72 -3.34 1.34 -6.13
CA LYS A 72 -2.53 0.54 -7.05
C LYS A 72 -1.09 1.04 -7.09
N VAL A 73 -0.15 0.09 -7.24
CA VAL A 73 1.28 0.42 -7.29
C VAL A 73 1.85 0.18 -8.68
N VAL A 74 2.09 1.27 -9.42
CA VAL A 74 2.64 1.19 -10.77
C VAL A 74 4.16 1.28 -10.75
N GLU A 75 4.81 0.33 -11.44
CA GLU A 75 6.27 0.29 -11.52
C GLU A 75 6.74 0.49 -12.96
N LYS A 76 7.30 1.68 -13.24
CA LYS A 76 7.79 2.00 -14.58
C LYS A 76 9.14 2.70 -14.53
N ASP A 77 9.99 2.43 -15.52
CA ASP A 77 11.33 3.03 -15.61
C ASP A 77 12.17 2.68 -14.36
N ASN A 78 11.96 1.48 -13.84
CA ASN A 78 12.67 1.03 -12.65
C ASN A 78 12.32 1.87 -11.42
N TRP A 79 11.15 2.52 -11.48
CA TRP A 79 10.68 3.37 -10.39
C TRP A 79 9.28 2.94 -9.93
N ILE A 80 8.93 3.30 -8.70
CA ILE A 80 7.62 2.95 -8.13
C ILE A 80 6.85 4.21 -7.73
N HIS A 81 5.52 4.18 -7.90
CA HIS A 81 4.67 5.32 -7.54
C HIS A 81 3.19 4.99 -7.75
N ILE A 82 2.35 5.53 -6.87
CA ILE A 82 0.91 5.32 -6.96
C ILE A 82 0.20 6.45 -7.71
N THR A 83 0.80 7.65 -7.65
CA THR A 83 0.24 8.82 -8.32
C THR A 83 0.89 9.04 -9.68
N GLU A 84 0.48 10.10 -10.37
CA GLU A 84 1.04 10.43 -11.69
C GLU A 84 1.79 11.76 -11.63
N ALA A 85 2.65 11.90 -10.64
CA ALA A 85 3.45 13.11 -10.46
C ALA A 85 4.74 12.82 -9.69
N LYS A 86 4.60 12.21 -8.51
CA LYS A 86 5.74 11.86 -7.67
C LYS A 86 6.28 10.49 -8.03
N LYS A 87 7.59 10.31 -7.87
CA LYS A 87 8.24 9.02 -8.16
C LYS A 87 9.06 8.54 -6.96
N PHE A 88 9.18 7.22 -6.83
CA PHE A 88 9.93 6.62 -5.71
C PHE A 88 10.92 5.58 -6.23
N ASP A 89 12.00 5.38 -5.47
CA ASP A 89 13.03 4.41 -5.85
C ASP A 89 12.63 2.98 -5.45
N SER A 90 11.73 2.86 -4.46
CA SER A 90 11.27 1.55 -4.00
C SER A 90 10.05 1.68 -3.09
N LEU A 91 9.44 0.55 -2.74
CA LEU A 91 8.27 0.54 -1.87
C LEU A 91 8.58 1.22 -0.53
N LEU A 92 9.78 0.96 0.00
CA LEU A 92 10.21 1.54 1.27
C LEU A 92 10.10 3.07 1.22
N GLU A 93 10.73 3.67 0.20
CA GLU A 93 10.70 5.12 0.03
C GLU A 93 9.27 5.63 -0.03
N LEU A 94 8.41 4.90 -0.73
CA LEU A 94 7.00 5.29 -0.87
C LEU A 94 6.29 5.20 0.48
N VAL A 95 6.43 4.06 1.16
CA VAL A 95 5.80 3.85 2.47
C VAL A 95 6.30 4.87 3.49
N GLU A 96 7.60 5.17 3.46
CA GLU A 96 8.19 6.14 4.38
C GLU A 96 7.63 7.54 4.13
N TYR A 97 7.52 7.93 2.86
CA TYR A 97 7.00 9.25 2.50
C TYR A 97 5.57 9.43 3.03
N TYR A 98 4.70 8.48 2.70
CA TYR A 98 3.29 8.54 3.14
C TYR A 98 3.18 8.30 4.65
N GLN A 99 4.21 7.72 5.26
CA GLN A 99 4.21 7.47 6.70
C GLN A 99 4.06 8.79 7.46
N CYS A 100 4.64 9.86 6.90
CA CYS A 100 4.57 11.18 7.52
C CYS A 100 3.56 12.08 6.83
N HIS A 101 3.46 11.98 5.50
CA HIS A 101 2.53 12.81 4.73
C HIS A 101 1.14 12.16 4.67
N SER A 102 0.10 12.98 4.88
CA SER A 102 -1.28 12.50 4.85
C SER A 102 -1.73 12.20 3.42
N LEU A 103 -2.61 11.20 3.28
CA LEU A 103 -3.13 10.82 1.97
C LEU A 103 -3.94 11.95 1.33
N LYS A 104 -4.42 12.89 2.15
CA LYS A 104 -5.21 14.02 1.66
C LYS A 104 -4.50 14.78 0.55
N GLU A 105 -3.17 14.77 0.58
CA GLU A 105 -2.36 15.46 -0.43
C GLU A 105 -2.69 14.96 -1.83
N SER A 106 -2.84 13.63 -1.97
CA SER A 106 -3.16 13.03 -3.26
C SER A 106 -4.66 12.76 -3.37
N PHE A 107 -5.22 12.12 -2.35
CA PHE A 107 -6.65 11.81 -2.34
C PHE A 107 -7.39 12.69 -1.33
N LYS A 108 -8.02 13.75 -1.82
CA LYS A 108 -8.76 14.67 -0.94
C LYS A 108 -9.84 13.93 -0.14
N GLN A 109 -10.37 12.83 -0.72
CA GLN A 109 -11.41 12.04 -0.05
C GLN A 109 -10.84 11.29 1.16
N LEU A 110 -9.54 10.99 1.15
CA LEU A 110 -8.90 10.25 2.25
C LEU A 110 -7.93 11.14 3.02
N ASP A 111 -8.09 11.20 4.33
CA ASP A 111 -7.22 12.00 5.20
C ASP A 111 -6.61 11.14 6.31
N THR A 112 -5.93 10.06 5.92
CA THR A 112 -5.32 9.15 6.89
C THR A 112 -3.85 8.86 6.53
N THR A 113 -3.11 8.26 7.47
CA THR A 113 -1.71 7.92 7.27
C THR A 113 -1.39 6.53 7.81
N LEU A 114 -0.16 6.07 7.56
CA LEU A 114 0.28 4.75 8.04
C LEU A 114 0.56 4.79 9.54
N LYS A 115 -0.46 4.48 10.34
CA LYS A 115 -0.33 4.48 11.80
C LYS A 115 -0.10 3.07 12.33
N TYR A 116 -0.94 2.11 11.92
CA TYR A 116 -0.80 0.74 12.39
C TYR A 116 -1.02 -0.26 11.25
N PRO A 117 -0.08 -1.22 11.06
CA PRO A 117 -0.17 -2.25 10.01
C PRO A 117 -1.35 -3.19 10.23
N TYR A 118 -1.53 -4.14 9.31
CA TYR A 118 -2.63 -5.10 9.40
C TYR A 118 -2.43 -6.07 10.58
N LYS A 119 -1.17 -6.37 10.91
CA LYS A 119 -0.86 -7.27 12.02
C LYS A 119 -0.84 -6.52 13.35
N SER A 120 -0.28 -5.32 13.34
CA SER A 120 -0.19 -4.49 14.55
C SER A 120 0.68 -5.18 15.60
N ARG A 121 2.00 -5.12 15.41
CA ARG A 121 2.94 -5.73 16.35
C ARG A 121 3.56 -4.66 17.27
N GLU A 122 2.79 -3.62 17.60
CA GLU A 122 3.26 -2.55 18.46
C GLU A 122 2.88 -2.78 19.93
N GLU B 1 -10.96 -10.01 -13.24
CA GLU B 1 -11.41 -9.18 -12.08
C GLU B 1 -11.11 -7.70 -12.32
N GLU B 2 -12.17 -6.89 -12.40
CA GLU B 2 -12.02 -5.45 -12.63
C GLU B 2 -11.31 -4.79 -11.45
N PRO B 3 -10.07 -4.31 -11.66
CA PRO B 3 -9.28 -3.66 -10.60
C PRO B 3 -9.84 -2.29 -10.21
N VAL B 4 -10.35 -2.19 -8.99
CA VAL B 4 -10.92 -0.94 -8.50
C VAL B 4 -10.03 -0.32 -7.41
N GLU B 6 -8.28 3.75 -5.78
CA GLU B 6 -8.55 5.17 -5.57
C GLU B 6 -7.86 6.03 -6.63
N GLU B 7 -8.45 7.20 -6.91
CA GLU B 7 -7.91 8.12 -7.90
C GLU B 7 -7.66 9.50 -7.29
N VAL B 8 -6.52 10.10 -7.64
CA VAL B 8 -6.15 11.42 -7.12
C VAL B 8 -7.05 12.53 -7.67
N GLY B 9 -7.26 13.56 -6.86
CA GLY B 9 -8.11 14.67 -7.29
C GLY B 9 -7.40 16.02 -7.22
N SER A 10 34.93 -11.18 -9.44
CA SER A 10 35.06 -12.29 -8.44
C SER A 10 33.70 -12.93 -8.15
N ARG A 11 32.89 -13.10 -9.19
CA ARG A 11 31.57 -13.72 -9.06
C ARG A 11 30.68 -12.93 -8.09
N PRO A 12 29.95 -11.91 -8.61
CA PRO A 12 29.07 -11.07 -7.79
C PRO A 12 27.85 -11.85 -7.27
N PRO A 13 27.61 -11.80 -5.94
CA PRO A 13 26.48 -12.49 -5.32
C PRO A 13 25.13 -11.81 -5.62
N SER A 14 24.06 -12.32 -5.01
CA SER A 14 22.73 -11.76 -5.20
C SER A 14 21.91 -11.80 -3.91
N ARG A 15 21.85 -10.67 -3.22
CA ARG A 15 21.11 -10.57 -1.96
C ARG A 15 20.07 -9.47 -2.03
N GLU A 16 18.80 -9.85 -2.17
CA GLU A 16 17.70 -8.90 -2.25
C GLU A 16 17.01 -8.73 -0.89
N ILE A 17 16.07 -7.78 -0.81
CA ILE A 17 15.34 -7.52 0.43
C ILE A 17 13.88 -7.96 0.31
N ASP A 18 13.41 -8.70 1.33
CA ASP A 18 12.04 -9.18 1.34
C ASP A 18 11.13 -8.22 2.11
N TYR A 19 10.42 -7.37 1.37
CA TYR A 19 9.50 -6.41 1.98
C TYR A 19 8.26 -7.10 2.54
N THR A 20 7.95 -8.28 2.00
CA THR A 20 6.79 -9.06 2.46
C THR A 20 6.94 -9.51 3.92
N ALA A 21 8.20 -9.64 4.37
CA ALA A 21 8.47 -10.06 5.74
C ALA A 21 8.00 -9.02 6.77
N TYR A 22 7.86 -7.77 6.32
CA TYR A 22 7.41 -6.69 7.20
C TYR A 22 6.01 -6.95 7.75
N PRO A 23 5.69 -6.39 8.93
CA PRO A 23 4.38 -6.56 9.57
C PRO A 23 3.24 -5.84 8.83
N TRP A 24 3.60 -4.89 7.97
CA TRP A 24 2.60 -4.14 7.19
C TRP A 24 2.61 -4.55 5.71
N PHE A 25 3.19 -5.71 5.42
CA PHE A 25 3.26 -6.22 4.06
C PHE A 25 2.73 -7.64 3.98
N ALA A 26 1.69 -7.85 3.16
CA ALA A 26 1.09 -9.17 2.99
C ALA A 26 1.08 -9.59 1.52
N GLY A 27 1.37 -10.87 1.27
CA GLY A 27 1.39 -11.36 -0.10
C GLY A 27 0.19 -12.24 -0.42
N ASN A 28 -0.34 -12.09 -1.63
CA ASN A 28 -1.49 -12.87 -2.09
C ASN A 28 -2.70 -12.66 -1.17
N MET A 29 -3.43 -11.58 -1.40
CA MET A 29 -4.61 -11.25 -0.60
C MET A 29 -5.83 -11.02 -1.47
N GLU A 30 -6.98 -11.57 -1.04
CA GLU A 30 -8.23 -11.43 -1.79
C GLU A 30 -8.99 -10.17 -1.36
N ARG A 31 -9.93 -9.74 -2.20
CA ARG A 31 -10.75 -8.57 -1.91
C ARG A 31 -11.62 -8.80 -0.68
N GLN A 32 -12.42 -9.89 -0.72
CA GLN A 32 -13.30 -10.22 0.39
C GLN A 32 -12.52 -10.40 1.70
N GLN A 33 -11.28 -10.88 1.58
CA GLN A 33 -10.44 -11.09 2.76
C GLN A 33 -9.94 -9.76 3.31
N THR A 34 -9.20 -9.02 2.50
CA THR A 34 -8.65 -7.73 2.91
C THR A 34 -9.76 -6.80 3.41
N ASP A 35 -10.88 -6.78 2.68
CA ASP A 35 -12.02 -5.94 3.06
C ASP A 35 -12.53 -6.29 4.45
N ASN A 36 -12.69 -7.59 4.70
CA ASN A 36 -13.18 -8.06 6.00
C ASN A 36 -12.11 -7.92 7.08
N LEU A 37 -10.85 -8.15 6.71
CA LEU A 37 -9.75 -8.05 7.65
C LEU A 37 -9.71 -6.67 8.29
N LEU A 38 -9.77 -5.63 7.45
CA LEU A 38 -9.74 -4.25 7.94
C LEU A 38 -11.09 -3.86 8.56
N LYS A 39 -12.17 -4.50 8.10
CA LYS A 39 -13.51 -4.21 8.63
C LYS A 39 -13.56 -4.41 10.15
N SER A 40 -12.81 -5.40 10.64
CA SER A 40 -12.77 -5.70 12.07
C SER A 40 -11.95 -4.64 12.82
N HIS A 41 -10.93 -4.08 12.18
CA HIS A 41 -10.09 -3.07 12.80
C HIS A 41 -10.68 -1.67 12.63
N ALA A 42 -10.16 -0.72 13.41
CA ALA A 42 -10.64 0.66 13.36
C ALA A 42 -9.94 1.44 12.24
N SER A 43 -10.29 2.72 12.12
CA SER A 43 -9.70 3.58 11.09
C SER A 43 -8.20 3.77 11.33
N GLY A 44 -7.44 3.93 10.24
CA GLY A 44 -6.00 4.12 10.36
C GLY A 44 -5.21 2.85 10.03
N THR A 45 -5.89 1.71 9.97
CA THR A 45 -5.24 0.44 9.66
C THR A 45 -4.87 0.35 8.18
N TYR A 46 -3.58 0.14 7.90
CA TYR A 46 -3.09 0.04 6.53
C TYR A 46 -2.43 -1.32 6.26
N LEU A 47 -2.27 -1.65 4.98
CA LEU A 47 -1.65 -2.92 4.59
C LEU A 47 -1.28 -2.91 3.11
N ILE A 48 -0.26 -3.70 2.76
CA ILE A 48 0.20 -3.80 1.37
C ILE A 48 0.03 -5.23 0.85
N ARG A 49 -0.76 -5.36 -0.22
CA ARG A 49 -1.01 -6.67 -0.83
C ARG A 49 -0.11 -6.91 -2.04
N GLU A 50 -0.14 -8.13 -2.56
CA GLU A 50 0.66 -8.51 -3.72
C GLU A 50 -0.18 -9.31 -4.71
N ARG A 51 -0.35 -8.77 -5.92
CA ARG A 51 -1.13 -9.42 -6.97
C ARG A 51 -0.52 -9.18 -8.34
N PRO A 52 -0.62 -10.18 -9.24
CA PRO A 52 -0.08 -10.09 -10.61
C PRO A 52 -0.95 -9.24 -11.53
N ALA A 53 -0.31 -8.63 -12.53
CA ALA A 53 -1.01 -7.77 -13.49
C ALA A 53 -0.11 -7.39 -14.66
N GLU A 54 -0.66 -6.65 -15.62
CA GLU A 54 0.10 -6.21 -16.79
C GLU A 54 0.50 -4.74 -16.65
N ALA A 55 0.74 -4.30 -15.42
CA ALA A 55 1.14 -2.92 -15.15
C ALA A 55 1.46 -2.72 -13.67
N GLU A 56 0.57 -3.20 -12.80
CA GLU A 56 0.74 -3.08 -11.35
C GLU A 56 1.32 -4.36 -10.75
N ARG A 57 2.20 -4.20 -9.76
CA ARG A 57 2.82 -5.34 -9.10
C ARG A 57 2.35 -5.47 -7.66
N PHE A 58 2.15 -4.34 -6.99
CA PHE A 58 1.70 -4.33 -5.60
C PHE A 58 0.45 -3.48 -5.41
N ALA A 59 -0.18 -3.60 -4.25
CA ALA A 59 -1.40 -2.85 -3.93
C ALA A 59 -1.45 -2.50 -2.44
N ILE A 60 -2.10 -1.38 -2.12
CA ILE A 60 -2.21 -0.94 -0.72
C ILE A 60 -3.68 -0.74 -0.32
N SER A 61 -3.96 -0.94 0.98
CA SER A 61 -5.33 -0.79 1.49
C SER A 61 -5.31 -0.15 2.88
N ILE A 62 -6.06 0.94 3.06
CA ILE A 62 -6.13 1.64 4.34
C ILE A 62 -7.58 1.88 4.79
N LYS A 63 -7.78 1.90 6.11
CA LYS A 63 -9.11 2.11 6.69
C LYS A 63 -9.39 3.60 6.89
N PHE A 64 -10.48 4.08 6.29
CA PHE A 64 -10.87 5.49 6.40
C PHE A 64 -12.35 5.68 6.10
N ASN A 65 -13.02 6.53 6.89
CA ASN A 65 -14.44 6.81 6.72
C ASN A 65 -15.25 5.51 6.77
N ASP A 66 -14.95 4.68 7.78
CA ASP A 66 -15.62 3.39 7.95
C ASP A 66 -15.64 2.58 6.65
N GLU A 67 -14.59 2.74 5.85
CA GLU A 67 -14.46 2.03 4.58
C GLU A 67 -13.03 1.58 4.35
N VAL A 68 -12.84 0.70 3.37
CA VAL A 68 -11.51 0.19 3.03
C VAL A 68 -11.05 0.73 1.68
N LYS A 69 -10.12 1.69 1.70
CA LYS A 69 -9.60 2.28 0.47
C LYS A 69 -8.53 1.39 -0.15
N HIS A 70 -8.32 1.54 -1.47
CA HIS A 70 -7.31 0.75 -2.18
C HIS A 70 -6.43 1.64 -3.06
N ILE A 71 -5.12 1.36 -3.06
CA ILE A 71 -4.16 2.13 -3.86
C ILE A 71 -3.28 1.20 -4.69
N LYS A 72 -3.32 1.36 -6.01
CA LYS A 72 -2.51 0.53 -6.92
C LYS A 72 -1.04 1.00 -6.94
N VAL A 73 -0.13 0.04 -6.94
CA VAL A 73 1.30 0.34 -6.97
C VAL A 73 1.91 -0.03 -8.33
N VAL A 74 2.27 1.00 -9.09
CA VAL A 74 2.87 0.80 -10.41
C VAL A 74 4.38 1.08 -10.39
N GLU A 75 5.15 0.19 -11.01
CA GLU A 75 6.60 0.35 -11.07
C GLU A 75 7.09 0.32 -12.52
N LYS A 76 7.49 1.50 -13.01
CA LYS A 76 7.99 1.63 -14.38
C LYS A 76 9.26 2.47 -14.43
N ASP A 77 10.09 2.24 -15.44
CA ASP A 77 11.35 2.97 -15.60
C ASP A 77 12.27 2.76 -14.41
N ASN A 78 12.22 1.55 -13.82
CA ASN A 78 13.03 1.22 -12.66
C ASN A 78 12.70 2.12 -11.46
N TRP A 79 11.45 2.62 -11.44
CA TRP A 79 11.00 3.49 -10.36
C TRP A 79 9.62 3.05 -9.85
N ILE A 80 9.42 3.16 -8.54
CA ILE A 80 8.15 2.78 -7.91
C ILE A 80 7.33 4.01 -7.53
N HIS A 81 6.01 3.92 -7.65
CA HIS A 81 5.12 5.02 -7.31
C HIS A 81 3.65 4.61 -7.41
N ILE A 82 2.86 5.02 -6.42
CA ILE A 82 1.43 4.72 -6.41
C ILE A 82 0.64 5.72 -7.26
N THR A 83 1.17 6.95 -7.37
CA THR A 83 0.53 8.00 -8.14
C THR A 83 1.31 8.26 -9.43
N GLU A 84 0.84 9.24 -10.20
CA GLU A 84 1.50 9.61 -11.47
C GLU A 84 2.09 11.02 -11.39
N ALA A 85 2.64 11.37 -10.22
CA ALA A 85 3.22 12.69 -10.02
C ALA A 85 4.72 12.59 -9.67
N LYS A 86 5.02 11.87 -8.59
CA LYS A 86 6.40 11.69 -8.14
C LYS A 86 6.82 10.23 -8.24
N LYS A 87 8.14 10.00 -8.30
CA LYS A 87 8.69 8.65 -8.39
C LYS A 87 9.51 8.31 -7.15
N PHE A 88 9.65 7.01 -6.88
CA PHE A 88 10.41 6.53 -5.72
C PHE A 88 11.40 5.44 -6.14
N ASP A 89 12.49 5.32 -5.38
CA ASP A 89 13.51 4.31 -5.67
C ASP A 89 13.10 2.93 -5.14
N SER A 90 12.21 2.90 -4.14
CA SER A 90 11.75 1.65 -3.55
C SER A 90 10.50 1.88 -2.70
N LEU A 91 9.82 0.78 -2.37
CA LEU A 91 8.60 0.85 -1.56
C LEU A 91 8.89 1.47 -0.19
N LEU A 92 10.07 1.18 0.36
CA LEU A 92 10.46 1.71 1.66
C LEU A 92 10.38 3.24 1.67
N GLU A 93 11.00 3.86 0.67
CA GLU A 93 11.00 5.32 0.57
C GLU A 93 9.58 5.86 0.43
N LEU A 94 8.73 5.12 -0.26
CA LEU A 94 7.34 5.54 -0.45
C LEU A 94 6.57 5.44 0.86
N VAL A 95 6.77 4.33 1.59
CA VAL A 95 6.09 4.11 2.87
C VAL A 95 6.50 5.16 3.91
N GLU A 96 7.82 5.31 4.11
CA GLU A 96 8.33 6.29 5.08
C GLU A 96 7.88 7.71 4.74
N TYR A 97 7.90 8.04 3.45
CA TYR A 97 7.48 9.37 3.00
C TYR A 97 6.02 9.64 3.37
N TYR A 98 5.14 8.73 2.95
CA TYR A 98 3.70 8.86 3.23
C TYR A 98 3.41 8.67 4.72
N GLN A 99 4.31 7.99 5.43
CA GLN A 99 4.14 7.75 6.86
C GLN A 99 4.07 9.08 7.62
N CYS A 100 4.77 10.09 7.11
CA CYS A 100 4.78 11.41 7.74
C CYS A 100 3.77 12.36 7.09
N HIS A 101 3.63 12.28 5.77
CA HIS A 101 2.69 13.16 5.05
C HIS A 101 1.34 12.48 4.86
N SER A 102 0.26 13.21 5.17
CA SER A 102 -1.10 12.68 5.04
C SER A 102 -1.39 12.26 3.60
N LEU A 103 -2.43 11.42 3.43
CA LEU A 103 -2.82 10.94 2.11
C LEU A 103 -3.77 11.93 1.39
N LYS A 104 -3.93 13.14 1.95
CA LYS A 104 -4.79 14.15 1.35
C LYS A 104 -4.09 14.85 0.18
N GLU A 105 -2.76 14.95 0.25
CA GLU A 105 -1.99 15.60 -0.81
C GLU A 105 -2.24 14.94 -2.17
N SER A 106 -2.19 13.61 -2.21
CA SER A 106 -2.41 12.87 -3.44
C SER A 106 -3.90 12.59 -3.65
N PHE A 107 -4.56 12.09 -2.61
CA PHE A 107 -5.99 11.77 -2.68
C PHE A 107 -6.79 12.70 -1.77
N LYS A 108 -7.38 13.75 -2.35
CA LYS A 108 -8.18 14.70 -1.58
C LYS A 108 -9.32 14.00 -0.83
N GLN A 109 -9.83 12.91 -1.41
CA GLN A 109 -10.90 12.15 -0.79
C GLN A 109 -10.47 11.60 0.58
N LEU A 110 -9.19 11.29 0.71
CA LEU A 110 -8.64 10.76 1.95
C LEU A 110 -7.96 11.85 2.78
N ASP A 111 -7.71 11.55 4.05
CA ASP A 111 -7.06 12.50 4.95
C ASP A 111 -6.46 11.77 6.16
N THR A 112 -5.85 10.61 5.90
CA THR A 112 -5.24 9.80 6.96
C THR A 112 -3.83 9.38 6.57
N THR A 113 -3.17 8.63 7.47
CA THR A 113 -1.80 8.17 7.23
C THR A 113 -1.60 6.74 7.76
N LEU A 114 -0.44 6.16 7.46
CA LEU A 114 -0.13 4.80 7.90
C LEU A 114 0.08 4.76 9.42
N LYS A 115 -0.94 4.31 10.14
CA LYS A 115 -0.88 4.23 11.60
C LYS A 115 -0.52 2.83 12.08
N TYR A 116 -1.41 1.85 11.83
CA TYR A 116 -1.17 0.47 12.26
C TYR A 116 -1.32 -0.51 11.09
N PRO A 117 -0.53 -1.60 11.08
CA PRO A 117 -0.59 -2.61 10.02
C PRO A 117 -1.86 -3.45 10.07
N TYR A 118 -1.96 -4.42 9.16
CA TYR A 118 -3.13 -5.30 9.09
C TYR A 118 -3.28 -6.17 10.34
N LYS A 119 -2.17 -6.66 10.87
CA LYS A 119 -2.20 -7.51 12.06
C LYS A 119 -2.40 -6.68 13.33
N SER A 120 -1.49 -5.74 13.58
CA SER A 120 -1.56 -4.88 14.75
C SER A 120 -1.51 -5.71 16.04
N ARG A 121 -0.51 -6.59 16.14
CA ARG A 121 -0.37 -7.44 17.31
C ARG A 121 1.09 -7.50 17.77
N GLU A 122 1.49 -6.50 18.57
CA GLU A 122 2.86 -6.41 19.08
C GLU A 122 3.85 -6.15 17.94
N GLU B 1 -20.69 -2.51 -9.43
CA GLU B 1 -19.47 -2.63 -8.60
C GLU B 1 -18.21 -2.62 -9.46
N GLU B 2 -17.49 -1.50 -9.45
CA GLU B 2 -16.26 -1.37 -10.23
C GLU B 2 -15.14 -0.78 -9.37
N PRO B 3 -14.44 -1.63 -8.60
CA PRO B 3 -13.34 -1.20 -7.73
C PRO B 3 -12.09 -0.81 -8.52
N VAL B 4 -12.01 0.46 -8.91
CA VAL B 4 -10.88 0.97 -9.66
C VAL B 4 -9.84 1.63 -8.74
N GLU B 6 -8.25 3.98 -5.53
CA GLU B 6 -8.30 5.42 -5.34
C GLU B 6 -7.41 6.14 -6.34
N GLU B 7 -7.98 7.12 -7.03
CA GLU B 7 -7.25 7.90 -8.03
C GLU B 7 -6.93 9.31 -7.52
N VAL B 8 -5.74 9.81 -7.89
CA VAL B 8 -5.32 11.13 -7.46
C VAL B 8 -6.16 12.24 -8.11
N GLY B 9 -6.15 13.42 -7.49
CA GLY B 9 -6.90 14.54 -8.01
C GLY B 9 -6.13 15.36 -9.03
N SER A 10 24.93 -4.20 -12.50
CA SER A 10 25.82 -3.02 -12.29
C SER A 10 26.71 -3.21 -11.07
N ARG A 11 27.54 -2.21 -10.78
CA ARG A 11 28.46 -2.27 -9.64
C ARG A 11 27.69 -2.42 -8.32
N PRO A 12 26.70 -1.53 -8.06
CA PRO A 12 25.91 -1.59 -6.82
C PRO A 12 25.35 -2.98 -6.54
N PRO A 13 25.60 -3.52 -5.33
CA PRO A 13 25.11 -4.85 -4.94
C PRO A 13 23.59 -4.89 -4.77
N SER A 14 22.95 -5.86 -5.42
CA SER A 14 21.49 -6.00 -5.34
C SER A 14 21.06 -6.35 -3.92
N ARG A 15 19.75 -6.24 -3.65
CA ARG A 15 19.22 -6.53 -2.33
C ARG A 15 17.96 -7.39 -2.43
N GLU A 16 18.13 -8.71 -2.29
CA GLU A 16 17.01 -9.64 -2.35
C GLU A 16 16.31 -9.70 -0.99
N ILE A 17 15.75 -8.58 -0.57
CA ILE A 17 15.05 -8.49 0.71
C ILE A 17 13.60 -8.92 0.58
N ASP A 18 13.14 -9.76 1.51
CA ASP A 18 11.77 -10.24 1.50
C ASP A 18 10.84 -9.27 2.24
N TYR A 19 10.24 -8.35 1.50
CA TYR A 19 9.32 -7.37 2.10
C TYR A 19 8.03 -8.03 2.57
N THR A 20 7.71 -9.20 2.03
CA THR A 20 6.50 -9.93 2.41
C THR A 20 6.55 -10.35 3.88
N ALA A 21 7.76 -10.47 4.43
CA ALA A 21 7.94 -10.86 5.83
C ALA A 21 7.47 -9.75 6.79
N TYR A 22 7.43 -8.51 6.30
CA TYR A 22 7.02 -7.38 7.12
C TYR A 22 5.57 -7.53 7.61
N PRO A 23 5.27 -7.07 8.84
CA PRO A 23 3.93 -7.16 9.42
C PRO A 23 2.86 -6.43 8.61
N TRP A 24 3.28 -5.51 7.74
CA TRP A 24 2.35 -4.76 6.90
C TRP A 24 2.33 -5.27 5.46
N PHE A 25 2.89 -6.47 5.24
CA PHE A 25 2.94 -7.06 3.91
C PHE A 25 2.28 -8.43 3.90
N ALA A 26 1.14 -8.53 3.21
CA ALA A 26 0.40 -9.80 3.12
C ALA A 26 0.23 -10.22 1.66
N GLY A 27 1.22 -10.93 1.14
CA GLY A 27 1.16 -11.38 -0.24
C GLY A 27 0.02 -12.36 -0.49
N ASN A 28 -0.63 -12.21 -1.65
CA ASN A 28 -1.74 -13.08 -2.03
C ASN A 28 -2.91 -12.92 -1.05
N MET A 29 -3.83 -12.00 -1.37
CA MET A 29 -4.98 -11.72 -0.53
C MET A 29 -6.26 -11.56 -1.37
N GLU A 30 -7.40 -11.87 -0.75
CA GLU A 30 -8.70 -11.76 -1.43
C GLU A 30 -9.38 -10.43 -1.12
N ARG A 31 -10.40 -10.10 -1.91
CA ARG A 31 -11.16 -8.87 -1.71
C ARG A 31 -11.96 -8.92 -0.42
N GLN A 32 -12.74 -10.01 -0.25
CA GLN A 32 -13.55 -10.20 0.95
C GLN A 32 -12.68 -10.25 2.21
N GLN A 33 -11.48 -10.80 2.08
CA GLN A 33 -10.55 -10.91 3.20
C GLN A 33 -10.11 -9.53 3.67
N THR A 34 -9.48 -8.78 2.76
CA THR A 34 -9.01 -7.43 3.07
C THR A 34 -10.11 -6.59 3.72
N ASP A 35 -11.34 -6.73 3.19
CA ASP A 35 -12.48 -5.98 3.71
C ASP A 35 -12.88 -6.47 5.10
N ASN A 36 -12.92 -7.79 5.28
CA ASN A 36 -13.30 -8.39 6.56
C ASN A 36 -12.24 -8.09 7.63
N LEU A 37 -10.97 -8.12 7.22
CA LEU A 37 -9.87 -7.87 8.14
C LEU A 37 -9.76 -6.38 8.50
N LEU A 38 -10.14 -5.51 7.56
CA LEU A 38 -10.07 -4.06 7.79
C LEU A 38 -11.36 -3.51 8.41
N LYS A 39 -12.50 -4.12 8.10
CA LYS A 39 -13.78 -3.66 8.65
C LYS A 39 -13.76 -3.66 10.19
N SER A 40 -12.98 -4.56 10.77
CA SER A 40 -12.85 -4.65 12.22
C SER A 40 -11.65 -3.84 12.73
N HIS A 41 -11.30 -2.77 12.00
CA HIS A 41 -10.19 -1.91 12.37
C HIS A 41 -10.61 -0.43 12.38
N ALA A 42 -9.73 0.43 12.89
CA ALA A 42 -10.01 1.86 12.96
C ALA A 42 -9.26 2.63 11.88
N SER A 43 -9.45 3.95 11.87
CA SER A 43 -8.78 4.81 10.88
C SER A 43 -7.27 4.80 11.09
N GLY A 44 -6.53 4.68 9.98
CA GLY A 44 -5.09 4.65 10.06
C GLY A 44 -4.50 3.28 9.73
N THR A 45 -5.34 2.25 9.74
CA THR A 45 -4.90 0.89 9.45
C THR A 45 -4.61 0.73 7.95
N TYR A 46 -3.47 0.13 7.64
CA TYR A 46 -3.07 -0.08 6.24
C TYR A 46 -2.50 -1.48 6.03
N LEU A 47 -2.42 -1.90 4.76
CA LEU A 47 -1.89 -3.21 4.40
C LEU A 47 -1.60 -3.30 2.91
N ILE A 48 -0.64 -4.16 2.55
CA ILE A 48 -0.25 -4.35 1.15
C ILE A 48 -0.42 -5.80 0.73
N ARG A 49 -1.00 -6.00 -0.45
CA ARG A 49 -1.23 -7.34 -1.00
C ARG A 49 -0.57 -7.50 -2.37
N GLU A 50 -0.33 -8.76 -2.76
CA GLU A 50 0.29 -9.06 -4.05
C GLU A 50 -0.75 -9.57 -5.05
N ARG A 51 -0.57 -9.20 -6.32
CA ARG A 51 -1.49 -9.61 -7.38
C ARG A 51 -0.74 -9.77 -8.71
N PRO A 52 -0.96 -10.92 -9.41
CA PRO A 52 -0.30 -11.19 -10.69
C PRO A 52 -0.69 -10.20 -11.78
N ALA A 53 0.28 -9.37 -12.19
CA ALA A 53 0.04 -8.36 -13.23
C ALA A 53 1.36 -7.78 -13.75
N GLU A 54 1.26 -6.90 -14.74
CA GLU A 54 2.44 -6.26 -15.33
C GLU A 54 2.61 -4.83 -14.80
N ALA A 55 1.64 -3.96 -15.11
CA ALA A 55 1.68 -2.57 -14.66
C ALA A 55 1.61 -2.48 -13.15
N GLU A 56 0.67 -3.22 -12.55
CA GLU A 56 0.49 -3.22 -11.10
C GLU A 56 1.29 -4.35 -10.46
N ARG A 57 2.24 -3.99 -9.60
CA ARG A 57 3.08 -4.97 -8.91
C ARG A 57 2.49 -5.35 -7.56
N PHE A 58 2.02 -4.34 -6.81
CA PHE A 58 1.43 -4.57 -5.49
C PHE A 58 0.23 -3.65 -5.26
N ALA A 59 -0.65 -4.05 -4.33
CA ALA A 59 -1.83 -3.25 -4.01
C ALA A 59 -1.89 -2.91 -2.52
N ILE A 60 -2.35 -1.70 -2.21
CA ILE A 60 -2.45 -1.24 -0.83
C ILE A 60 -3.90 -0.99 -0.41
N SER A 61 -4.19 -1.17 0.87
CA SER A 61 -5.54 -0.97 1.40
C SER A 61 -5.49 -0.23 2.74
N ILE A 62 -6.10 0.96 2.78
CA ILE A 62 -6.12 1.77 4.00
C ILE A 62 -7.55 2.11 4.43
N LYS A 63 -7.75 2.23 5.75
CA LYS A 63 -9.06 2.55 6.32
C LYS A 63 -9.16 4.03 6.71
N PHE A 64 -10.22 4.69 6.26
CA PHE A 64 -10.45 6.10 6.56
C PHE A 64 -11.94 6.43 6.54
N ASN A 65 -12.42 7.06 7.61
CA ASN A 65 -13.84 7.43 7.72
C ASN A 65 -14.73 6.19 7.57
N ASP A 66 -14.31 5.09 8.20
CA ASP A 66 -15.05 3.83 8.16
C ASP A 66 -15.25 3.35 6.72
N GLU A 67 -14.25 3.60 5.87
CA GLU A 67 -14.31 3.19 4.47
C GLU A 67 -12.99 2.54 4.06
N VAL A 68 -13.06 1.29 3.60
CA VAL A 68 -11.87 0.57 3.17
C VAL A 68 -11.48 0.97 1.74
N LYS A 69 -10.44 1.80 1.64
CA LYS A 69 -9.96 2.27 0.34
C LYS A 69 -8.84 1.40 -0.20
N HIS A 70 -8.64 1.42 -1.52
CA HIS A 70 -7.60 0.62 -2.15
C HIS A 70 -6.71 1.49 -3.04
N ILE A 71 -5.39 1.26 -2.96
CA ILE A 71 -4.41 2.02 -3.75
C ILE A 71 -3.44 1.09 -4.47
N LYS A 72 -3.52 1.03 -5.80
CA LYS A 72 -2.65 0.18 -6.59
C LYS A 72 -1.26 0.81 -6.78
N VAL A 73 -0.25 -0.04 -6.94
CA VAL A 73 1.13 0.43 -7.13
C VAL A 73 1.59 0.19 -8.56
N VAL A 74 1.92 1.27 -9.27
CA VAL A 74 2.37 1.18 -10.66
C VAL A 74 3.87 1.48 -10.76
N GLU A 75 4.62 0.53 -11.33
CA GLU A 75 6.06 0.69 -11.51
C GLU A 75 6.40 1.15 -12.93
N LYS A 76 7.06 2.31 -13.04
CA LYS A 76 7.44 2.85 -14.35
C LYS A 76 8.70 3.71 -14.25
N ASP A 77 9.41 3.84 -15.38
CA ASP A 77 10.64 4.63 -15.43
C ASP A 77 11.69 4.10 -14.46
N ASN A 78 11.70 2.78 -14.25
CA ASN A 78 12.64 2.16 -13.34
C ASN A 78 12.44 2.66 -11.90
N TRP A 79 11.21 3.10 -11.60
CA TRP A 79 10.88 3.62 -10.27
C TRP A 79 9.55 3.05 -9.78
N ILE A 80 9.28 3.20 -8.49
CA ILE A 80 8.04 2.71 -7.89
C ILE A 80 7.22 3.86 -7.30
N HIS A 81 5.89 3.81 -7.51
CA HIS A 81 5.00 4.85 -6.99
C HIS A 81 3.53 4.51 -7.28
N ILE A 82 2.66 4.82 -6.32
CA ILE A 82 1.22 4.55 -6.48
C ILE A 82 0.54 5.65 -7.29
N THR A 83 1.06 6.88 -7.21
CA THR A 83 0.49 8.01 -7.94
C THR A 83 1.39 8.41 -9.10
N GLU A 84 0.96 9.41 -9.88
CA GLU A 84 1.74 9.88 -11.02
C GLU A 84 2.37 11.24 -10.74
N ALA A 85 2.86 11.43 -9.51
CA ALA A 85 3.51 12.68 -9.11
C ALA A 85 4.83 12.42 -8.41
N LYS A 86 4.79 11.66 -7.32
CA LYS A 86 6.00 11.34 -6.55
C LYS A 86 6.64 10.05 -7.07
N LYS A 87 7.90 9.82 -6.68
CA LYS A 87 8.64 8.63 -7.09
C LYS A 87 9.44 8.03 -5.93
N PHE A 88 9.71 6.73 -6.02
CA PHE A 88 10.45 6.03 -4.97
C PHE A 88 11.39 4.99 -5.57
N ASP A 89 12.46 4.67 -4.84
CA ASP A 89 13.43 3.68 -5.28
C ASP A 89 12.98 2.25 -4.97
N SER A 90 12.08 2.10 -4.01
CA SER A 90 11.57 0.79 -3.62
C SER A 90 10.34 0.91 -2.72
N LEU A 91 9.80 -0.23 -2.29
CA LEU A 91 8.64 -0.25 -1.42
C LEU A 91 8.91 0.46 -0.11
N LEU A 92 10.09 0.23 0.46
CA LEU A 92 10.49 0.87 1.72
C LEU A 92 10.41 2.39 1.61
N GLU A 93 10.95 2.92 0.52
CA GLU A 93 10.94 4.36 0.27
C GLU A 93 9.50 4.87 0.15
N LEU A 94 8.64 4.07 -0.46
CA LEU A 94 7.23 4.45 -0.63
C LEU A 94 6.51 4.45 0.72
N VAL A 95 6.71 3.39 1.51
CA VAL A 95 6.08 3.28 2.82
C VAL A 95 6.58 4.36 3.78
N GLU A 96 7.89 4.54 3.84
CA GLU A 96 8.48 5.56 4.74
C GLU A 96 7.98 6.97 4.38
N TYR A 97 7.93 7.28 3.09
CA TYR A 97 7.48 8.59 2.64
C TYR A 97 6.02 8.83 3.04
N TYR A 98 5.14 7.91 2.67
CA TYR A 98 3.71 8.03 2.99
C TYR A 98 3.46 7.87 4.49
N GLN A 99 4.39 7.23 5.20
CA GLN A 99 4.24 7.03 6.64
C GLN A 99 4.17 8.39 7.35
N CYS A 100 4.87 9.39 6.80
CA CYS A 100 4.88 10.73 7.37
C CYS A 100 3.97 11.68 6.59
N HIS A 101 3.95 11.55 5.26
CA HIS A 101 3.12 12.41 4.42
C HIS A 101 1.69 11.86 4.31
N SER A 102 0.71 12.75 4.39
CA SER A 102 -0.70 12.36 4.31
C SER A 102 -1.11 12.10 2.86
N LEU A 103 -2.06 11.19 2.69
CA LEU A 103 -2.56 10.85 1.36
C LEU A 103 -3.32 12.03 0.73
N LYS A 104 -3.75 12.99 1.56
CA LYS A 104 -4.47 14.17 1.07
C LYS A 104 -3.73 14.86 -0.08
N GLU A 105 -2.39 14.78 -0.05
CA GLU A 105 -1.57 15.39 -1.09
C GLU A 105 -1.96 14.91 -2.48
N SER A 106 -2.26 13.62 -2.59
CA SER A 106 -2.65 13.03 -3.86
C SER A 106 -4.16 12.77 -3.91
N PHE A 107 -4.67 12.08 -2.89
CA PHE A 107 -6.09 11.76 -2.81
C PHE A 107 -6.79 12.72 -1.86
N LYS A 108 -7.52 13.69 -2.42
CA LYS A 108 -8.23 14.68 -1.61
C LYS A 108 -9.26 14.00 -0.70
N GLN A 109 -9.84 12.90 -1.18
CA GLN A 109 -10.83 12.14 -0.40
C GLN A 109 -10.22 11.58 0.88
N LEU A 110 -8.91 11.27 0.83
CA LEU A 110 -8.21 10.71 1.99
C LEU A 110 -7.43 11.80 2.74
N ASP A 111 -7.22 11.57 4.04
CA ASP A 111 -6.47 12.51 4.88
C ASP A 111 -5.83 11.79 6.07
N THR A 112 -5.38 10.55 5.84
CA THR A 112 -4.75 9.75 6.88
C THR A 112 -3.40 9.20 6.41
N THR A 113 -2.58 8.78 7.37
CA THR A 113 -1.26 8.22 7.07
C THR A 113 -1.14 6.80 7.60
N LEU A 114 -0.15 6.06 7.11
CA LEU A 114 0.08 4.67 7.54
C LEU A 114 0.47 4.64 9.02
N LYS A 115 -0.45 4.20 9.87
CA LYS A 115 -0.20 4.13 11.31
C LYS A 115 0.00 2.69 11.79
N TYR A 116 -1.04 1.86 11.65
CA TYR A 116 -0.97 0.47 12.09
C TYR A 116 -1.21 -0.51 10.94
N PRO A 117 -0.50 -1.66 10.94
CA PRO A 117 -0.64 -2.69 9.90
C PRO A 117 -1.91 -3.53 10.07
N TYR A 118 -2.04 -4.58 9.26
CA TYR A 118 -3.19 -5.47 9.33
C TYR A 118 -3.08 -6.46 10.48
N LYS A 119 -1.88 -7.03 10.65
CA LYS A 119 -1.64 -8.01 11.72
C LYS A 119 -1.47 -7.30 13.07
N SER A 120 -0.55 -6.33 13.11
CA SER A 120 -0.27 -5.55 14.32
C SER A 120 0.43 -6.40 15.38
N ARG A 121 1.52 -5.87 15.94
CA ARG A 121 2.29 -6.58 16.96
C ARG A 121 2.70 -5.64 18.10
N GLU A 122 1.96 -4.55 18.28
CA GLU A 122 2.24 -3.58 19.34
C GLU A 122 3.52 -2.77 19.03
N GLU B 1 -11.70 -9.43 -12.95
CA GLU B 1 -12.61 -8.28 -12.66
C GLU B 1 -11.82 -7.05 -12.23
N GLU B 2 -11.80 -6.03 -13.08
CA GLU B 2 -11.07 -4.79 -12.78
C GLU B 2 -11.66 -4.10 -11.54
N PRO B 3 -10.90 -4.07 -10.43
CA PRO B 3 -11.35 -3.45 -9.18
C PRO B 3 -11.52 -1.94 -9.30
N VAL B 4 -11.92 -1.30 -8.20
CA VAL B 4 -12.12 0.14 -8.17
C VAL B 4 -11.25 0.79 -7.10
N GLU B 6 -8.70 3.79 -5.39
CA GLU B 6 -8.87 5.22 -5.17
C GLU B 6 -8.17 6.03 -6.26
N GLU B 7 -8.92 6.94 -6.89
CA GLU B 7 -8.38 7.78 -7.94
C GLU B 7 -7.83 9.08 -7.36
N VAL B 8 -6.67 9.51 -7.84
CA VAL B 8 -6.04 10.73 -7.36
C VAL B 8 -6.89 11.96 -7.66
N GLY B 9 -7.60 12.44 -6.65
CA GLY B 9 -8.45 13.61 -6.81
C GLY B 9 -9.87 13.25 -7.19
N SER A 10 30.48 -10.50 0.61
CA SER A 10 31.42 -11.08 -0.39
C SER A 10 32.14 -10.01 -1.18
N ARG A 11 31.37 -9.08 -1.76
CA ARG A 11 31.93 -7.98 -2.55
C ARG A 11 30.83 -7.01 -3.01
N PRO A 12 29.84 -7.50 -3.78
CA PRO A 12 28.74 -6.67 -4.27
C PRO A 12 27.78 -6.25 -3.16
N PRO A 13 27.30 -4.99 -3.19
CA PRO A 13 26.36 -4.46 -2.18
C PRO A 13 25.11 -5.32 -2.02
N SER A 14 24.46 -5.22 -0.86
CA SER A 14 23.26 -5.99 -0.58
C SER A 14 22.08 -5.51 -1.42
N ARG A 15 20.98 -6.24 -1.38
CA ARG A 15 19.78 -5.89 -2.15
C ARG A 15 18.59 -6.78 -1.77
N GLU A 16 18.84 -8.08 -1.57
CA GLU A 16 17.80 -9.03 -1.20
C GLU A 16 17.21 -8.69 0.17
N ILE A 17 16.04 -8.06 0.16
CA ILE A 17 15.36 -7.68 1.39
C ILE A 17 14.00 -8.38 1.50
N ASP A 18 13.72 -8.95 2.68
CA ASP A 18 12.46 -9.65 2.92
C ASP A 18 11.34 -8.67 3.26
N TYR A 19 10.69 -8.15 2.22
CA TYR A 19 9.58 -7.20 2.41
C TYR A 19 8.40 -7.88 3.10
N THR A 20 8.24 -9.19 2.87
CA THR A 20 7.16 -9.95 3.49
C THR A 20 7.35 -10.08 5.00
N ALA A 21 8.61 -9.99 5.45
CA ALA A 21 8.93 -10.10 6.88
C ALA A 21 8.16 -9.08 7.71
N TYR A 22 7.89 -7.91 7.12
CA TYR A 22 7.16 -6.85 7.82
C TYR A 22 5.71 -7.25 8.10
N PRO A 23 5.14 -6.77 9.22
CA PRO A 23 3.75 -7.08 9.59
C PRO A 23 2.72 -6.43 8.67
N TRP A 24 3.06 -5.24 8.14
CA TRP A 24 2.15 -4.52 7.24
C TRP A 24 2.13 -5.12 5.84
N PHE A 25 3.17 -5.89 5.49
CA PHE A 25 3.26 -6.51 4.18
C PHE A 25 2.47 -7.82 4.12
N ALA A 26 1.68 -8.01 3.05
CA ALA A 26 0.88 -9.22 2.87
C ALA A 26 0.80 -9.63 1.40
N GLY A 27 1.76 -10.41 0.94
CA GLY A 27 1.77 -10.86 -0.44
C GLY A 27 0.67 -11.86 -0.74
N ASN A 28 0.01 -11.68 -1.88
CA ASN A 28 -1.07 -12.57 -2.31
C ASN A 28 -2.25 -12.52 -1.34
N MET A 29 -3.28 -11.75 -1.70
CA MET A 29 -4.48 -11.63 -0.85
C MET A 29 -5.68 -11.14 -1.66
N GLU A 30 -6.85 -11.72 -1.38
CA GLU A 30 -8.08 -11.35 -2.08
C GLU A 30 -8.73 -10.13 -1.42
N ARG A 31 -9.62 -9.46 -2.17
CA ARG A 31 -10.31 -8.28 -1.66
C ARG A 31 -11.26 -8.64 -0.52
N GLN A 32 -11.83 -9.85 -0.58
CA GLN A 32 -12.76 -10.30 0.46
C GLN A 32 -12.09 -10.34 1.82
N GLN A 33 -10.85 -10.82 1.86
CA GLN A 33 -10.09 -10.91 3.10
C GLN A 33 -9.75 -9.52 3.62
N THR A 34 -9.03 -8.76 2.80
CA THR A 34 -8.62 -7.40 3.16
C THR A 34 -9.81 -6.57 3.65
N ASP A 35 -10.95 -6.75 3.00
CA ASP A 35 -12.17 -6.01 3.36
C ASP A 35 -12.70 -6.46 4.73
N ASN A 36 -12.80 -7.77 4.93
CA ASN A 36 -13.30 -8.32 6.20
C ASN A 36 -12.29 -8.12 7.32
N LEU A 37 -10.99 -8.16 6.97
CA LEU A 37 -9.92 -7.98 7.95
C LEU A 37 -9.90 -6.53 8.46
N LEU A 38 -9.91 -5.58 7.54
CA LEU A 38 -9.89 -4.16 7.90
C LEU A 38 -11.19 -3.75 8.58
N LYS A 39 -12.27 -4.49 8.30
CA LYS A 39 -13.58 -4.19 8.91
C LYS A 39 -13.49 -4.14 10.43
N SER A 40 -12.79 -5.11 11.01
CA SER A 40 -12.62 -5.19 12.46
C SER A 40 -11.64 -4.11 12.96
N HIS A 41 -10.65 -3.78 12.13
CA HIS A 41 -9.64 -2.79 12.47
C HIS A 41 -10.26 -1.38 12.55
N ALA A 42 -9.56 -0.48 13.26
CA ALA A 42 -10.03 0.90 13.41
C ALA A 42 -9.80 1.70 12.12
N SER A 43 -9.97 3.02 12.20
CA SER A 43 -9.77 3.88 11.04
C SER A 43 -8.32 4.37 10.94
N GLY A 44 -7.37 3.49 11.27
CA GLY A 44 -5.96 3.85 11.20
C GLY A 44 -5.08 2.65 10.89
N THR A 45 -5.66 1.64 10.24
CA THR A 45 -4.93 0.42 9.88
C THR A 45 -4.66 0.37 8.38
N TYR A 46 -3.42 0.02 8.02
CA TYR A 46 -3.02 -0.07 6.61
C TYR A 46 -2.37 -1.42 6.30
N LEU A 47 -2.33 -1.77 5.01
CA LEU A 47 -1.73 -3.02 4.56
C LEU A 47 -1.49 -3.02 3.05
N ILE A 48 -0.62 -3.92 2.58
CA ILE A 48 -0.31 -4.02 1.15
C ILE A 48 -0.49 -5.45 0.66
N ARG A 49 -1.18 -5.61 -0.47
CA ARG A 49 -1.43 -6.93 -1.05
C ARG A 49 -1.07 -6.96 -2.54
N GLU A 50 -0.52 -8.08 -3.00
CA GLU A 50 -0.14 -8.23 -4.40
C GLU A 50 -1.20 -9.02 -5.18
N ARG A 51 -1.29 -8.73 -6.48
CA ARG A 51 -2.26 -9.40 -7.34
C ARG A 51 -1.69 -9.59 -8.75
N PRO A 52 -2.03 -10.71 -9.42
CA PRO A 52 -1.55 -11.00 -10.78
C PRO A 52 -1.84 -9.87 -11.77
N ALA A 53 -0.80 -9.08 -12.08
CA ALA A 53 -0.94 -7.97 -13.02
C ALA A 53 0.43 -7.45 -13.48
N GLU A 54 0.44 -6.78 -14.63
CA GLU A 54 1.68 -6.23 -15.18
C GLU A 54 1.78 -4.73 -14.90
N ALA A 55 0.65 -4.02 -14.96
CA ALA A 55 0.62 -2.58 -14.72
C ALA A 55 0.78 -2.28 -13.23
N GLU A 56 -0.02 -2.96 -12.40
CA GLU A 56 0.03 -2.76 -10.96
C GLU A 56 0.94 -3.80 -10.29
N ARG A 57 2.00 -3.31 -9.64
CA ARG A 57 2.93 -4.20 -8.95
C ARG A 57 2.36 -4.64 -7.60
N PHE A 58 1.69 -3.72 -6.90
CA PHE A 58 1.09 -4.02 -5.60
C PHE A 58 -0.18 -3.20 -5.38
N ALA A 59 -0.91 -3.53 -4.31
CA ALA A 59 -2.15 -2.84 -3.98
C ALA A 59 -2.22 -2.54 -2.49
N ILE A 60 -2.17 -1.25 -2.15
CA ILE A 60 -2.23 -0.82 -0.75
C ILE A 60 -3.67 -0.54 -0.32
N SER A 61 -3.99 -0.89 0.92
CA SER A 61 -5.34 -0.68 1.45
C SER A 61 -5.31 -0.09 2.85
N ILE A 62 -6.17 0.90 3.11
CA ILE A 62 -6.24 1.55 4.41
C ILE A 62 -7.69 1.85 4.81
N LYS A 63 -7.98 1.73 6.11
CA LYS A 63 -9.32 1.99 6.64
C LYS A 63 -9.46 3.44 7.09
N PHE A 64 -10.26 4.21 6.38
CA PHE A 64 -10.48 5.63 6.71
C PHE A 64 -11.93 6.02 6.48
N ASN A 65 -12.54 6.67 7.48
CA ASN A 65 -13.93 7.11 7.40
C ASN A 65 -14.85 5.91 7.16
N ASP A 66 -14.55 4.80 7.83
CA ASP A 66 -15.33 3.56 7.70
C ASP A 66 -15.43 3.11 6.25
N GLU A 67 -14.39 3.40 5.46
CA GLU A 67 -14.35 3.02 4.06
C GLU A 67 -12.99 2.40 3.72
N VAL A 68 -13.00 1.16 3.24
CA VAL A 68 -11.77 0.48 2.87
C VAL A 68 -11.31 0.90 1.48
N LYS A 69 -10.40 1.87 1.43
CA LYS A 69 -9.87 2.38 0.16
C LYS A 69 -8.65 1.58 -0.29
N HIS A 70 -8.40 1.57 -1.60
CA HIS A 70 -7.26 0.85 -2.16
C HIS A 70 -6.45 1.74 -3.10
N ILE A 71 -5.13 1.61 -3.03
CA ILE A 71 -4.23 2.40 -3.88
C ILE A 71 -3.25 1.49 -4.63
N LYS A 72 -3.53 1.28 -5.93
CA LYS A 72 -2.68 0.44 -6.76
C LYS A 72 -1.30 1.08 -6.98
N VAL A 73 -0.27 0.25 -7.03
CA VAL A 73 1.11 0.74 -7.22
C VAL A 73 1.55 0.54 -8.67
N VAL A 74 1.74 1.65 -9.38
CA VAL A 74 2.17 1.61 -10.78
C VAL A 74 3.69 1.71 -10.90
N GLU A 75 4.31 0.62 -11.36
CA GLU A 75 5.76 0.58 -11.53
C GLU A 75 6.14 0.68 -13.01
N LYS A 76 6.62 1.85 -13.41
CA LYS A 76 7.02 2.08 -14.81
C LYS A 76 8.30 2.93 -14.89
N ASP A 77 8.98 2.87 -16.03
CA ASP A 77 10.23 3.63 -16.24
C ASP A 77 11.29 3.21 -15.23
N ASN A 78 11.23 1.95 -14.79
CA ASN A 78 12.19 1.44 -13.82
C ASN A 78 12.02 2.12 -12.46
N TRP A 79 10.84 2.69 -12.21
CA TRP A 79 10.57 3.38 -10.95
C TRP A 79 9.23 2.91 -10.35
N ILE A 80 9.01 3.23 -9.08
CA ILE A 80 7.78 2.86 -8.39
C ILE A 80 7.04 4.10 -7.85
N HIS A 81 5.75 4.18 -8.10
CA HIS A 81 4.94 5.32 -7.64
C HIS A 81 3.45 5.05 -7.80
N ILE A 82 2.66 5.46 -6.80
CA ILE A 82 1.22 5.28 -6.82
C ILE A 82 0.52 6.39 -7.62
N THR A 83 1.13 7.58 -7.65
CA THR A 83 0.57 8.72 -8.37
C THR A 83 1.67 9.44 -9.18
N GLU A 84 1.31 10.55 -9.83
CA GLU A 84 2.25 11.32 -10.62
C GLU A 84 2.80 12.51 -9.83
N ALA A 85 2.89 12.34 -8.50
CA ALA A 85 3.41 13.39 -7.63
C ALA A 85 4.92 13.27 -7.46
N LYS A 86 5.42 12.04 -7.37
CA LYS A 86 6.86 11.78 -7.20
C LYS A 86 7.18 10.31 -7.44
N LYS A 87 8.40 10.06 -7.95
CA LYS A 87 8.85 8.69 -8.22
C LYS A 87 9.69 8.15 -7.07
N PHE A 88 9.75 6.83 -6.94
CA PHE A 88 10.53 6.18 -5.88
C PHE A 88 11.39 5.06 -6.45
N ASP A 89 12.48 4.76 -5.75
CA ASP A 89 13.41 3.71 -6.18
C ASP A 89 12.87 2.33 -5.79
N SER A 90 12.03 2.28 -4.75
CA SER A 90 11.46 1.01 -4.29
C SER A 90 10.19 1.26 -3.46
N LEU A 91 9.40 0.20 -3.27
CA LEU A 91 8.16 0.29 -2.49
C LEU A 91 8.43 0.75 -1.06
N LEU A 92 9.56 0.29 -0.50
CA LEU A 92 9.93 0.65 0.86
C LEU A 92 10.02 2.17 1.01
N GLU A 93 10.71 2.81 0.07
CA GLU A 93 10.88 4.27 0.07
C GLU A 93 9.51 4.95 0.00
N LEU A 94 8.64 4.45 -0.88
CA LEU A 94 7.30 5.00 -1.04
C LEU A 94 6.52 4.90 0.25
N VAL A 95 6.53 3.71 0.87
CA VAL A 95 5.82 3.48 2.12
C VAL A 95 6.36 4.39 3.23
N GLU A 96 7.68 4.43 3.37
CA GLU A 96 8.33 5.26 4.39
C GLU A 96 7.97 6.73 4.19
N TYR A 97 8.00 7.19 2.93
CA TYR A 97 7.69 8.58 2.62
C TYR A 97 6.26 8.92 3.03
N TYR A 98 5.30 8.07 2.65
CA TYR A 98 3.90 8.29 2.98
C TYR A 98 3.61 7.94 4.45
N GLN A 99 4.49 7.16 5.08
CA GLN A 99 4.31 6.79 6.48
C GLN A 99 4.24 8.04 7.36
N CYS A 100 4.96 9.09 6.97
CA CYS A 100 4.98 10.34 7.70
C CYS A 100 4.10 11.41 7.04
N HIS A 101 4.10 11.43 5.70
CA HIS A 101 3.31 12.41 4.95
C HIS A 101 1.85 11.96 4.80
N SER A 102 0.93 12.93 4.82
CA SER A 102 -0.51 12.64 4.69
C SER A 102 -0.87 12.20 3.28
N LEU A 103 -1.88 11.34 3.17
CA LEU A 103 -2.34 10.84 1.88
C LEU A 103 -3.17 11.89 1.13
N LYS A 104 -3.68 12.89 1.86
CA LYS A 104 -4.49 13.96 1.26
C LYS A 104 -3.76 14.62 0.09
N GLU A 105 -2.43 14.68 0.18
CA GLU A 105 -1.62 15.28 -0.88
C GLU A 105 -1.87 14.62 -2.24
N SER A 106 -2.12 13.31 -2.22
CA SER A 106 -2.38 12.56 -3.45
C SER A 106 -3.87 12.33 -3.64
N PHE A 107 -4.52 11.76 -2.63
CA PHE A 107 -5.95 11.48 -2.70
C PHE A 107 -6.71 12.36 -1.71
N LYS A 108 -7.52 13.29 -2.23
CA LYS A 108 -8.30 14.20 -1.40
C LYS A 108 -9.24 13.43 -0.48
N GLN A 109 -9.75 12.29 -0.97
CA GLN A 109 -10.68 11.46 -0.19
C GLN A 109 -9.98 10.85 1.04
N LEU A 110 -8.66 10.66 0.94
CA LEU A 110 -7.90 10.08 2.04
C LEU A 110 -7.13 11.16 2.81
N ASP A 111 -7.41 11.28 4.11
CA ASP A 111 -6.75 12.27 4.95
C ASP A 111 -6.14 11.61 6.18
N THR A 112 -5.46 10.48 5.97
CA THR A 112 -4.83 9.74 7.06
C THR A 112 -3.45 9.23 6.65
N THR A 113 -2.68 8.77 7.63
CA THR A 113 -1.33 8.24 7.39
C THR A 113 -1.21 6.81 7.93
N LEU A 114 -0.14 6.11 7.51
CA LEU A 114 0.08 4.74 7.95
C LEU A 114 0.40 4.69 9.44
N LYS A 115 -0.59 4.33 10.25
CA LYS A 115 -0.41 4.27 11.71
C LYS A 115 -0.11 2.84 12.18
N TYR A 116 -1.07 1.94 12.00
CA TYR A 116 -0.91 0.55 12.44
C TYR A 116 -1.13 -0.44 11.29
N PRO A 117 -0.42 -1.58 11.32
CA PRO A 117 -0.55 -2.61 10.28
C PRO A 117 -1.78 -3.50 10.48
N TYR A 118 -2.01 -4.43 9.56
CA TYR A 118 -3.14 -5.34 9.64
C TYR A 118 -2.88 -6.49 10.63
N LYS A 119 -1.60 -6.82 10.85
CA LYS A 119 -1.24 -7.90 11.77
C LYS A 119 -0.97 -7.35 13.16
N SER A 120 0.03 -6.46 13.26
CA SER A 120 0.41 -5.85 14.54
C SER A 120 1.02 -6.89 15.49
N ARG A 121 2.34 -6.82 15.68
CA ARG A 121 3.04 -7.74 16.57
C ARG A 121 4.03 -7.01 17.46
N GLU A 122 4.14 -7.48 18.71
CA GLU A 122 5.06 -6.87 19.69
C GLU A 122 6.39 -7.60 19.71
N GLU B 1 -14.08 -9.69 -11.01
CA GLU B 1 -14.20 -9.06 -9.67
C GLU B 1 -14.42 -7.55 -9.77
N GLU B 2 -13.68 -6.91 -10.68
CA GLU B 2 -13.77 -5.46 -10.88
C GLU B 2 -13.31 -4.70 -9.63
N PRO B 3 -12.00 -4.38 -9.55
CA PRO B 3 -11.43 -3.66 -8.40
C PRO B 3 -11.89 -2.21 -8.34
N VAL B 4 -11.93 -1.66 -7.12
CA VAL B 4 -12.34 -0.27 -6.91
C VAL B 4 -11.28 0.50 -6.14
N GLU B 6 -8.57 3.84 -5.48
CA GLU B 6 -8.76 5.29 -5.34
C GLU B 6 -7.94 6.04 -6.38
N GLU B 7 -8.58 7.00 -7.05
CA GLU B 7 -7.91 7.80 -8.06
C GLU B 7 -7.52 9.16 -7.49
N VAL B 8 -6.31 9.62 -7.81
CA VAL B 8 -5.83 10.90 -7.33
C VAL B 8 -6.74 12.06 -7.74
N GLY B 9 -7.31 11.96 -8.94
CA GLY B 9 -8.21 13.01 -9.43
C GLY B 9 -7.48 14.10 -10.20
N SER A 10 16.96 -16.34 -9.07
CA SER A 10 18.32 -15.77 -8.88
C SER A 10 18.71 -14.84 -10.04
N ARG A 11 17.74 -14.09 -10.57
CA ARG A 11 18.00 -13.17 -11.67
C ARG A 11 18.46 -11.80 -11.16
N PRO A 12 17.70 -11.17 -10.23
CA PRO A 12 18.05 -9.86 -9.68
C PRO A 12 19.43 -9.85 -9.00
N PRO A 13 19.94 -8.64 -8.67
CA PRO A 13 21.26 -8.48 -8.03
C PRO A 13 21.30 -9.12 -6.64
N SER A 14 22.35 -8.82 -5.88
CA SER A 14 22.52 -9.37 -4.54
C SER A 14 21.84 -8.48 -3.48
N ARG A 15 20.60 -8.07 -3.76
CA ARG A 15 19.84 -7.22 -2.84
C ARG A 15 18.36 -7.57 -2.86
N GLU A 16 18.03 -8.82 -2.51
CA GLU A 16 16.65 -9.28 -2.48
C GLU A 16 15.97 -8.87 -1.18
N ILE A 17 15.35 -7.69 -1.18
CA ILE A 17 14.67 -7.18 0.01
C ILE A 17 13.29 -7.81 0.15
N ASP A 18 13.02 -8.37 1.34
CA ASP A 18 11.73 -9.02 1.61
C ASP A 18 10.78 -8.05 2.30
N TYR A 19 10.05 -7.26 1.50
CA TYR A 19 9.09 -6.29 2.04
C TYR A 19 7.95 -7.01 2.76
N THR A 20 7.69 -8.27 2.37
CA THR A 20 6.63 -9.07 2.98
C THR A 20 6.94 -9.35 4.46
N ALA A 21 8.22 -9.42 4.79
CA ALA A 21 8.65 -9.67 6.17
C ALA A 21 8.14 -8.61 7.14
N TYR A 22 7.92 -7.39 6.62
CA TYR A 22 7.45 -6.29 7.44
C TYR A 22 6.06 -6.60 8.01
N PRO A 23 5.83 -6.28 9.31
CA PRO A 23 4.55 -6.53 9.97
C PRO A 23 3.36 -5.88 9.26
N TRP A 24 3.63 -4.84 8.47
CA TRP A 24 2.57 -4.14 7.73
C TRP A 24 2.49 -4.61 6.28
N PHE A 25 2.97 -5.82 6.00
CA PHE A 25 2.95 -6.36 4.65
C PHE A 25 2.38 -7.79 4.63
N ALA A 26 1.34 -8.00 3.81
CA ALA A 26 0.71 -9.31 3.70
C ALA A 26 0.60 -9.72 2.22
N GLY A 27 1.62 -10.41 1.74
CA GLY A 27 1.62 -10.86 0.34
C GLY A 27 0.51 -11.85 0.05
N ASN A 28 -0.10 -11.71 -1.13
CA ASN A 28 -1.20 -12.59 -1.54
C ASN A 28 -2.41 -12.42 -0.64
N MET A 29 -3.34 -11.57 -1.05
CA MET A 29 -4.55 -11.32 -0.28
C MET A 29 -5.75 -11.06 -1.20
N GLU A 30 -6.95 -11.33 -0.68
CA GLU A 30 -8.18 -11.13 -1.44
C GLU A 30 -8.96 -9.93 -0.91
N ARG A 31 -9.91 -9.45 -1.70
CA ARG A 31 -10.74 -8.31 -1.30
C ARG A 31 -11.62 -8.69 -0.11
N GLN A 32 -12.27 -9.85 -0.21
CA GLN A 32 -13.15 -10.32 0.86
C GLN A 32 -12.40 -10.46 2.19
N GLN A 33 -11.13 -10.85 2.12
CA GLN A 33 -10.31 -11.01 3.31
C GLN A 33 -9.95 -9.66 3.92
N THR A 34 -9.23 -8.85 3.12
CA THR A 34 -8.81 -7.52 3.58
C THR A 34 -10.02 -6.70 4.04
N ASP A 35 -11.12 -6.78 3.30
CA ASP A 35 -12.33 -6.05 3.63
C ASP A 35 -12.90 -6.51 4.97
N ASN A 36 -13.03 -7.82 5.13
CA ASN A 36 -13.57 -8.40 6.37
C ASN A 36 -12.59 -8.23 7.53
N LEU A 37 -11.29 -8.34 7.25
CA LEU A 37 -10.27 -8.19 8.27
C LEU A 37 -10.28 -6.77 8.85
N LEU A 38 -10.30 -5.78 7.97
CA LEU A 38 -10.32 -4.38 8.39
C LEU A 38 -11.69 -3.98 8.95
N LYS A 39 -12.74 -4.71 8.57
CA LYS A 39 -14.09 -4.44 9.05
C LYS A 39 -14.14 -4.45 10.59
N SER A 40 -13.35 -5.35 11.19
CA SER A 40 -13.30 -5.46 12.64
C SER A 40 -12.32 -4.43 13.25
N HIS A 41 -11.24 -4.14 12.52
CA HIS A 41 -10.24 -3.19 12.98
C HIS A 41 -10.78 -1.75 12.99
N ALA A 42 -10.11 -0.88 13.71
CA ALA A 42 -10.50 0.53 13.80
C ALA A 42 -9.86 1.37 12.71
N SER A 43 -10.31 2.63 12.58
CA SER A 43 -9.77 3.55 11.58
C SER A 43 -8.29 3.82 11.83
N GLY A 44 -7.46 3.53 10.84
CA GLY A 44 -6.02 3.75 10.98
C GLY A 44 -5.20 2.53 10.57
N THR A 45 -5.84 1.35 10.59
CA THR A 45 -5.16 0.11 10.23
C THR A 45 -4.75 0.12 8.75
N TYR A 46 -3.47 -0.12 8.49
CA TYR A 46 -2.94 -0.14 7.12
C TYR A 46 -2.20 -1.44 6.83
N LEU A 47 -2.14 -1.81 5.54
CA LEU A 47 -1.47 -3.04 5.12
C LEU A 47 -1.29 -3.08 3.60
N ILE A 48 -0.26 -3.80 3.15
CA ILE A 48 0.01 -3.92 1.71
C ILE A 48 -0.16 -5.36 1.24
N ARG A 49 -0.71 -5.52 0.04
CA ARG A 49 -0.93 -6.85 -0.53
C ARG A 49 -0.21 -7.00 -1.87
N GLU A 50 -0.04 -8.24 -2.30
CA GLU A 50 0.64 -8.55 -3.56
C GLU A 50 -0.26 -9.41 -4.46
N ARG A 51 -0.68 -8.83 -5.59
CA ARG A 51 -1.55 -9.53 -6.54
C ARG A 51 -0.97 -9.46 -7.95
N PRO A 52 -1.30 -10.45 -8.80
CA PRO A 52 -0.81 -10.49 -10.19
C PRO A 52 -1.41 -9.38 -11.05
N ALA A 53 -0.54 -8.58 -11.67
CA ALA A 53 -0.97 -7.48 -12.52
C ALA A 53 -0.05 -7.32 -13.74
N GLU A 54 -0.53 -6.58 -14.73
CA GLU A 54 0.25 -6.33 -15.95
C GLU A 54 1.22 -5.17 -15.75
N ALA A 55 0.70 -4.04 -15.28
CA ALA A 55 1.53 -2.86 -15.04
C ALA A 55 1.82 -2.66 -13.55
N GLU A 56 0.85 -3.03 -12.70
CA GLU A 56 0.99 -2.89 -11.25
C GLU A 56 1.79 -4.05 -10.65
N ARG A 57 2.56 -3.76 -9.61
CA ARG A 57 3.37 -4.77 -8.94
C ARG A 57 2.82 -5.08 -7.54
N PHE A 58 2.30 -4.05 -6.86
CA PHE A 58 1.75 -4.23 -5.52
C PHE A 58 0.48 -3.42 -5.33
N ALA A 59 -0.25 -3.70 -4.23
CA ALA A 59 -1.50 -3.01 -3.93
C ALA A 59 -1.67 -2.77 -2.43
N ILE A 60 -1.73 -1.51 -2.03
CA ILE A 60 -1.89 -1.14 -0.62
C ILE A 60 -3.36 -0.95 -0.26
N SER A 61 -3.71 -1.25 1.00
CA SER A 61 -5.08 -1.12 1.47
C SER A 61 -5.13 -0.58 2.90
N ILE A 62 -5.84 0.54 3.09
CA ILE A 62 -5.96 1.17 4.40
C ILE A 62 -7.42 1.41 4.79
N LYS A 63 -7.68 1.40 6.10
CA LYS A 63 -9.03 1.61 6.63
C LYS A 63 -9.20 3.04 7.16
N PHE A 64 -10.15 3.78 6.58
CA PHE A 64 -10.42 5.16 6.99
C PHE A 64 -11.88 5.52 6.74
N ASN A 65 -12.49 6.23 7.68
CA ASN A 65 -13.88 6.64 7.56
C ASN A 65 -14.79 5.42 7.39
N ASP A 66 -14.51 4.38 8.20
CA ASP A 66 -15.28 3.13 8.15
C ASP A 66 -15.34 2.57 6.72
N GLU A 67 -14.29 2.81 5.94
CA GLU A 67 -14.22 2.32 4.57
C GLU A 67 -12.83 1.77 4.25
N VAL A 68 -12.77 0.80 3.34
CA VAL A 68 -11.51 0.19 2.94
C VAL A 68 -11.12 0.63 1.53
N LYS A 69 -10.09 1.47 1.44
CA LYS A 69 -9.61 1.97 0.15
C LYS A 69 -8.41 1.17 -0.35
N HIS A 70 -8.18 1.19 -1.66
CA HIS A 70 -7.05 0.46 -2.27
C HIS A 70 -6.16 1.38 -3.10
N ILE A 71 -4.86 1.14 -3.05
CA ILE A 71 -3.88 1.94 -3.79
C ILE A 71 -2.89 1.05 -4.56
N LYS A 72 -3.08 0.96 -5.88
CA LYS A 72 -2.21 0.13 -6.72
C LYS A 72 -0.88 0.85 -7.02
N VAL A 73 0.20 0.07 -7.11
CA VAL A 73 1.52 0.62 -7.39
C VAL A 73 2.00 0.19 -8.77
N VAL A 74 2.25 1.18 -9.64
CA VAL A 74 2.73 0.92 -10.99
C VAL A 74 4.21 1.26 -11.14
N GLU A 75 4.96 0.37 -11.80
CA GLU A 75 6.38 0.58 -12.00
C GLU A 75 6.68 0.88 -13.48
N LYS A 76 7.18 2.08 -13.74
CA LYS A 76 7.50 2.51 -15.10
C LYS A 76 8.80 3.32 -15.13
N ASP A 77 9.50 3.27 -16.27
CA ASP A 77 10.77 3.99 -16.43
C ASP A 77 11.80 3.53 -15.41
N ASN A 78 11.74 2.25 -15.04
CA ASN A 78 12.67 1.67 -14.07
C ASN A 78 12.48 2.30 -12.68
N TRP A 79 11.27 2.80 -12.40
CA TRP A 79 10.97 3.42 -11.11
C TRP A 79 9.63 2.91 -10.57
N ILE A 80 9.39 3.15 -9.28
CA ILE A 80 8.14 2.72 -8.64
C ILE A 80 7.39 3.91 -8.07
N HIS A 81 6.11 4.07 -8.47
CA HIS A 81 5.29 5.18 -7.99
C HIS A 81 3.80 4.90 -8.18
N ILE A 82 2.99 5.46 -7.29
CA ILE A 82 1.54 5.29 -7.36
C ILE A 82 0.86 6.44 -8.09
N THR A 83 1.49 7.62 -8.07
CA THR A 83 0.96 8.81 -8.74
C THR A 83 1.87 9.23 -9.89
N GLU A 84 1.44 10.26 -10.63
CA GLU A 84 2.21 10.77 -11.75
C GLU A 84 2.87 12.12 -11.41
N ALA A 85 3.19 12.31 -10.12
CA ALA A 85 3.82 13.54 -9.68
C ALA A 85 5.21 13.27 -9.09
N LYS A 86 5.30 12.24 -8.23
CA LYS A 86 6.57 11.88 -7.61
C LYS A 86 7.03 10.49 -8.06
N LYS A 87 8.32 10.21 -7.85
CA LYS A 87 8.90 8.92 -8.23
C LYS A 87 9.78 8.36 -7.11
N PHE A 88 9.90 7.03 -7.06
CA PHE A 88 10.71 6.36 -6.04
C PHE A 88 11.47 5.18 -6.63
N ASP A 89 12.55 4.77 -5.97
CA ASP A 89 13.36 3.64 -6.44
C ASP A 89 13.22 2.43 -5.51
N SER A 90 12.25 2.48 -4.60
CA SER A 90 12.02 1.38 -3.65
C SER A 90 10.72 1.59 -2.89
N LEU A 91 10.01 0.50 -2.60
CA LEU A 91 8.74 0.58 -1.87
C LEU A 91 8.94 1.24 -0.51
N LEU A 92 10.14 1.08 0.07
CA LEU A 92 10.47 1.66 1.36
C LEU A 92 10.35 3.18 1.32
N GLU A 93 10.91 3.78 0.25
CA GLU A 93 10.85 5.23 0.07
C GLU A 93 9.41 5.72 0.01
N LEU A 94 8.58 5.00 -0.74
CA LEU A 94 7.17 5.36 -0.89
C LEU A 94 6.44 5.24 0.45
N VAL A 95 6.63 4.11 1.13
CA VAL A 95 5.97 3.88 2.42
C VAL A 95 6.45 4.87 3.47
N GLU A 96 7.76 5.03 3.60
CA GLU A 96 8.34 5.96 4.58
C GLU A 96 7.82 7.38 4.36
N TYR A 97 7.63 7.76 3.09
CA TYR A 97 7.13 9.08 2.75
C TYR A 97 5.70 9.28 3.24
N TYR A 98 4.81 8.36 2.87
CA TYR A 98 3.40 8.45 3.27
C TYR A 98 3.22 8.09 4.75
N GLN A 99 4.18 7.37 5.32
CA GLN A 99 4.11 6.99 6.72
C GLN A 99 4.04 8.23 7.61
N CYS A 100 4.72 9.30 7.17
CA CYS A 100 4.73 10.57 7.92
C CYS A 100 3.82 11.61 7.27
N HIS A 101 3.75 11.63 5.94
CA HIS A 101 2.91 12.59 5.23
C HIS A 101 1.51 12.04 5.00
N SER A 102 0.52 12.93 5.08
CA SER A 102 -0.88 12.55 4.89
C SER A 102 -1.16 12.17 3.43
N LEU A 103 -2.05 11.21 3.24
CA LEU A 103 -2.42 10.77 1.89
C LEU A 103 -3.17 11.87 1.13
N LYS A 104 -3.70 12.86 1.85
CA LYS A 104 -4.45 13.96 1.24
C LYS A 104 -3.63 14.64 0.14
N GLU A 105 -2.30 14.62 0.26
CA GLU A 105 -1.43 15.23 -0.73
C GLU A 105 -1.72 14.70 -2.13
N SER A 106 -1.85 13.38 -2.25
CA SER A 106 -2.14 12.74 -3.53
C SER A 106 -3.64 12.54 -3.70
N PHE A 107 -4.23 11.75 -2.80
CA PHE A 107 -5.66 11.47 -2.84
C PHE A 107 -6.41 12.41 -1.91
N LYS A 108 -6.96 13.48 -2.48
CA LYS A 108 -7.72 14.47 -1.70
C LYS A 108 -8.88 13.81 -0.94
N GLN A 109 -9.43 12.74 -1.52
CA GLN A 109 -10.53 12.02 -0.90
C GLN A 109 -10.12 11.44 0.47
N LEU A 110 -8.85 11.07 0.59
CA LEU A 110 -8.32 10.50 1.84
C LEU A 110 -7.54 11.56 2.63
N ASP A 111 -7.42 11.31 3.94
CA ASP A 111 -6.68 12.22 4.82
C ASP A 111 -6.15 11.47 6.05
N THR A 112 -5.65 10.25 5.82
CA THR A 112 -5.12 9.43 6.89
C THR A 112 -3.67 9.02 6.60
N THR A 113 -3.05 8.33 7.56
CA THR A 113 -1.66 7.89 7.42
C THR A 113 -1.47 6.48 8.00
N LEU A 114 -0.26 5.95 7.85
CA LEU A 114 0.05 4.61 8.36
C LEU A 114 0.23 4.64 9.88
N LYS A 115 -0.88 4.49 10.60
CA LYS A 115 -0.86 4.51 12.06
C LYS A 115 -0.47 3.14 12.63
N TYR A 116 -1.26 2.11 12.30
CA TYR A 116 -1.00 0.76 12.79
C TYR A 116 -1.19 -0.28 11.69
N PRO A 117 -0.33 -1.33 11.66
CA PRO A 117 -0.42 -2.40 10.67
C PRO A 117 -1.68 -3.25 10.84
N TYR A 118 -1.74 -4.37 10.13
CA TYR A 118 -2.90 -5.26 10.20
C TYR A 118 -2.69 -6.36 11.26
N LYS A 119 -1.45 -6.81 11.42
CA LYS A 119 -1.13 -7.84 12.41
C LYS A 119 -1.06 -7.28 13.82
N SER A 120 -0.78 -5.97 13.94
CA SER A 120 -0.67 -5.31 15.24
C SER A 120 0.57 -5.79 15.99
N ARG A 121 1.68 -5.06 15.81
CA ARG A 121 2.94 -5.42 16.47
C ARG A 121 2.87 -5.16 17.97
N GLU A 122 2.46 -6.19 18.72
CA GLU A 122 2.33 -6.10 20.17
C GLU A 122 1.22 -5.11 20.57
N GLU B 1 -10.05 -8.54 -7.32
CA GLU B 1 -9.24 -8.81 -8.54
C GLU B 1 -9.45 -7.73 -9.61
N GLU B 2 -10.68 -7.26 -9.75
CA GLU B 2 -11.01 -6.22 -10.72
C GLU B 2 -10.24 -4.93 -10.45
N PRO B 3 -9.56 -4.38 -11.48
CA PRO B 3 -8.77 -3.14 -11.34
C PRO B 3 -9.60 -1.97 -10.83
N VAL B 4 -9.70 -1.86 -9.51
CA VAL B 4 -10.46 -0.78 -8.88
C VAL B 4 -9.73 -0.24 -7.65
N GLU B 6 -8.07 3.66 -5.62
CA GLU B 6 -8.32 5.08 -5.39
C GLU B 6 -7.51 5.94 -6.36
N GLU B 7 -8.22 6.61 -7.26
CA GLU B 7 -7.58 7.47 -8.27
C GLU B 7 -7.15 8.79 -7.64
N VAL B 8 -6.04 9.34 -8.15
CA VAL B 8 -5.51 10.61 -7.64
C VAL B 8 -6.46 11.77 -7.97
N GLY B 9 -7.13 11.68 -9.13
CA GLY B 9 -8.05 12.73 -9.54
C GLY B 9 -8.13 12.89 -11.05
N SER A 10 24.14 -11.00 14.64
CA SER A 10 23.84 -9.55 14.48
C SER A 10 22.93 -9.28 13.27
N ARG A 11 23.22 -9.94 12.15
CA ARG A 11 22.42 -9.79 10.92
C ARG A 11 22.46 -8.34 10.43
N PRO A 12 23.68 -7.82 10.13
CA PRO A 12 23.85 -6.44 9.65
C PRO A 12 23.37 -6.25 8.20
N PRO A 13 23.37 -5.00 7.71
CA PRO A 13 22.93 -4.68 6.34
C PRO A 13 23.65 -5.50 5.28
N SER A 14 22.98 -5.73 4.15
CA SER A 14 23.57 -6.51 3.05
C SER A 14 22.75 -6.36 1.76
N ARG A 15 23.11 -7.14 0.73
CA ARG A 15 22.41 -7.10 -0.55
C ARG A 15 21.07 -7.83 -0.46
N GLU A 16 20.14 -7.48 -1.37
CA GLU A 16 18.81 -8.08 -1.42
C GLU A 16 17.98 -7.67 -0.21
N ILE A 17 16.85 -7.00 -0.47
CA ILE A 17 15.96 -6.53 0.59
C ILE A 17 14.70 -7.38 0.66
N ASP A 18 14.48 -8.00 1.82
CA ASP A 18 13.31 -8.85 2.03
C ASP A 18 12.11 -8.01 2.49
N TYR A 19 11.39 -7.43 1.53
CA TYR A 19 10.22 -6.61 1.85
C TYR A 19 9.10 -7.45 2.48
N THR A 20 9.14 -8.76 2.22
CA THR A 20 8.13 -9.69 2.77
C THR A 20 8.30 -9.85 4.28
N ALA A 21 9.52 -9.63 4.78
CA ALA A 21 9.81 -9.75 6.21
C ALA A 21 8.98 -8.76 7.03
N TYR A 22 8.63 -7.62 6.43
CA TYR A 22 7.84 -6.60 7.10
C TYR A 22 6.43 -7.10 7.41
N PRO A 23 5.82 -6.62 8.51
CA PRO A 23 4.46 -7.03 8.91
C PRO A 23 3.37 -6.44 8.01
N TRP A 24 3.72 -5.41 7.22
CA TRP A 24 2.74 -4.78 6.33
C TRP A 24 2.75 -5.41 4.93
N PHE A 25 3.49 -6.50 4.77
CA PHE A 25 3.56 -7.18 3.47
C PHE A 25 2.68 -8.42 3.44
N ALA A 26 1.63 -8.38 2.61
CA ALA A 26 0.71 -9.51 2.48
C ALA A 26 0.84 -10.15 1.09
N GLY A 27 0.34 -11.38 0.95
CA GLY A 27 0.40 -12.08 -0.32
C GLY A 27 -0.85 -11.90 -1.16
N ASN A 28 -1.25 -12.95 -1.86
CA ASN A 28 -2.45 -12.91 -2.71
C ASN A 28 -3.71 -12.97 -1.84
N MET A 29 -4.09 -11.82 -1.30
CA MET A 29 -5.27 -11.73 -0.45
C MET A 29 -6.54 -11.46 -1.26
N GLU A 30 -7.70 -11.75 -0.67
CA GLU A 30 -8.97 -11.55 -1.33
C GLU A 30 -9.62 -10.23 -0.91
N ARG A 31 -10.52 -9.71 -1.76
CA ARG A 31 -11.22 -8.46 -1.48
C ARG A 31 -12.12 -8.60 -0.25
N GLN A 32 -12.93 -9.66 -0.23
CA GLN A 32 -13.85 -9.91 0.90
C GLN A 32 -13.07 -10.08 2.21
N GLN A 33 -11.85 -10.60 2.11
CA GLN A 33 -11.01 -10.82 3.28
C GLN A 33 -10.41 -9.50 3.76
N THR A 34 -9.65 -8.86 2.88
CA THR A 34 -9.01 -7.57 3.20
C THR A 34 -10.03 -6.58 3.77
N ASP A 35 -11.24 -6.57 3.20
CA ASP A 35 -12.29 -5.67 3.66
C ASP A 35 -12.75 -6.05 5.07
N ASN A 36 -12.90 -7.35 5.31
CA ASN A 36 -13.34 -7.85 6.62
C ASN A 36 -12.23 -7.70 7.66
N LEU A 37 -11.00 -7.99 7.26
CA LEU A 37 -9.86 -7.90 8.17
C LEU A 37 -9.67 -6.46 8.65
N LEU A 38 -9.92 -5.50 7.77
CA LEU A 38 -9.78 -4.09 8.11
C LEU A 38 -11.06 -3.52 8.73
N LYS A 39 -12.19 -4.20 8.49
CA LYS A 39 -13.47 -3.76 9.04
C LYS A 39 -13.40 -3.61 10.56
N SER A 40 -12.82 -4.62 11.21
CA SER A 40 -12.68 -4.61 12.68
C SER A 40 -11.64 -3.57 13.11
N HIS A 41 -10.61 -3.39 12.29
CA HIS A 41 -9.53 -2.43 12.60
C HIS A 41 -10.07 -0.99 12.66
N ALA A 42 -9.32 -0.12 13.33
CA ALA A 42 -9.70 1.28 13.46
C ALA A 42 -9.02 2.16 12.41
N SER A 43 -9.16 3.47 12.53
CA SER A 43 -8.55 4.42 11.60
C SER A 43 -7.03 4.39 11.71
N GLY A 44 -6.34 4.29 10.57
CA GLY A 44 -4.89 4.27 10.57
C GLY A 44 -4.32 2.89 10.29
N THR A 45 -5.11 2.02 9.67
CA THR A 45 -4.67 0.67 9.33
C THR A 45 -4.35 0.57 7.85
N TYR A 46 -3.16 0.05 7.54
CA TYR A 46 -2.72 -0.09 6.15
C TYR A 46 -2.18 -1.49 5.87
N LEU A 47 -2.00 -1.81 4.59
CA LEU A 47 -1.48 -3.11 4.17
C LEU A 47 -1.08 -3.11 2.70
N ILE A 48 -0.12 -3.97 2.35
CA ILE A 48 0.35 -4.08 0.96
C ILE A 48 0.35 -5.54 0.51
N ARG A 49 -0.60 -5.87 -0.36
CA ARG A 49 -0.72 -7.24 -0.89
C ARG A 49 -0.23 -7.33 -2.33
N GLU A 50 -0.16 -8.55 -2.85
CA GLU A 50 0.30 -8.80 -4.21
C GLU A 50 -0.88 -8.95 -5.16
N ARG A 51 -0.72 -8.43 -6.38
CA ARG A 51 -1.77 -8.51 -7.39
C ARG A 51 -1.19 -8.89 -8.76
N PRO A 52 -1.28 -10.19 -9.12
CA PRO A 52 -0.77 -10.71 -10.39
C PRO A 52 -1.35 -9.96 -11.60
N ALA A 53 -0.67 -8.89 -12.01
CA ALA A 53 -1.11 -8.08 -13.14
C ALA A 53 0.06 -7.69 -14.03
N GLU A 54 -0.24 -7.15 -15.22
CA GLU A 54 0.78 -6.73 -16.16
C GLU A 54 1.46 -5.44 -15.70
N ALA A 55 0.67 -4.37 -15.55
CA ALA A 55 1.20 -3.09 -15.11
C ALA A 55 1.23 -2.99 -13.58
N GLU A 56 0.16 -3.48 -12.95
CA GLU A 56 0.05 -3.45 -11.49
C GLU A 56 0.87 -4.57 -10.86
N ARG A 57 1.92 -4.20 -10.13
CA ARG A 57 2.78 -5.18 -9.47
C ARG A 57 2.23 -5.55 -8.10
N PHE A 58 1.87 -4.54 -7.30
CA PHE A 58 1.33 -4.77 -5.96
C PHE A 58 0.17 -3.81 -5.67
N ALA A 59 -0.48 -4.00 -4.52
CA ALA A 59 -1.62 -3.17 -4.13
C ALA A 59 -1.55 -2.78 -2.65
N ILE A 60 -1.96 -1.56 -2.34
CA ILE A 60 -1.95 -1.06 -0.97
C ILE A 60 -3.34 -0.58 -0.53
N SER A 61 -3.74 -0.94 0.69
CA SER A 61 -5.03 -0.55 1.23
C SER A 61 -4.86 0.26 2.52
N ILE A 62 -5.83 1.15 2.80
CA ILE A 62 -5.78 1.98 3.99
C ILE A 62 -7.18 2.16 4.61
N LYS A 63 -7.24 2.20 5.94
CA LYS A 63 -8.50 2.37 6.67
C LYS A 63 -8.62 3.78 7.23
N PHE A 64 -9.72 4.46 6.90
CA PHE A 64 -9.96 5.82 7.37
C PHE A 64 -11.45 6.13 7.40
N ASN A 65 -11.94 6.64 8.54
CA ASN A 65 -13.35 6.99 8.71
C ASN A 65 -14.24 5.78 8.44
N ASP A 66 -13.89 4.65 9.05
CA ASP A 66 -14.64 3.40 8.89
C ASP A 66 -14.78 3.01 7.41
N GLU A 67 -13.77 3.38 6.62
CA GLU A 67 -13.78 3.08 5.19
C GLU A 67 -12.45 2.45 4.77
N VAL A 68 -12.52 1.44 3.90
CA VAL A 68 -11.33 0.77 3.41
C VAL A 68 -11.02 1.16 1.97
N LYS A 69 -9.99 1.99 1.79
CA LYS A 69 -9.60 2.46 0.46
C LYS A 69 -8.64 1.47 -0.21
N HIS A 70 -8.56 1.54 -1.54
CA HIS A 70 -7.69 0.64 -2.31
C HIS A 70 -6.82 1.43 -3.28
N ILE A 71 -5.50 1.21 -3.21
CA ILE A 71 -4.55 1.90 -4.07
C ILE A 71 -3.63 0.90 -4.78
N LYS A 72 -3.80 0.77 -6.10
CA LYS A 72 -2.98 -0.15 -6.89
C LYS A 72 -1.63 0.48 -7.25
N VAL A 73 -0.55 -0.29 -7.10
CA VAL A 73 0.80 0.18 -7.41
C VAL A 73 1.12 -0.04 -8.89
N VAL A 74 1.60 1.02 -9.55
CA VAL A 74 1.95 0.96 -10.96
C VAL A 74 3.44 1.26 -11.18
N GLU A 75 4.20 0.23 -11.52
CA GLU A 75 5.63 0.37 -11.77
C GLU A 75 5.90 0.79 -13.22
N LYS A 76 6.41 2.00 -13.41
CA LYS A 76 6.71 2.52 -14.74
C LYS A 76 7.89 3.50 -14.71
N ASP A 77 8.51 3.72 -15.87
CA ASP A 77 9.66 4.63 -15.98
C ASP A 77 10.82 4.13 -15.12
N ASN A 78 10.93 2.81 -14.97
CA ASN A 78 11.99 2.21 -14.17
C ASN A 78 11.90 2.64 -12.70
N TRP A 79 10.70 3.07 -12.28
CA TRP A 79 10.49 3.50 -10.90
C TRP A 79 9.16 2.97 -10.35
N ILE A 80 8.95 3.14 -9.05
CA ILE A 80 7.72 2.68 -8.40
C ILE A 80 6.86 3.86 -7.95
N HIS A 81 5.54 3.71 -8.08
CA HIS A 81 4.61 4.76 -7.67
C HIS A 81 3.16 4.29 -7.81
N ILE A 82 2.28 4.87 -6.98
CA ILE A 82 0.86 4.53 -7.01
C ILE A 82 0.10 5.45 -7.96
N THR A 83 0.62 6.66 -8.17
CA THR A 83 -0.01 7.62 -9.06
C THR A 83 1.02 8.24 -10.01
N GLU A 84 0.54 9.03 -10.97
CA GLU A 84 1.42 9.68 -11.94
C GLU A 84 1.79 11.09 -11.49
N ALA A 85 2.00 11.25 -10.18
CA ALA A 85 2.36 12.53 -9.60
C ALA A 85 3.68 12.44 -8.84
N LYS A 86 3.82 11.40 -8.02
CA LYS A 86 5.03 11.20 -7.23
C LYS A 86 5.76 9.91 -7.66
N LYS A 87 7.09 9.94 -7.64
CA LYS A 87 7.90 8.78 -8.04
C LYS A 87 8.72 8.27 -6.86
N PHE A 88 9.14 7.00 -6.93
CA PHE A 88 9.93 6.38 -5.87
C PHE A 88 10.94 5.38 -6.45
N ASP A 89 12.06 5.21 -5.74
CA ASP A 89 13.10 4.29 -6.15
C ASP A 89 12.73 2.84 -5.80
N SER A 90 11.94 2.67 -4.75
CA SER A 90 11.52 1.34 -4.30
C SER A 90 10.33 1.45 -3.34
N LEU A 91 9.82 0.29 -2.92
CA LEU A 91 8.67 0.24 -2.00
C LEU A 91 9.01 0.91 -0.67
N LEU A 92 10.24 0.70 -0.19
CA LEU A 92 10.69 1.29 1.07
C LEU A 92 10.54 2.81 1.04
N GLU A 93 11.11 3.44 0.02
CA GLU A 93 11.03 4.89 -0.13
C GLU A 93 9.58 5.36 -0.20
N LEU A 94 8.73 4.55 -0.85
CA LEU A 94 7.30 4.87 -0.97
C LEU A 94 6.60 4.78 0.38
N VAL A 95 6.90 3.71 1.13
CA VAL A 95 6.29 3.49 2.43
C VAL A 95 6.75 4.53 3.45
N GLU A 96 8.06 4.74 3.55
CA GLU A 96 8.62 5.72 4.48
C GLU A 96 8.04 7.12 4.24
N TYR A 97 7.91 7.49 2.97
CA TYR A 97 7.36 8.80 2.61
C TYR A 97 5.95 8.97 3.17
N TYR A 98 5.07 8.00 2.86
CA TYR A 98 3.69 8.06 3.32
C TYR A 98 3.58 7.79 4.82
N GLN A 99 4.59 7.12 5.39
CA GLN A 99 4.60 6.82 6.83
C GLN A 99 4.56 8.13 7.63
N CYS A 100 5.22 9.16 7.10
CA CYS A 100 5.26 10.46 7.76
C CYS A 100 4.38 11.50 7.04
N HIS A 101 4.28 11.38 5.71
CA HIS A 101 3.47 12.32 4.94
C HIS A 101 2.09 11.73 4.63
N SER A 102 1.06 12.55 4.83
CA SER A 102 -0.32 12.11 4.58
C SER A 102 -0.55 11.79 3.11
N LEU A 103 -1.63 11.04 2.83
CA LEU A 103 -1.96 10.65 1.47
C LEU A 103 -2.81 11.72 0.77
N LYS A 104 -2.95 12.90 1.40
CA LYS A 104 -3.73 13.99 0.82
C LYS A 104 -3.10 14.54 -0.45
N GLU A 105 -1.77 14.41 -0.56
CA GLU A 105 -1.03 14.91 -1.73
C GLU A 105 -1.57 14.28 -3.01
N SER A 106 -1.71 12.96 -3.02
CA SER A 106 -2.20 12.23 -4.18
C SER A 106 -3.72 12.07 -4.13
N PHE A 107 -4.23 11.72 -2.95
CA PHE A 107 -5.66 11.52 -2.76
C PHE A 107 -6.24 12.63 -1.88
N LYS A 108 -6.74 13.69 -2.52
CA LYS A 108 -7.32 14.82 -1.79
C LYS A 108 -8.45 14.37 -0.88
N GLN A 109 -9.16 13.31 -1.28
CA GLN A 109 -10.25 12.77 -0.48
C GLN A 109 -9.74 12.18 0.84
N LEU A 110 -8.51 11.68 0.84
CA LEU A 110 -7.90 11.10 2.03
C LEU A 110 -6.97 12.08 2.73
N ASP A 111 -6.79 11.87 4.03
CA ASP A 111 -5.91 12.73 4.82
C ASP A 111 -5.35 11.97 6.03
N THR A 112 -4.98 10.71 5.81
CA THR A 112 -4.43 9.86 6.86
C THR A 112 -3.01 9.40 6.51
N THR A 113 -2.38 8.67 7.43
CA THR A 113 -1.02 8.17 7.22
C THR A 113 -0.86 6.74 7.78
N LEU A 114 0.20 6.05 7.33
CA LEU A 114 0.47 4.69 7.78
C LEU A 114 0.81 4.67 9.27
N LYS A 115 0.18 3.76 10.02
CA LYS A 115 0.42 3.65 11.44
C LYS A 115 0.48 2.18 11.87
N TYR A 116 -0.60 1.44 11.64
CA TYR A 116 -0.68 0.03 12.01
C TYR A 116 -1.00 -0.86 10.82
N PRO A 117 -0.10 -1.82 10.50
CA PRO A 117 -0.30 -2.75 9.37
C PRO A 117 -1.51 -3.66 9.58
N TYR A 118 -1.65 -4.67 8.72
CA TYR A 118 -2.76 -5.60 8.82
C TYR A 118 -2.51 -6.68 9.89
N LYS A 119 -1.25 -7.03 10.10
CA LYS A 119 -0.88 -8.04 11.09
C LYS A 119 -0.63 -7.40 12.46
N SER A 120 0.29 -6.42 12.48
CA SER A 120 0.65 -5.71 13.72
C SER A 120 1.44 -6.64 14.67
N ARG A 121 0.80 -7.69 15.17
CA ARG A 121 1.44 -8.63 16.08
C ARG A 121 0.79 -10.01 15.97
N GLU A 122 1.29 -10.83 15.04
CA GLU A 122 0.74 -12.17 14.83
C GLU A 122 1.11 -13.10 15.98
N GLU B 1 -17.78 -5.85 -13.70
CA GLU B 1 -16.36 -6.32 -13.81
C GLU B 1 -15.38 -5.18 -13.58
N GLU B 2 -14.10 -5.53 -13.41
CA GLU B 2 -13.03 -4.55 -13.18
C GLU B 2 -13.25 -3.78 -11.87
N PRO B 3 -12.56 -4.20 -10.78
CA PRO B 3 -12.66 -3.57 -9.46
C PRO B 3 -12.38 -2.07 -9.50
N VAL B 4 -12.72 -1.37 -8.41
CA VAL B 4 -12.51 0.07 -8.32
C VAL B 4 -11.56 0.45 -7.19
N GLU B 6 -8.95 3.96 -5.45
CA GLU B 6 -9.06 5.37 -5.06
C GLU B 6 -9.21 6.28 -6.28
N GLU B 7 -9.76 7.48 -6.06
CA GLU B 7 -9.96 8.45 -7.14
C GLU B 7 -8.64 9.03 -7.64
N VAL B 8 -7.64 9.10 -6.75
CA VAL B 8 -6.32 9.63 -7.09
C VAL B 8 -6.43 10.89 -7.95
N GLY B 9 -7.05 11.92 -7.40
CA GLY B 9 -7.22 13.17 -8.10
C GLY B 9 -6.90 14.38 -7.23
N SER A 10 27.96 -25.03 2.23
CA SER A 10 27.95 -24.04 1.11
C SER A 10 26.54 -23.55 0.80
N ARG A 11 26.32 -22.25 0.97
CA ARG A 11 25.01 -21.65 0.70
C ARG A 11 25.17 -20.21 0.20
N PRO A 12 24.80 -19.94 -1.07
CA PRO A 12 24.89 -18.60 -1.66
C PRO A 12 23.90 -17.62 -1.03
N PRO A 13 24.40 -16.63 -0.27
CA PRO A 13 23.55 -15.63 0.39
C PRO A 13 22.98 -14.61 -0.59
N SER A 14 21.72 -14.22 -0.37
CA SER A 14 21.05 -13.25 -1.22
C SER A 14 21.32 -11.82 -0.77
N ARG A 15 21.41 -10.90 -1.73
CA ARG A 15 21.66 -9.48 -1.43
C ARG A 15 20.41 -8.63 -1.68
N GLU A 16 19.23 -9.19 -1.40
CA GLU A 16 17.97 -8.49 -1.59
C GLU A 16 17.25 -8.31 -0.25
N ILE A 17 16.64 -7.15 -0.06
CA ILE A 17 15.91 -6.86 1.17
C ILE A 17 14.53 -7.51 1.16
N ASP A 18 14.24 -8.31 2.17
CA ASP A 18 12.97 -9.00 2.28
C ASP A 18 11.92 -8.10 2.93
N TYR A 19 11.04 -7.52 2.11
CA TYR A 19 9.99 -6.63 2.60
C TYR A 19 8.89 -7.41 3.33
N THR A 20 8.80 -8.72 3.06
CA THR A 20 7.80 -9.57 3.70
C THR A 20 8.03 -9.66 5.20
N ALA A 21 9.30 -9.52 5.63
CA ALA A 21 9.65 -9.60 7.04
C ALA A 21 8.90 -8.56 7.88
N TYR A 22 8.55 -7.43 7.27
CA TYR A 22 7.83 -6.36 7.97
C TYR A 22 6.39 -6.77 8.25
N PRO A 23 5.90 -6.48 9.48
CA PRO A 23 4.53 -6.82 9.89
C PRO A 23 3.46 -6.16 9.01
N TRP A 24 3.79 -5.01 8.41
CA TRP A 24 2.86 -4.29 7.55
C TRP A 24 2.82 -4.85 6.12
N PHE A 25 3.67 -5.85 5.84
CA PHE A 25 3.72 -6.45 4.51
C PHE A 25 2.88 -7.72 4.45
N ALA A 26 1.96 -7.77 3.48
CA ALA A 26 1.08 -8.94 3.30
C ALA A 26 1.35 -9.61 1.95
N GLY A 27 0.76 -10.80 1.74
CA GLY A 27 0.96 -11.53 0.49
C GLY A 27 -0.16 -11.32 -0.50
N ASN A 28 -0.44 -12.35 -1.30
CA ASN A 28 -1.49 -12.29 -2.32
C ASN A 28 -2.86 -12.61 -1.70
N MET A 29 -3.43 -11.63 -1.01
CA MET A 29 -4.73 -11.80 -0.35
C MET A 29 -5.87 -11.46 -1.32
N GLU A 30 -7.10 -11.82 -0.92
CA GLU A 30 -8.28 -11.56 -1.73
C GLU A 30 -8.97 -10.26 -1.30
N ARG A 31 -9.83 -9.73 -2.19
CA ARG A 31 -10.55 -8.49 -1.91
C ARG A 31 -11.55 -8.70 -0.77
N GLN A 32 -12.41 -9.72 -0.92
CA GLN A 32 -13.42 -10.02 0.10
C GLN A 32 -12.77 -10.33 1.45
N GLN A 33 -11.64 -11.04 1.40
CA GLN A 33 -10.91 -11.40 2.61
C GLN A 33 -10.33 -10.16 3.30
N THR A 34 -9.45 -9.46 2.58
CA THR A 34 -8.80 -8.27 3.12
C THR A 34 -9.85 -7.24 3.59
N ASP A 35 -10.87 -7.01 2.76
CA ASP A 35 -11.93 -6.06 3.11
C ASP A 35 -12.60 -6.45 4.42
N ASN A 36 -12.81 -7.76 4.61
CA ASN A 36 -13.45 -8.26 5.83
C ASN A 36 -12.48 -8.19 7.02
N LEU A 37 -11.20 -8.44 6.75
CA LEU A 37 -10.17 -8.40 7.80
C LEU A 37 -10.08 -7.00 8.40
N LEU A 38 -10.02 -5.98 7.54
CA LEU A 38 -9.94 -4.59 8.00
C LEU A 38 -11.28 -4.09 8.52
N LYS A 39 -12.36 -4.82 8.22
CA LYS A 39 -13.70 -4.44 8.67
C LYS A 39 -13.74 -4.27 10.19
N SER A 40 -13.09 -5.21 10.90
CA SER A 40 -13.03 -5.17 12.36
C SER A 40 -12.05 -4.10 12.86
N HIS A 41 -11.00 -3.85 12.07
CA HIS A 41 -9.98 -2.86 12.44
C HIS A 41 -10.57 -1.44 12.44
N ALA A 42 -9.85 -0.51 13.08
CA ALA A 42 -10.29 0.88 13.16
C ALA A 42 -9.50 1.77 12.21
N SER A 43 -9.80 3.08 12.22
CA SER A 43 -9.11 4.04 11.37
C SER A 43 -7.63 4.14 11.76
N GLY A 44 -6.75 3.83 10.81
CA GLY A 44 -5.33 3.88 11.06
C GLY A 44 -4.61 2.60 10.65
N THR A 45 -5.34 1.48 10.69
CA THR A 45 -4.77 0.18 10.32
C THR A 45 -4.48 0.12 8.82
N TYR A 46 -3.19 0.06 8.48
CA TYR A 46 -2.77 0.01 7.08
C TYR A 46 -2.07 -1.32 6.76
N LEU A 47 -1.95 -1.63 5.47
CA LEU A 47 -1.30 -2.86 5.03
C LEU A 47 -0.99 -2.82 3.53
N ILE A 48 0.01 -3.61 3.12
CA ILE A 48 0.41 -3.68 1.71
C ILE A 48 0.29 -5.10 1.17
N ARG A 49 -0.34 -5.23 0.00
CA ARG A 49 -0.54 -6.54 -0.63
C ARG A 49 0.33 -6.68 -1.89
N GLU A 50 0.34 -7.89 -2.46
CA GLU A 50 1.12 -8.16 -3.67
C GLU A 50 0.21 -8.28 -4.88
N ARG A 51 0.53 -7.53 -5.94
CA ARG A 51 -0.26 -7.55 -7.17
C ARG A 51 0.61 -7.90 -8.36
N PRO A 52 0.63 -9.19 -8.76
CA PRO A 52 1.43 -9.66 -9.89
C PRO A 52 0.79 -9.31 -11.24
N ALA A 53 1.29 -8.23 -11.86
CA ALA A 53 0.77 -7.78 -13.14
C ALA A 53 1.85 -7.03 -13.94
N GLU A 54 1.50 -6.60 -15.16
CA GLU A 54 2.42 -5.87 -16.00
C GLU A 54 2.48 -4.40 -15.62
N ALA A 55 1.30 -3.78 -15.45
CA ALA A 55 1.22 -2.38 -15.07
C ALA A 55 1.32 -2.20 -13.55
N GLU A 56 0.74 -3.16 -12.80
CA GLU A 56 0.77 -3.10 -11.35
C GLU A 56 1.77 -4.11 -10.78
N ARG A 57 2.52 -3.69 -9.75
CA ARG A 57 3.51 -4.55 -9.12
C ARG A 57 3.10 -4.87 -7.67
N PHE A 58 2.59 -3.85 -6.96
CA PHE A 58 2.17 -4.01 -5.57
C PHE A 58 0.83 -3.33 -5.31
N ALA A 59 0.30 -3.50 -4.10
CA ALA A 59 -0.99 -2.90 -3.73
C ALA A 59 -0.98 -2.43 -2.27
N ILE A 60 -1.66 -1.31 -1.99
CA ILE A 60 -1.72 -0.76 -0.64
C ILE A 60 -3.16 -0.59 -0.19
N SER A 61 -3.40 -0.76 1.11
CA SER A 61 -4.74 -0.62 1.69
C SER A 61 -4.69 -0.03 3.09
N ILE A 62 -5.62 0.88 3.39
CA ILE A 62 -5.69 1.52 4.71
C ILE A 62 -7.13 1.82 5.12
N LYS A 63 -7.41 1.69 6.42
CA LYS A 63 -8.74 1.93 6.96
C LYS A 63 -8.84 3.35 7.53
N PHE A 64 -9.84 4.10 7.05
CA PHE A 64 -10.05 5.47 7.51
C PHE A 64 -11.51 5.87 7.35
N ASN A 65 -12.09 6.46 8.40
CA ASN A 65 -13.48 6.89 8.38
C ASN A 65 -14.40 5.71 8.06
N ASP A 66 -14.06 4.54 8.60
CA ASP A 66 -14.83 3.31 8.39
C ASP A 66 -14.96 2.98 6.90
N GLU A 67 -13.86 3.12 6.17
CA GLU A 67 -13.84 2.83 4.74
C GLU A 67 -12.50 2.24 4.32
N VAL A 68 -12.54 1.03 3.77
CA VAL A 68 -11.33 0.34 3.32
C VAL A 68 -10.90 0.84 1.94
N LYS A 69 -9.91 1.73 1.92
CA LYS A 69 -9.40 2.29 0.67
C LYS A 69 -8.21 1.49 0.15
N HIS A 70 -8.16 1.31 -1.17
CA HIS A 70 -7.08 0.57 -1.82
C HIS A 70 -6.31 1.45 -2.80
N ILE A 71 -4.99 1.30 -2.83
CA ILE A 71 -4.13 2.08 -3.72
C ILE A 71 -3.18 1.16 -4.49
N LYS A 72 -3.45 0.98 -5.79
CA LYS A 72 -2.62 0.13 -6.64
C LYS A 72 -1.32 0.84 -7.05
N VAL A 73 -0.21 0.11 -7.02
CA VAL A 73 1.10 0.68 -7.37
C VAL A 73 1.37 0.51 -8.87
N VAL A 74 1.99 1.53 -9.46
CA VAL A 74 2.31 1.52 -10.89
C VAL A 74 3.80 1.76 -11.12
N GLU A 75 4.38 1.02 -12.07
CA GLU A 75 5.80 1.16 -12.40
C GLU A 75 5.96 1.86 -13.75
N LYS A 76 6.91 2.81 -13.82
CA LYS A 76 7.17 3.54 -15.05
C LYS A 76 8.67 3.77 -15.23
N ASP A 77 9.18 3.46 -16.43
CA ASP A 77 10.61 3.61 -16.75
C ASP A 77 11.44 2.69 -15.88
N ASN A 78 11.74 3.14 -14.66
CA ASN A 78 12.51 2.37 -13.69
C ASN A 78 12.21 2.88 -12.29
N TRP A 79 10.97 3.34 -12.10
CA TRP A 79 10.52 3.89 -10.82
C TRP A 79 9.19 3.27 -10.39
N ILE A 80 8.85 3.44 -9.12
CA ILE A 80 7.60 2.92 -8.57
C ILE A 80 6.75 4.06 -7.98
N HIS A 81 5.45 4.06 -8.29
CA HIS A 81 4.55 5.11 -7.78
C HIS A 81 3.07 4.77 -8.04
N ILE A 82 2.21 5.12 -7.09
CA ILE A 82 0.77 4.87 -7.23
C ILE A 82 0.07 5.94 -8.07
N THR A 83 0.63 7.15 -8.10
CA THR A 83 0.06 8.25 -8.87
C THR A 83 0.66 8.29 -10.28
N GLU A 84 0.43 9.39 -11.00
CA GLU A 84 0.96 9.53 -12.37
C GLU A 84 1.83 10.78 -12.49
N ALA A 85 2.66 11.03 -11.48
CA ALA A 85 3.55 12.18 -11.47
C ALA A 85 4.79 11.93 -10.61
N LYS A 86 4.57 11.60 -9.34
CA LYS A 86 5.66 11.33 -8.41
C LYS A 86 6.38 10.02 -8.78
N LYS A 87 7.68 9.96 -8.53
CA LYS A 87 8.48 8.78 -8.85
C LYS A 87 9.35 8.38 -7.66
N PHE A 88 9.38 7.08 -7.36
CA PHE A 88 10.17 6.57 -6.24
C PHE A 88 11.17 5.52 -6.72
N ASP A 89 12.25 5.35 -5.94
CA ASP A 89 13.29 4.38 -6.27
C ASP A 89 12.90 2.95 -5.87
N SER A 90 11.91 2.82 -4.98
CA SER A 90 11.46 1.51 -4.51
C SER A 90 10.23 1.65 -3.61
N LEU A 91 9.67 0.51 -3.21
CA LEU A 91 8.48 0.49 -2.34
C LEU A 91 8.78 1.14 -0.99
N LEU A 92 9.98 0.91 -0.46
CA LEU A 92 10.38 1.49 0.83
C LEU A 92 10.25 3.01 0.81
N GLU A 93 10.87 3.65 -0.19
CA GLU A 93 10.81 5.10 -0.33
C GLU A 93 9.35 5.58 -0.39
N LEU A 94 8.51 4.81 -1.08
CA LEU A 94 7.10 5.14 -1.22
C LEU A 94 6.37 5.01 0.12
N VAL A 95 6.60 3.89 0.82
CA VAL A 95 5.95 3.63 2.11
C VAL A 95 6.32 4.73 3.11
N GLU A 96 7.61 4.99 3.26
CA GLU A 96 8.09 6.01 4.20
C GLU A 96 7.49 7.38 3.87
N TYR A 97 7.40 7.69 2.57
CA TYR A 97 6.83 8.97 2.13
C TYR A 97 5.39 9.13 2.63
N TYR A 98 4.55 8.14 2.35
CA TYR A 98 3.15 8.18 2.78
C TYR A 98 3.01 7.97 4.28
N GLN A 99 4.01 7.35 4.90
CA GLN A 99 3.98 7.11 6.34
C GLN A 99 3.85 8.44 7.09
N CYS A 100 4.49 9.48 6.56
CA CYS A 100 4.45 10.81 7.16
C CYS A 100 3.51 11.76 6.40
N HIS A 101 3.46 11.63 5.07
CA HIS A 101 2.60 12.50 4.26
C HIS A 101 1.19 11.94 4.17
N SER A 102 0.20 12.84 4.24
CA SER A 102 -1.20 12.44 4.17
C SER A 102 -1.64 12.15 2.73
N LEU A 103 -2.58 11.22 2.58
CA LEU A 103 -3.10 10.84 1.28
C LEU A 103 -3.94 11.97 0.65
N LYS A 104 -4.41 12.91 1.48
CA LYS A 104 -5.22 14.03 1.00
C LYS A 104 -4.55 14.74 -0.18
N GLU A 105 -3.22 14.77 -0.19
CA GLU A 105 -2.46 15.42 -1.26
C GLU A 105 -2.85 14.87 -2.64
N SER A 106 -2.98 13.55 -2.72
CA SER A 106 -3.35 12.90 -3.98
C SER A 106 -4.84 12.58 -4.02
N PHE A 107 -5.35 11.92 -2.97
CA PHE A 107 -6.76 11.57 -2.88
C PHE A 107 -7.48 12.50 -1.93
N LYS A 108 -8.25 13.44 -2.48
CA LYS A 108 -9.00 14.39 -1.66
C LYS A 108 -9.98 13.67 -0.72
N GLN A 109 -10.52 12.54 -1.18
CA GLN A 109 -11.46 11.75 -0.38
C GLN A 109 -10.78 11.24 0.90
N LEU A 110 -9.47 11.00 0.83
CA LEU A 110 -8.71 10.51 1.98
C LEU A 110 -8.05 11.66 2.76
N ASP A 111 -7.70 11.39 4.01
CA ASP A 111 -7.05 12.39 4.86
C ASP A 111 -6.35 11.73 6.05
N THR A 112 -5.66 10.62 5.80
CA THR A 112 -4.95 9.88 6.85
C THR A 112 -3.59 9.38 6.36
N THR A 113 -2.78 8.87 7.30
CA THR A 113 -1.45 8.34 6.98
C THR A 113 -1.25 6.95 7.63
N LEU A 114 -0.07 6.37 7.43
CA LEU A 114 0.25 5.06 8.00
C LEU A 114 0.63 5.19 9.47
N LYS A 115 -0.20 4.62 10.35
CA LYS A 115 0.04 4.68 11.79
C LYS A 115 0.31 3.29 12.37
N TYR A 116 -0.70 2.42 12.35
CA TYR A 116 -0.56 1.07 12.89
C TYR A 116 -0.74 0.01 11.80
N PRO A 117 0.11 -1.05 11.82
CA PRO A 117 0.04 -2.14 10.84
C PRO A 117 -1.22 -2.98 10.99
N TYR A 118 -1.30 -4.07 10.23
CA TYR A 118 -2.46 -4.95 10.27
C TYR A 118 -2.21 -6.18 11.17
N LYS A 119 -0.95 -6.62 11.23
CA LYS A 119 -0.60 -7.78 12.05
C LYS A 119 -0.55 -7.42 13.53
N SER A 120 -0.09 -6.21 13.84
CA SER A 120 0.00 -5.74 15.23
C SER A 120 -0.88 -4.52 15.46
N ARG A 121 -2.06 -4.75 16.05
CA ARG A 121 -3.00 -3.67 16.35
C ARG A 121 -2.55 -2.85 17.56
N GLU A 122 -3.04 -1.61 17.65
CA GLU A 122 -2.70 -0.74 18.76
C GLU A 122 -3.41 -1.16 20.05
N GLU B 1 -7.63 -7.89 -13.71
CA GLU B 1 -6.63 -6.85 -13.31
C GLU B 1 -7.28 -5.47 -13.24
N GLU B 2 -6.91 -4.70 -12.21
CA GLU B 2 -7.43 -3.36 -12.01
C GLU B 2 -8.95 -3.36 -11.80
N PRO B 3 -9.42 -3.88 -10.66
CA PRO B 3 -10.85 -3.95 -10.34
C PRO B 3 -11.46 -2.55 -10.16
N VAL B 4 -11.03 -1.84 -9.12
CA VAL B 4 -11.54 -0.48 -8.86
C VAL B 4 -10.46 0.37 -8.19
N GLU B 6 -8.67 3.15 -5.44
CA GLU B 6 -8.87 4.60 -5.31
C GLU B 6 -8.31 5.33 -6.54
N GLU B 7 -8.79 6.55 -6.75
CA GLU B 7 -8.33 7.36 -7.88
C GLU B 7 -7.97 8.78 -7.43
N VAL B 8 -6.84 9.28 -7.93
CA VAL B 8 -6.37 10.61 -7.57
C VAL B 8 -7.34 11.71 -8.02
N GLY B 9 -8.20 12.12 -7.09
CA GLY B 9 -9.18 13.16 -7.38
C GLY B 9 -10.31 13.18 -6.36
N SER A 10 19.04 -17.69 -6.79
CA SER A 10 20.25 -16.90 -6.42
C SER A 10 20.53 -17.02 -4.92
N ARG A 11 21.77 -17.38 -4.59
CA ARG A 11 22.18 -17.53 -3.19
C ARG A 11 22.19 -16.18 -2.47
N PRO A 12 23.02 -15.23 -2.92
CA PRO A 12 23.11 -13.90 -2.30
C PRO A 12 21.83 -13.07 -2.49
N PRO A 13 21.09 -12.81 -1.39
CA PRO A 13 19.84 -12.05 -1.44
C PRO A 13 20.09 -10.54 -1.49
N SER A 14 20.83 -10.10 -2.51
CA SER A 14 21.15 -8.68 -2.67
C SER A 14 20.51 -8.13 -3.94
N ARG A 15 19.18 -8.07 -3.95
CA ARG A 15 18.42 -7.56 -5.09
C ARG A 15 17.20 -6.78 -4.64
N GLU A 16 16.23 -7.50 -4.05
CA GLU A 16 15.01 -6.86 -3.56
C GLU A 16 15.01 -6.76 -2.04
N ILE A 17 14.40 -5.71 -1.52
CA ILE A 17 14.32 -5.49 -0.07
C ILE A 17 13.21 -6.34 0.54
N ASP A 18 13.60 -7.36 1.31
CA ASP A 18 12.64 -8.25 1.95
C ASP A 18 11.80 -7.50 2.97
N TYR A 19 10.65 -6.99 2.53
CA TYR A 19 9.75 -6.25 3.41
C TYR A 19 9.00 -7.18 4.37
N THR A 20 9.14 -8.49 4.20
CA THR A 20 8.47 -9.46 5.05
C THR A 20 8.77 -9.22 6.53
N ALA A 21 9.95 -8.67 6.81
CA ALA A 21 10.37 -8.37 8.18
C ALA A 21 9.45 -7.34 8.84
N TYR A 22 8.84 -6.47 8.02
CA TYR A 22 7.95 -5.44 8.53
C TYR A 22 6.54 -6.00 8.79
N PRO A 23 5.88 -5.54 9.87
CA PRO A 23 4.53 -6.00 10.23
C PRO A 23 3.46 -5.57 9.21
N TRP A 24 3.72 -4.48 8.47
CA TRP A 24 2.77 -4.00 7.48
C TRP A 24 2.78 -4.85 6.21
N PHE A 25 3.80 -5.69 6.07
CA PHE A 25 3.93 -6.56 4.88
C PHE A 25 2.95 -7.72 4.96
N ALA A 26 2.07 -7.81 3.95
CA ALA A 26 1.09 -8.89 3.86
C ALA A 26 1.24 -9.65 2.55
N GLY A 27 0.97 -10.95 2.58
CA GLY A 27 1.09 -11.76 1.38
C GLY A 27 -0.02 -11.48 0.38
N ASN A 28 -0.27 -12.43 -0.53
CA ASN A 28 -1.32 -12.27 -1.54
C ASN A 28 -2.68 -12.61 -0.95
N MET A 29 -3.29 -11.64 -0.26
CA MET A 29 -4.60 -11.83 0.35
C MET A 29 -5.71 -11.49 -0.64
N GLU A 30 -6.87 -12.11 -0.45
CA GLU A 30 -8.02 -11.89 -1.33
C GLU A 30 -8.69 -10.55 -1.04
N ARG A 31 -9.50 -10.07 -2.00
CA ARG A 31 -10.20 -8.81 -1.84
C ARG A 31 -11.17 -8.86 -0.67
N GLN A 32 -11.95 -9.95 -0.58
CA GLN A 32 -12.91 -10.13 0.49
C GLN A 32 -12.21 -10.30 1.84
N GLN A 33 -11.04 -10.94 1.82
CA GLN A 33 -10.25 -11.18 3.03
C GLN A 33 -9.74 -9.86 3.61
N THR A 34 -8.94 -9.16 2.82
CA THR A 34 -8.37 -7.87 3.25
C THR A 34 -9.48 -6.92 3.67
N ASP A 35 -10.59 -6.91 2.92
CA ASP A 35 -11.73 -6.04 3.22
C ASP A 35 -12.35 -6.42 4.57
N ASN A 36 -12.59 -7.71 4.77
CA ASN A 36 -13.18 -8.21 6.00
C ASN A 36 -12.22 -8.08 7.18
N LEU A 37 -10.93 -8.30 6.93
CA LEU A 37 -9.91 -8.21 7.98
C LEU A 37 -9.83 -6.80 8.54
N LEU A 38 -9.75 -5.81 7.65
CA LEU A 38 -9.68 -4.41 8.05
C LEU A 38 -10.99 -3.94 8.67
N LYS A 39 -12.11 -4.54 8.23
CA LYS A 39 -13.43 -4.19 8.76
C LYS A 39 -13.48 -4.37 10.28
N SER A 40 -12.78 -5.39 10.79
CA SER A 40 -12.73 -5.66 12.22
C SER A 40 -11.90 -4.62 12.96
N HIS A 41 -10.74 -4.29 12.41
CA HIS A 41 -9.84 -3.30 13.02
C HIS A 41 -10.44 -1.89 12.94
N ALA A 42 -9.82 -0.94 13.66
CA ALA A 42 -10.28 0.44 13.67
C ALA A 42 -9.72 1.22 12.48
N SER A 43 -10.11 2.50 12.38
CA SER A 43 -9.65 3.35 11.29
C SER A 43 -8.16 3.65 11.43
N GLY A 44 -7.38 3.27 10.43
CA GLY A 44 -5.95 3.49 10.46
C GLY A 44 -5.15 2.25 10.06
N THR A 45 -5.76 1.08 10.20
CA THR A 45 -5.11 -0.18 9.86
C THR A 45 -4.76 -0.22 8.37
N TYR A 46 -3.48 -0.40 8.06
CA TYR A 46 -3.02 -0.46 6.67
C TYR A 46 -2.22 -1.73 6.41
N LEU A 47 -2.12 -2.11 5.14
CA LEU A 47 -1.37 -3.30 4.75
C LEU A 47 -1.14 -3.34 3.24
N ILE A 48 0.00 -3.90 2.83
CA ILE A 48 0.34 -4.01 1.42
C ILE A 48 0.32 -5.46 0.96
N ARG A 49 -0.52 -5.74 -0.05
CA ARG A 49 -0.65 -7.10 -0.58
C ARG A 49 -0.23 -7.16 -2.05
N GLU A 50 -0.04 -8.37 -2.55
CA GLU A 50 0.36 -8.56 -3.95
C GLU A 50 -0.86 -8.66 -4.86
N ARG A 51 -0.70 -8.17 -6.10
CA ARG A 51 -1.79 -8.20 -7.08
C ARG A 51 -1.24 -8.38 -8.50
N PRO A 52 -1.71 -9.42 -9.22
CA PRO A 52 -1.27 -9.70 -10.59
C PRO A 52 -1.81 -8.70 -11.61
N ALA A 53 -0.92 -8.10 -12.38
CA ALA A 53 -1.31 -7.12 -13.41
C ALA A 53 -0.14 -6.75 -14.30
N GLU A 54 -0.44 -6.08 -15.44
CA GLU A 54 0.59 -5.66 -16.38
C GLU A 54 1.40 -4.49 -15.81
N ALA A 55 0.75 -3.32 -15.71
CA ALA A 55 1.41 -2.13 -15.18
C ALA A 55 1.49 -2.17 -13.66
N GLU A 56 0.46 -2.74 -13.03
CA GLU A 56 0.41 -2.84 -11.57
C GLU A 56 1.29 -3.99 -11.07
N ARG A 57 2.05 -3.73 -10.00
CA ARG A 57 2.92 -4.74 -9.42
C ARG A 57 2.45 -5.14 -8.02
N PHE A 58 2.02 -4.15 -7.23
CA PHE A 58 1.55 -4.40 -5.88
C PHE A 58 0.26 -3.60 -5.58
N ALA A 59 -0.38 -3.92 -4.46
CA ALA A 59 -1.61 -3.24 -4.05
C ALA A 59 -1.61 -2.92 -2.56
N ILE A 60 -2.34 -1.87 -2.18
CA ILE A 60 -2.42 -1.45 -0.78
C ILE A 60 -3.89 -1.30 -0.33
N SER A 61 -4.13 -1.58 0.95
CA SER A 61 -5.48 -1.48 1.52
C SER A 61 -5.45 -0.85 2.91
N ILE A 62 -6.29 0.16 3.12
CA ILE A 62 -6.36 0.85 4.41
C ILE A 62 -7.81 1.15 4.81
N LYS A 63 -8.05 1.25 6.12
CA LYS A 63 -9.38 1.53 6.65
C LYS A 63 -9.49 2.99 7.11
N PHE A 64 -10.28 3.79 6.38
CA PHE A 64 -10.47 5.20 6.73
C PHE A 64 -11.87 5.67 6.33
N ASN A 65 -12.42 6.61 7.10
CA ASN A 65 -13.75 7.15 6.82
C ASN A 65 -14.81 6.03 6.88
N ASP A 66 -14.60 5.08 7.80
CA ASP A 66 -15.51 3.95 7.97
C ASP A 66 -15.67 3.15 6.67
N GLU A 67 -14.65 3.17 5.81
CA GLU A 67 -14.67 2.45 4.54
C GLU A 67 -13.28 1.90 4.19
N VAL A 68 -13.25 0.79 3.48
CA VAL A 68 -11.98 0.17 3.07
C VAL A 68 -11.59 0.64 1.67
N LYS A 69 -10.51 1.43 1.60
CA LYS A 69 -10.02 1.95 0.32
C LYS A 69 -8.90 1.07 -0.22
N HIS A 70 -8.56 1.27 -1.50
CA HIS A 70 -7.50 0.50 -2.15
C HIS A 70 -6.62 1.39 -3.02
N ILE A 71 -5.31 1.27 -2.83
CA ILE A 71 -4.34 2.07 -3.60
C ILE A 71 -3.47 1.17 -4.48
N LYS A 72 -3.66 1.29 -5.80
CA LYS A 72 -2.89 0.49 -6.76
C LYS A 72 -1.47 1.05 -6.91
N VAL A 73 -0.50 0.14 -7.06
CA VAL A 73 0.90 0.53 -7.22
C VAL A 73 1.40 0.20 -8.62
N VAL A 74 1.91 1.22 -9.32
CA VAL A 74 2.42 1.04 -10.67
C VAL A 74 3.94 1.23 -10.73
N GLU A 75 4.63 0.28 -11.34
CA GLU A 75 6.08 0.33 -11.47
C GLU A 75 6.48 0.31 -12.94
N LYS A 76 6.92 1.46 -13.45
CA LYS A 76 7.33 1.57 -14.85
C LYS A 76 8.56 2.49 -14.98
N ASP A 77 9.34 2.28 -16.03
CA ASP A 77 10.55 3.07 -16.27
C ASP A 77 11.53 2.96 -15.11
N ASN A 78 11.55 1.78 -14.46
CA ASN A 78 12.43 1.53 -13.33
C ASN A 78 12.07 2.42 -12.13
N TRP A 79 10.81 2.87 -12.08
CA TRP A 79 10.34 3.73 -10.99
C TRP A 79 9.03 3.21 -10.39
N ILE A 80 8.92 3.31 -9.06
CA ILE A 80 7.72 2.85 -8.36
C ILE A 80 6.95 4.02 -7.75
N HIS A 81 5.62 3.98 -7.85
CA HIS A 81 4.77 5.05 -7.29
C HIS A 81 3.29 4.68 -7.40
N ILE A 82 2.50 5.17 -6.44
CA ILE A 82 1.06 4.92 -6.43
C ILE A 82 0.29 6.00 -7.18
N THR A 83 0.86 7.21 -7.23
CA THR A 83 0.23 8.33 -7.92
C THR A 83 1.10 8.81 -9.09
N GLU A 84 0.53 9.66 -9.94
CA GLU A 84 1.26 10.19 -11.09
C GLU A 84 1.82 11.59 -10.78
N ALA A 85 2.21 11.80 -9.54
CA ALA A 85 2.78 13.09 -9.11
C ALA A 85 4.24 12.94 -8.70
N LYS A 86 4.56 11.87 -7.97
CA LYS A 86 5.92 11.61 -7.50
C LYS A 86 6.40 10.23 -7.95
N LYS A 87 7.71 10.01 -7.84
CA LYS A 87 8.30 8.73 -8.23
C LYS A 87 9.28 8.22 -7.16
N PHE A 88 9.48 6.92 -7.11
CA PHE A 88 10.38 6.30 -6.13
C PHE A 88 11.21 5.20 -6.77
N ASP A 89 12.34 4.86 -6.14
CA ASP A 89 13.23 3.81 -6.63
C ASP A 89 12.85 2.44 -6.05
N SER A 90 12.12 2.44 -4.94
CA SER A 90 11.70 1.20 -4.28
C SER A 90 10.47 1.42 -3.40
N LEU A 91 9.91 0.33 -2.88
CA LEU A 91 8.75 0.41 -2.01
C LEU A 91 9.09 1.12 -0.70
N LEU A 92 10.30 0.87 -0.18
CA LEU A 92 10.75 1.49 1.07
C LEU A 92 10.58 3.01 1.01
N GLU A 93 10.99 3.62 -0.10
CA GLU A 93 10.86 5.07 -0.28
C GLU A 93 9.40 5.50 -0.28
N LEU A 94 8.58 4.82 -1.08
CA LEU A 94 7.15 5.14 -1.17
C LEU A 94 6.48 5.01 0.20
N VAL A 95 6.74 3.90 0.89
CA VAL A 95 6.16 3.65 2.21
C VAL A 95 6.65 4.67 3.23
N GLU A 96 7.98 4.87 3.29
CA GLU A 96 8.56 5.82 4.23
C GLU A 96 8.04 7.24 3.99
N TYR A 97 8.00 7.66 2.72
CA TYR A 97 7.52 9.00 2.38
C TYR A 97 6.05 9.18 2.81
N TYR A 98 5.19 8.26 2.37
CA TYR A 98 3.77 8.33 2.71
C TYR A 98 3.55 8.08 4.21
N GLN A 99 4.48 7.39 4.87
CA GLN A 99 4.35 7.12 6.30
C GLN A 99 4.28 8.44 7.09
N CYS A 100 4.95 9.47 6.58
CA CYS A 100 4.96 10.78 7.22
C CYS A 100 4.01 11.76 6.53
N HIS A 101 3.85 11.63 5.21
CA HIS A 101 2.98 12.52 4.46
C HIS A 101 1.56 11.96 4.33
N SER A 102 0.57 12.80 4.59
CA SER A 102 -0.84 12.39 4.51
C SER A 102 -1.24 12.05 3.08
N LEU A 103 -2.32 11.29 2.95
CA LEU A 103 -2.82 10.88 1.63
C LEU A 103 -3.78 11.92 1.03
N LYS A 104 -3.84 13.12 1.64
CA LYS A 104 -4.71 14.18 1.14
C LYS A 104 -4.06 14.94 -0.02
N GLU A 105 -2.72 15.05 0.02
CA GLU A 105 -1.98 15.75 -1.04
C GLU A 105 -2.27 15.15 -2.41
N SER A 106 -2.31 13.82 -2.46
CA SER A 106 -2.59 13.11 -3.71
C SER A 106 -4.06 12.73 -3.81
N PHE A 107 -4.65 12.30 -2.70
CA PHE A 107 -6.05 11.90 -2.67
C PHE A 107 -6.85 12.82 -1.75
N LYS A 108 -7.36 13.91 -2.31
CA LYS A 108 -8.15 14.88 -1.53
C LYS A 108 -9.32 14.20 -0.83
N GLN A 109 -9.83 13.10 -1.42
CA GLN A 109 -10.94 12.36 -0.84
C GLN A 109 -10.58 11.81 0.54
N LEU A 110 -9.30 11.50 0.73
CA LEU A 110 -8.82 10.96 2.01
C LEU A 110 -7.93 11.99 2.74
N ASP A 111 -7.53 11.65 3.96
CA ASP A 111 -6.68 12.53 4.77
C ASP A 111 -6.04 11.75 5.93
N THR A 112 -5.61 10.52 5.65
CA THR A 112 -4.99 9.67 6.66
C THR A 112 -3.59 9.23 6.22
N THR A 113 -2.91 8.49 7.11
CA THR A 113 -1.56 7.99 6.84
C THR A 113 -1.40 6.56 7.36
N LEU A 114 -0.23 5.97 7.13
CA LEU A 114 0.05 4.62 7.58
C LEU A 114 0.22 4.60 9.11
N LYS A 115 -0.91 4.58 9.82
CA LYS A 115 -0.91 4.59 11.28
C LYS A 115 -0.44 3.25 11.85
N TYR A 116 -1.26 2.21 11.69
CA TYR A 116 -0.93 0.87 12.20
C TYR A 116 -1.12 -0.20 11.13
N PRO A 117 -0.23 -1.20 11.10
CA PRO A 117 -0.31 -2.30 10.11
C PRO A 117 -1.42 -3.30 10.46
N TYR A 118 -1.48 -4.39 9.71
CA TYR A 118 -2.51 -5.42 9.93
C TYR A 118 -2.14 -6.31 11.13
N LYS A 119 -0.84 -6.56 11.32
CA LYS A 119 -0.38 -7.40 12.43
C LYS A 119 0.03 -6.53 13.63
N SER A 120 0.96 -5.60 13.39
CA SER A 120 1.44 -4.70 14.45
C SER A 120 2.27 -5.45 15.49
N ARG A 121 3.58 -5.18 15.51
CA ARG A 121 4.49 -5.82 16.45
C ARG A 121 4.57 -5.02 17.76
N GLU A 122 4.68 -5.74 18.88
CA GLU A 122 4.77 -5.12 20.20
C GLU A 122 6.06 -4.30 20.34
N GLU B 1 -13.05 -7.22 -11.45
CA GLU B 1 -14.05 -6.64 -12.38
C GLU B 1 -14.27 -5.15 -12.08
N GLU B 2 -14.21 -4.33 -13.13
CA GLU B 2 -14.41 -2.88 -12.99
C GLU B 2 -13.39 -2.26 -12.02
N PRO B 3 -12.20 -1.90 -12.53
CA PRO B 3 -11.14 -1.30 -11.70
C PRO B 3 -11.45 0.12 -11.24
N VAL B 4 -11.35 0.35 -9.94
CA VAL B 4 -11.62 1.67 -9.36
C VAL B 4 -10.44 2.17 -8.55
N GLU B 6 -8.17 4.02 -5.47
CA GLU B 6 -8.08 5.44 -5.12
C GLU B 6 -7.43 6.24 -6.24
N GLU B 7 -8.20 7.15 -6.84
CA GLU B 7 -7.70 7.99 -7.93
C GLU B 7 -7.42 9.41 -7.44
N VAL B 8 -6.30 9.98 -7.91
CA VAL B 8 -5.89 11.33 -7.52
C VAL B 8 -6.88 12.38 -8.03
N GLY B 9 -6.71 13.61 -7.55
CA GLY B 9 -7.59 14.70 -7.96
C GLY B 9 -8.25 15.38 -6.77
N SER A 10 20.40 -17.84 2.97
CA SER A 10 21.38 -16.78 2.59
C SER A 10 22.34 -17.27 1.50
N ARG A 11 21.89 -18.20 0.66
CA ARG A 11 22.73 -18.73 -0.41
C ARG A 11 22.75 -17.77 -1.61
N PRO A 12 21.57 -17.33 -2.11
CA PRO A 12 21.50 -16.42 -3.26
C PRO A 12 21.76 -14.96 -2.87
N PRO A 13 22.49 -14.21 -3.72
CA PRO A 13 22.81 -12.79 -3.47
C PRO A 13 21.60 -11.88 -3.70
N SER A 14 21.14 -11.24 -2.62
CA SER A 14 19.99 -10.33 -2.71
C SER A 14 20.40 -8.89 -2.36
N ARG A 15 20.29 -8.00 -3.34
CA ARG A 15 20.64 -6.59 -3.14
C ARG A 15 19.38 -5.72 -3.17
N GLU A 16 18.26 -6.28 -2.71
CA GLU A 16 16.98 -5.56 -2.66
C GLU A 16 16.54 -5.32 -1.22
N ILE A 17 15.37 -4.72 -1.06
CA ILE A 17 14.84 -4.43 0.27
C ILE A 17 13.69 -5.37 0.61
N ASP A 18 13.92 -6.26 1.59
CA ASP A 18 12.91 -7.23 2.01
C ASP A 18 11.71 -6.55 2.64
N TYR A 19 10.66 -6.36 1.85
CA TYR A 19 9.44 -5.72 2.33
C TYR A 19 8.54 -6.71 3.07
N THR A 20 8.78 -8.02 2.88
CA THR A 20 7.98 -9.05 3.55
C THR A 20 8.25 -9.08 5.06
N ALA A 21 9.49 -8.76 5.44
CA ALA A 21 9.88 -8.74 6.85
C ALA A 21 9.04 -7.78 7.67
N TYR A 22 8.52 -6.73 7.02
CA TYR A 22 7.70 -5.72 7.70
C TYR A 22 6.33 -6.28 8.06
N PRO A 23 5.68 -5.71 9.11
CA PRO A 23 4.35 -6.14 9.55
C PRO A 23 3.21 -5.59 8.69
N TRP A 24 3.54 -4.86 7.61
CA TRP A 24 2.51 -4.30 6.74
C TRP A 24 2.52 -4.99 5.35
N PHE A 25 3.08 -6.19 5.29
CA PHE A 25 3.16 -6.94 4.04
C PHE A 25 2.18 -8.12 4.04
N ALA A 26 1.37 -8.21 2.99
CA ALA A 26 0.40 -9.29 2.85
C ALA A 26 0.59 -10.02 1.52
N GLY A 27 -0.03 -11.21 1.39
CA GLY A 27 0.08 -11.99 0.17
C GLY A 27 -1.01 -11.68 -0.84
N ASN A 28 -1.30 -12.64 -1.72
CA ASN A 28 -2.34 -12.47 -2.73
C ASN A 28 -3.72 -12.67 -2.12
N MET A 29 -4.17 -11.69 -1.34
CA MET A 29 -5.47 -11.74 -0.69
C MET A 29 -6.56 -11.21 -1.60
N GLU A 30 -7.81 -11.56 -1.28
CA GLU A 30 -8.97 -11.12 -2.07
C GLU A 30 -9.55 -9.82 -1.51
N ARG A 31 -10.14 -9.03 -2.40
CA ARG A 31 -10.75 -7.75 -1.99
C ARG A 31 -11.82 -7.97 -0.93
N GLN A 32 -12.54 -9.09 -1.01
CA GLN A 32 -13.58 -9.41 -0.04
C GLN A 32 -13.00 -9.73 1.33
N GLN A 33 -11.81 -10.33 1.35
CA GLN A 33 -11.14 -10.69 2.59
C GLN A 33 -10.57 -9.45 3.27
N THR A 34 -9.68 -8.76 2.56
CA THR A 34 -9.03 -7.56 3.07
C THR A 34 -10.06 -6.55 3.58
N ASP A 35 -11.19 -6.45 2.87
CA ASP A 35 -12.26 -5.53 3.25
C ASP A 35 -12.82 -5.90 4.63
N ASN A 36 -13.05 -7.20 4.84
CA ASN A 36 -13.58 -7.69 6.10
C ASN A 36 -12.51 -7.70 7.19
N LEU A 37 -11.26 -7.97 6.79
CA LEU A 37 -10.13 -8.00 7.74
C LEU A 37 -10.00 -6.66 8.46
N LEU A 38 -10.24 -5.57 7.74
CA LEU A 38 -10.14 -4.22 8.31
C LEU A 38 -11.47 -3.79 8.96
N LYS A 39 -12.49 -4.64 8.91
CA LYS A 39 -13.79 -4.33 9.50
C LYS A 39 -13.67 -4.23 11.03
N SER A 40 -12.82 -5.07 11.62
CA SER A 40 -12.61 -5.07 13.06
C SER A 40 -11.58 -4.02 13.49
N HIS A 41 -10.60 -3.77 12.61
CA HIS A 41 -9.53 -2.79 12.89
C HIS A 41 -10.08 -1.36 12.94
N ALA A 42 -9.27 -0.45 13.47
CA ALA A 42 -9.65 0.96 13.57
C ALA A 42 -9.48 1.69 12.23
N SER A 43 -9.58 3.02 12.25
CA SER A 43 -9.44 3.82 11.04
C SER A 43 -7.97 4.27 10.84
N GLY A 44 -7.02 3.46 11.31
CA GLY A 44 -5.61 3.78 11.16
C GLY A 44 -4.76 2.56 10.85
N THR A 45 -5.39 1.52 10.30
CA THR A 45 -4.69 0.29 9.96
C THR A 45 -4.45 0.22 8.45
N TYR A 46 -3.19 0.00 8.07
CA TYR A 46 -2.80 -0.10 6.66
C TYR A 46 -2.18 -1.46 6.35
N LEU A 47 -2.10 -1.78 5.05
CA LEU A 47 -1.53 -3.05 4.61
C LEU A 47 -1.24 -3.03 3.10
N ILE A 48 -0.29 -3.85 2.67
CA ILE A 48 0.07 -3.93 1.25
C ILE A 48 -0.09 -5.35 0.72
N ARG A 49 -0.82 -5.47 -0.39
CA ARG A 49 -1.05 -6.77 -1.02
C ARG A 49 -0.18 -6.97 -2.25
N GLU A 50 -0.10 -8.20 -2.74
CA GLU A 50 0.69 -8.53 -3.92
C GLU A 50 -0.22 -8.87 -5.10
N ARG A 51 0.10 -8.31 -6.26
CA ARG A 51 -0.67 -8.56 -7.48
C ARG A 51 0.22 -9.12 -8.58
N PRO A 52 -0.19 -10.24 -9.20
CA PRO A 52 0.58 -10.88 -10.28
C PRO A 52 0.45 -10.13 -11.62
N ALA A 53 0.92 -8.88 -11.64
CA ALA A 53 0.85 -8.07 -12.85
C ALA A 53 2.22 -7.48 -13.19
N GLU A 54 2.39 -7.08 -14.45
CA GLU A 54 3.65 -6.50 -14.90
C GLU A 54 3.79 -5.06 -14.42
N ALA A 55 2.82 -4.22 -14.79
CA ALA A 55 2.84 -2.81 -14.40
C ALA A 55 2.62 -2.66 -12.89
N GLU A 56 1.68 -3.42 -12.35
CA GLU A 56 1.37 -3.36 -10.92
C GLU A 56 2.34 -4.21 -10.11
N ARG A 57 3.06 -3.57 -9.20
CA ARG A 57 4.04 -4.26 -8.36
C ARG A 57 3.45 -4.58 -6.99
N PHE A 58 2.65 -3.66 -6.46
CA PHE A 58 2.01 -3.85 -5.15
C PHE A 58 0.65 -3.14 -5.08
N ALA A 59 -0.08 -3.37 -3.98
CA ALA A 59 -1.39 -2.77 -3.79
C ALA A 59 -1.56 -2.30 -2.33
N ILE A 60 -1.84 -1.00 -2.16
CA ILE A 60 -2.03 -0.44 -0.82
C ILE A 60 -3.49 -0.47 -0.39
N SER A 61 -3.72 -0.73 0.90
CA SER A 61 -5.07 -0.78 1.45
C SER A 61 -5.10 -0.25 2.88
N ILE A 62 -5.87 0.81 3.12
CA ILE A 62 -5.98 1.42 4.45
C ILE A 62 -7.42 1.77 4.79
N LYS A 63 -7.77 1.65 6.07
CA LYS A 63 -9.12 1.96 6.55
C LYS A 63 -9.24 3.43 6.95
N PHE A 64 -10.33 4.07 6.51
CA PHE A 64 -10.57 5.47 6.83
C PHE A 64 -12.05 5.83 6.65
N ASN A 65 -12.59 6.60 7.60
CA ASN A 65 -14.00 7.00 7.57
C ASN A 65 -14.90 5.78 7.56
N ASP A 66 -14.53 4.76 8.36
CA ASP A 66 -15.29 3.52 8.45
C ASP A 66 -15.46 2.87 7.07
N GLU A 67 -14.44 2.99 6.23
CA GLU A 67 -14.48 2.42 4.89
C GLU A 67 -13.10 1.91 4.47
N VAL A 68 -13.08 0.88 3.63
CA VAL A 68 -11.82 0.30 3.14
C VAL A 68 -11.40 0.91 1.81
N LYS A 69 -10.22 1.53 1.79
CA LYS A 69 -9.71 2.16 0.57
C LYS A 69 -8.54 1.35 -0.01
N HIS A 70 -8.39 1.42 -1.34
CA HIS A 70 -7.31 0.70 -2.02
C HIS A 70 -6.58 1.62 -3.00
N ILE A 71 -5.25 1.57 -2.99
CA ILE A 71 -4.43 2.38 -3.89
C ILE A 71 -3.45 1.51 -4.67
N LYS A 72 -3.76 1.25 -5.94
CA LYS A 72 -2.91 0.43 -6.79
C LYS A 72 -1.55 1.09 -7.05
N VAL A 73 -0.51 0.27 -7.14
CA VAL A 73 0.85 0.76 -7.37
C VAL A 73 1.35 0.38 -8.76
N VAL A 74 2.18 1.24 -9.36
CA VAL A 74 2.73 0.99 -10.69
C VAL A 74 4.24 1.26 -10.72
N GLU A 75 4.99 0.28 -11.19
CA GLU A 75 6.44 0.41 -11.29
C GLU A 75 6.90 0.32 -12.76
N LYS A 76 7.18 1.47 -13.36
CA LYS A 76 7.62 1.54 -14.74
C LYS A 76 8.91 2.36 -14.87
N ASP A 77 9.70 2.07 -15.90
CA ASP A 77 10.96 2.77 -16.14
C ASP A 77 11.92 2.59 -14.96
N ASN A 78 11.82 1.44 -14.28
CA ASN A 78 12.67 1.14 -13.13
C ASN A 78 12.35 2.05 -11.94
N TRP A 79 11.15 2.62 -11.94
CA TRP A 79 10.73 3.52 -10.85
C TRP A 79 9.34 3.16 -10.36
N ILE A 80 9.15 3.22 -9.04
CA ILE A 80 7.85 2.91 -8.42
C ILE A 80 7.08 4.18 -8.09
N HIS A 81 5.75 4.14 -8.26
CA HIS A 81 4.91 5.30 -7.97
C HIS A 81 3.42 4.97 -8.12
N ILE A 82 2.59 5.69 -7.36
CA ILE A 82 1.14 5.50 -7.39
C ILE A 82 0.46 6.60 -8.21
N THR A 83 1.09 7.78 -8.27
CA THR A 83 0.55 8.92 -9.02
C THR A 83 1.34 9.14 -10.31
N GLU A 84 1.03 10.22 -11.03
CA GLU A 84 1.72 10.55 -12.27
C GLU A 84 2.55 11.83 -12.13
N ALA A 85 2.92 12.17 -10.90
CA ALA A 85 3.73 13.37 -10.64
C ALA A 85 4.74 13.16 -9.52
N LYS A 86 5.06 11.90 -9.22
CA LYS A 86 6.02 11.56 -8.18
C LYS A 86 6.61 10.17 -8.39
N LYS A 87 7.94 10.10 -8.54
CA LYS A 87 8.62 8.82 -8.76
C LYS A 87 9.48 8.45 -7.56
N PHE A 88 9.50 7.17 -7.22
CA PHE A 88 10.28 6.66 -6.08
C PHE A 88 11.27 5.59 -6.53
N ASP A 89 12.38 5.47 -5.80
CA ASP A 89 13.40 4.48 -6.10
C ASP A 89 12.96 3.07 -5.72
N SER A 90 12.04 2.97 -4.76
CA SER A 90 11.54 1.66 -4.29
C SER A 90 10.35 1.83 -3.36
N LEU A 91 9.77 0.70 -2.93
CA LEU A 91 8.62 0.72 -2.03
C LEU A 91 8.97 1.40 -0.72
N LEU A 92 10.22 1.21 -0.26
CA LEU A 92 10.68 1.82 0.99
C LEU A 92 10.48 3.34 0.96
N GLU A 93 10.94 3.99 -0.11
CA GLU A 93 10.79 5.43 -0.25
C GLU A 93 9.31 5.83 -0.27
N LEU A 94 8.50 5.02 -0.94
CA LEU A 94 7.07 5.27 -1.04
C LEU A 94 6.40 5.14 0.33
N VAL A 95 6.70 4.04 1.03
CA VAL A 95 6.12 3.78 2.35
C VAL A 95 6.61 4.79 3.38
N GLU A 96 7.91 5.06 3.40
CA GLU A 96 8.49 6.02 4.34
C GLU A 96 7.85 7.40 4.20
N TYR A 97 7.68 7.86 2.96
CA TYR A 97 7.08 9.16 2.70
C TYR A 97 5.65 9.22 3.24
N TYR A 98 4.86 8.17 2.98
CA TYR A 98 3.48 8.12 3.44
C TYR A 98 3.40 7.77 4.93
N GLN A 99 4.48 7.19 5.47
CA GLN A 99 4.52 6.85 6.89
C GLN A 99 4.27 8.09 7.75
N CYS A 100 4.81 9.22 7.29
CA CYS A 100 4.66 10.49 8.00
C CYS A 100 3.61 11.38 7.31
N HIS A 101 3.58 11.37 5.98
CA HIS A 101 2.64 12.20 5.24
C HIS A 101 1.36 11.43 4.91
N SER A 102 0.22 12.08 5.14
CA SER A 102 -1.08 11.48 4.88
C SER A 102 -1.34 11.31 3.38
N LEU A 103 -2.39 10.57 3.04
CA LEU A 103 -2.75 10.36 1.64
C LEU A 103 -3.61 11.51 1.08
N LYS A 104 -3.81 12.57 1.89
CA LYS A 104 -4.60 13.72 1.46
C LYS A 104 -3.89 14.52 0.37
N GLU A 105 -2.55 14.51 0.39
CA GLU A 105 -1.77 15.25 -0.60
C GLU A 105 -2.12 14.82 -2.02
N SER A 106 -2.38 13.53 -2.21
CA SER A 106 -2.74 12.99 -3.52
C SER A 106 -4.24 12.70 -3.60
N PHE A 107 -4.75 11.95 -2.63
CA PHE A 107 -6.16 11.60 -2.59
C PHE A 107 -6.89 12.39 -1.51
N LYS A 108 -7.60 13.45 -1.93
CA LYS A 108 -8.34 14.28 -0.99
C LYS A 108 -9.33 13.45 -0.16
N GLN A 109 -9.86 12.37 -0.76
CA GLN A 109 -10.81 11.50 -0.07
C GLN A 109 -10.18 10.87 1.18
N LEU A 110 -8.87 10.63 1.13
CA LEU A 110 -8.15 10.03 2.25
C LEU A 110 -7.43 11.10 3.07
N ASP A 111 -7.40 10.90 4.39
CA ASP A 111 -6.74 11.83 5.29
C ASP A 111 -6.09 11.08 6.46
N THR A 112 -5.55 9.90 6.19
CA THR A 112 -4.89 9.09 7.20
C THR A 112 -3.52 8.62 6.71
N THR A 113 -2.59 8.43 7.66
CA THR A 113 -1.24 7.99 7.35
C THR A 113 -1.05 6.54 7.74
N LEU A 114 0.14 5.98 7.47
CA LEU A 114 0.44 4.60 7.83
C LEU A 114 0.77 4.51 9.32
N LYS A 115 -0.27 4.55 10.16
CA LYS A 115 -0.11 4.48 11.61
C LYS A 115 0.25 3.07 12.08
N TYR A 116 -0.69 2.14 11.94
CA TYR A 116 -0.47 0.75 12.36
C TYR A 116 -0.72 -0.23 11.22
N PRO A 117 0.10 -1.29 11.12
CA PRO A 117 -0.04 -2.30 10.08
C PRO A 117 -1.16 -3.30 10.38
N TYR A 118 -1.32 -4.29 9.51
CA TYR A 118 -2.35 -5.32 9.70
C TYR A 118 -1.96 -6.31 10.80
N LYS A 119 -0.65 -6.54 10.97
CA LYS A 119 -0.14 -7.47 11.98
C LYS A 119 -0.23 -6.88 13.39
N SER A 120 -0.24 -5.55 13.48
CA SER A 120 -0.32 -4.84 14.76
C SER A 120 1.00 -4.95 15.53
N ARG A 121 1.32 -6.14 16.02
CA ARG A 121 2.55 -6.38 16.77
C ARG A 121 3.12 -7.76 16.46
N GLU A 122 4.35 -7.78 15.91
CA GLU A 122 5.03 -9.03 15.52
C GLU A 122 4.07 -9.98 14.78
N GLU B 1 -13.63 -10.12 -10.82
CA GLU B 1 -12.97 -9.27 -9.79
C GLU B 1 -13.50 -7.83 -9.83
N GLU B 2 -13.34 -7.19 -10.99
CA GLU B 2 -13.78 -5.80 -11.18
C GLU B 2 -13.01 -4.86 -10.27
N PRO B 3 -11.76 -4.52 -10.65
CA PRO B 3 -10.90 -3.63 -9.85
C PRO B 3 -11.38 -2.18 -9.87
N VAL B 4 -11.14 -1.45 -8.77
CA VAL B 4 -11.54 -0.05 -8.66
C VAL B 4 -10.38 0.82 -8.18
N GLU B 6 -8.32 3.72 -5.73
CA GLU B 6 -8.49 5.17 -5.64
C GLU B 6 -7.53 5.90 -6.57
N GLU B 7 -7.95 7.07 -7.06
CA GLU B 7 -7.14 7.86 -7.97
C GLU B 7 -7.05 9.32 -7.51
N VAL B 8 -5.96 9.99 -7.87
CA VAL B 8 -5.75 11.39 -7.49
C VAL B 8 -6.84 12.29 -8.05
N GLY B 9 -7.71 12.77 -7.17
CA GLY B 9 -8.80 13.64 -7.58
C GLY B 9 -9.72 14.00 -6.43
N SER A 10 27.34 7.28 -7.73
CA SER A 10 28.14 6.27 -7.00
C SER A 10 27.34 5.63 -5.87
N ARG A 11 26.10 5.22 -6.16
CA ARG A 11 25.24 4.60 -5.17
C ARG A 11 24.78 3.22 -5.64
N PRO A 12 25.60 2.17 -5.40
CA PRO A 12 25.28 0.80 -5.81
C PRO A 12 23.91 0.33 -5.31
N PRO A 13 22.99 -0.01 -6.23
CA PRO A 13 21.64 -0.46 -5.88
C PRO A 13 21.63 -1.83 -5.20
N SER A 14 20.77 -1.99 -4.20
CA SER A 14 20.66 -3.25 -3.47
C SER A 14 19.41 -4.02 -3.88
N ARG A 15 18.24 -3.42 -3.67
CA ARG A 15 16.96 -4.06 -4.01
C ARG A 15 16.79 -5.39 -3.26
N GLU A 16 15.81 -6.19 -3.69
CA GLU A 16 15.52 -7.48 -3.06
C GLU A 16 15.24 -7.32 -1.56
N ILE A 17 14.21 -6.54 -1.24
CA ILE A 17 13.82 -6.29 0.14
C ILE A 17 12.70 -7.23 0.57
N ASP A 18 12.91 -7.95 1.67
CA ASP A 18 11.90 -8.87 2.17
C ASP A 18 10.86 -8.13 3.00
N TYR A 19 9.91 -7.49 2.32
CA TYR A 19 8.85 -6.74 2.99
C TYR A 19 8.01 -7.66 3.88
N THR A 20 7.96 -8.95 3.53
CA THR A 20 7.20 -9.94 4.29
C THR A 20 7.60 -9.95 5.76
N ALA A 21 8.86 -9.61 6.03
CA ALA A 21 9.38 -9.58 7.40
C ALA A 21 8.60 -8.59 8.27
N TYR A 22 8.04 -7.56 7.64
CA TYR A 22 7.26 -6.55 8.35
C TYR A 22 5.80 -6.95 8.47
N PRO A 23 5.08 -6.42 9.48
CA PRO A 23 3.66 -6.74 9.71
C PRO A 23 2.72 -5.95 8.80
N TRP A 24 3.25 -4.95 8.09
CA TRP A 24 2.43 -4.14 7.18
C TRP A 24 2.39 -4.72 5.77
N PHE A 25 3.24 -5.71 5.49
CA PHE A 25 3.29 -6.33 4.17
C PHE A 25 2.62 -7.71 4.18
N ALA A 26 1.67 -7.90 3.28
CA ALA A 26 0.95 -9.17 3.18
C ALA A 26 1.17 -9.82 1.81
N GLY A 27 0.95 -11.14 1.74
CA GLY A 27 1.13 -11.86 0.49
C GLY A 27 -0.05 -11.68 -0.45
N ASN A 28 -0.39 -12.75 -1.16
CA ASN A 28 -1.51 -12.72 -2.10
C ASN A 28 -2.84 -12.81 -1.37
N MET A 29 -3.30 -11.67 -0.84
CA MET A 29 -4.56 -11.61 -0.10
C MET A 29 -5.73 -11.37 -1.04
N GLU A 30 -6.85 -12.05 -0.77
CA GLU A 30 -8.06 -11.91 -1.60
C GLU A 30 -8.74 -10.57 -1.35
N ARG A 31 -9.61 -10.17 -2.30
CA ARG A 31 -10.34 -8.91 -2.19
C ARG A 31 -11.29 -8.94 -1.00
N GLN A 32 -12.15 -9.98 -0.95
CA GLN A 32 -13.11 -10.13 0.15
C GLN A 32 -12.38 -10.27 1.49
N GLN A 33 -11.21 -10.90 1.47
CA GLN A 33 -10.42 -11.11 2.68
C GLN A 33 -9.95 -9.78 3.25
N THR A 34 -9.17 -9.05 2.45
CA THR A 34 -8.63 -7.76 2.87
C THR A 34 -9.75 -6.82 3.30
N ASP A 35 -10.84 -6.81 2.53
CA ASP A 35 -11.99 -5.95 2.82
C ASP A 35 -12.59 -6.28 4.19
N ASN A 36 -12.74 -7.58 4.47
CA ASN A 36 -13.30 -8.03 5.74
C ASN A 36 -12.29 -7.90 6.87
N LEU A 37 -11.01 -8.13 6.55
CA LEU A 37 -9.94 -8.04 7.55
C LEU A 37 -9.81 -6.61 8.07
N LEU A 38 -9.74 -5.64 7.16
CA LEU A 38 -9.61 -4.23 7.53
C LEU A 38 -10.92 -3.72 8.15
N LYS A 39 -12.05 -4.38 7.84
CA LYS A 39 -13.34 -3.98 8.37
C LYS A 39 -13.34 -3.96 9.89
N SER A 40 -12.87 -5.06 10.50
CA SER A 40 -12.80 -5.16 11.96
C SER A 40 -11.87 -4.10 12.55
N HIS A 41 -10.82 -3.74 11.79
CA HIS A 41 -9.86 -2.73 12.24
C HIS A 41 -10.45 -1.32 12.13
N ALA A 42 -9.73 -0.34 12.66
CA ALA A 42 -10.17 1.05 12.63
C ALA A 42 -9.29 1.91 11.72
N SER A 43 -9.43 3.23 11.80
CA SER A 43 -8.65 4.15 10.98
C SER A 43 -7.15 4.01 11.30
N GLY A 44 -6.32 4.20 10.27
CA GLY A 44 -4.89 4.10 10.45
C GLY A 44 -4.33 2.76 9.98
N THR A 45 -5.17 1.73 10.01
CA THR A 45 -4.75 0.38 9.59
C THR A 45 -4.35 0.37 8.12
N TYR A 46 -3.10 -0.04 7.86
CA TYR A 46 -2.58 -0.08 6.50
C TYR A 46 -1.94 -1.45 6.19
N LEU A 47 -1.88 -1.79 4.90
CA LEU A 47 -1.28 -3.07 4.47
C LEU A 47 -1.03 -3.10 2.96
N ILE A 48 -0.18 -4.04 2.53
CA ILE A 48 0.15 -4.20 1.11
C ILE A 48 -0.27 -5.58 0.60
N ARG A 49 -0.58 -5.66 -0.69
CA ARG A 49 -1.00 -6.92 -1.31
C ARG A 49 -0.23 -7.19 -2.61
N GLU A 50 -0.34 -8.41 -3.11
CA GLU A 50 0.33 -8.80 -4.36
C GLU A 50 -0.68 -8.90 -5.50
N ARG A 51 -0.40 -8.22 -6.60
CA ARG A 51 -1.27 -8.23 -7.77
C ARG A 51 -0.48 -8.57 -9.03
N PRO A 52 -0.58 -9.83 -9.50
CA PRO A 52 0.13 -10.28 -10.71
C PRO A 52 -0.52 -9.76 -11.99
N ALA A 53 -0.53 -8.44 -12.15
CA ALA A 53 -1.11 -7.81 -13.33
C ALA A 53 -0.02 -7.23 -14.23
N GLU A 54 -0.42 -6.79 -15.43
CA GLU A 54 0.52 -6.21 -16.38
C GLU A 54 0.94 -4.79 -15.96
N ALA A 55 -0.06 -3.93 -15.76
CA ALA A 55 0.22 -2.54 -15.35
C ALA A 55 0.43 -2.44 -13.84
N GLU A 56 -0.42 -3.11 -13.08
CA GLU A 56 -0.33 -3.09 -11.61
C GLU A 56 0.48 -4.29 -11.10
N ARG A 57 1.35 -4.03 -10.13
CA ARG A 57 2.17 -5.09 -9.54
C ARG A 57 1.79 -5.35 -8.09
N PHE A 58 1.50 -4.26 -7.35
CA PHE A 58 1.11 -4.36 -5.95
C PHE A 58 -0.17 -3.56 -5.68
N ALA A 59 -0.83 -3.86 -4.56
CA ALA A 59 -2.06 -3.16 -4.18
C ALA A 59 -2.07 -2.81 -2.70
N ILE A 60 -2.19 -1.51 -2.40
CA ILE A 60 -2.21 -1.04 -1.02
C ILE A 60 -3.63 -0.85 -0.51
N SER A 61 -3.83 -1.02 0.80
CA SER A 61 -5.14 -0.87 1.42
C SER A 61 -5.04 -0.17 2.77
N ILE A 62 -5.89 0.84 2.98
CA ILE A 62 -5.90 1.59 4.23
C ILE A 62 -7.32 1.90 4.70
N LYS A 63 -7.51 1.96 6.03
CA LYS A 63 -8.83 2.25 6.60
C LYS A 63 -8.96 3.73 6.98
N PHE A 64 -9.99 4.38 6.46
CA PHE A 64 -10.24 5.79 6.73
C PHE A 64 -11.73 6.11 6.61
N ASN A 65 -12.24 6.91 7.55
CA ASN A 65 -13.66 7.29 7.55
C ASN A 65 -14.55 6.05 7.58
N ASP A 66 -14.12 5.04 8.34
CA ASP A 66 -14.87 3.79 8.47
C ASP A 66 -15.11 3.13 7.10
N GLU A 67 -14.18 3.34 6.17
CA GLU A 67 -14.28 2.75 4.84
C GLU A 67 -12.92 2.30 4.34
N VAL A 68 -12.82 1.05 3.90
CA VAL A 68 -11.56 0.49 3.41
C VAL A 68 -11.22 1.07 2.03
N LYS A 69 -10.02 1.64 1.91
CA LYS A 69 -9.57 2.23 0.65
C LYS A 69 -8.49 1.36 -0.01
N HIS A 70 -8.28 1.58 -1.31
CA HIS A 70 -7.28 0.81 -2.06
C HIS A 70 -6.47 1.72 -2.99
N ILE A 71 -5.15 1.54 -2.96
CA ILE A 71 -4.25 2.33 -3.81
C ILE A 71 -3.43 1.43 -4.74
N LYS A 72 -3.79 1.44 -6.02
CA LYS A 72 -3.11 0.62 -7.02
C LYS A 72 -1.65 1.05 -7.19
N VAL A 73 -0.76 0.07 -7.35
CA VAL A 73 0.67 0.35 -7.53
C VAL A 73 1.13 -0.02 -8.93
N VAL A 74 1.69 0.96 -9.65
CA VAL A 74 2.18 0.76 -11.00
C VAL A 74 3.71 0.92 -11.06
N GLU A 75 4.40 -0.17 -11.42
CA GLU A 75 5.86 -0.15 -11.50
C GLU A 75 6.32 -0.12 -12.98
N LYS A 76 6.86 1.03 -13.39
CA LYS A 76 7.33 1.19 -14.77
C LYS A 76 8.55 2.10 -14.83
N ASP A 77 9.31 2.01 -15.93
CA ASP A 77 10.52 2.82 -16.12
C ASP A 77 11.55 2.53 -15.03
N ASN A 78 11.54 1.31 -14.50
CA ASN A 78 12.47 0.90 -13.46
C ASN A 78 12.24 1.73 -12.18
N TRP A 79 10.98 2.13 -11.96
CA TRP A 79 10.62 2.91 -10.77
C TRP A 79 9.28 2.44 -10.18
N ILE A 80 8.95 2.95 -9.01
CA ILE A 80 7.69 2.59 -8.34
C ILE A 80 6.95 3.84 -7.86
N HIS A 81 5.65 3.92 -8.18
CA HIS A 81 4.84 5.07 -7.77
C HIS A 81 3.34 4.74 -7.85
N ILE A 82 2.57 5.33 -6.92
CA ILE A 82 1.13 5.11 -6.87
C ILE A 82 0.34 6.36 -7.32
N THR A 83 0.96 7.54 -7.19
CA THR A 83 0.30 8.79 -7.58
C THR A 83 0.75 9.26 -8.96
N GLU A 84 1.40 8.36 -9.69
CA GLU A 84 1.89 8.65 -11.03
C GLU A 84 2.65 9.98 -11.08
N ALA A 85 3.45 10.24 -10.04
CA ALA A 85 4.23 11.46 -9.95
C ALA A 85 5.47 11.26 -9.10
N LYS A 86 5.28 10.82 -7.86
CA LYS A 86 6.39 10.59 -6.93
C LYS A 86 7.01 9.21 -7.15
N LYS A 87 8.12 9.18 -7.89
CA LYS A 87 8.81 7.92 -8.17
C LYS A 87 9.70 7.51 -7.00
N PHE A 88 9.86 6.20 -6.81
CA PHE A 88 10.68 5.67 -5.72
C PHE A 88 11.54 4.50 -6.21
N ASP A 89 12.64 4.26 -5.51
CA ASP A 89 13.55 3.17 -5.85
C ASP A 89 12.94 1.81 -5.51
N SER A 90 11.99 1.79 -4.57
CA SER A 90 11.34 0.55 -4.15
C SER A 90 10.12 0.84 -3.27
N LEU A 91 9.40 -0.21 -2.90
CA LEU A 91 8.21 -0.07 -2.05
C LEU A 91 8.58 0.48 -0.67
N LEU A 92 9.73 0.05 -0.14
CA LEU A 92 10.19 0.51 1.18
C LEU A 92 10.19 2.04 1.24
N GLU A 93 10.75 2.69 0.22
CA GLU A 93 10.79 4.15 0.17
C GLU A 93 9.39 4.73 0.15
N LEU A 94 8.54 4.20 -0.72
CA LEU A 94 7.16 4.67 -0.84
C LEU A 94 6.42 4.53 0.50
N VAL A 95 6.61 3.39 1.16
CA VAL A 95 5.96 3.14 2.44
C VAL A 95 6.54 4.03 3.54
N GLU A 96 7.87 4.06 3.65
CA GLU A 96 8.52 4.89 4.67
C GLU A 96 8.13 6.36 4.55
N TYR A 97 8.09 6.85 3.31
CA TYR A 97 7.72 8.25 3.07
C TYR A 97 6.28 8.52 3.49
N TYR A 98 5.36 7.65 3.05
CA TYR A 98 3.94 7.80 3.40
C TYR A 98 3.67 7.42 4.85
N GLN A 99 4.59 6.67 5.47
CA GLN A 99 4.43 6.26 6.86
C GLN A 99 4.30 7.49 7.77
N CYS A 100 5.00 8.57 7.39
CA CYS A 100 4.96 9.81 8.15
C CYS A 100 4.06 10.85 7.50
N HIS A 101 4.11 10.94 6.17
CA HIS A 101 3.29 11.91 5.43
C HIS A 101 1.92 11.33 5.10
N SER A 102 0.88 12.14 5.33
CA SER A 102 -0.50 11.72 5.05
C SER A 102 -0.75 11.59 3.55
N LEU A 103 -1.78 10.84 3.19
CA LEU A 103 -2.14 10.63 1.78
C LEU A 103 -3.00 11.79 1.24
N LYS A 104 -3.23 12.81 2.07
CA LYS A 104 -4.04 13.96 1.66
C LYS A 104 -3.36 14.77 0.56
N GLU A 105 -2.03 14.80 0.57
CA GLU A 105 -1.27 15.55 -0.43
C GLU A 105 -1.59 15.06 -1.84
N SER A 106 -1.76 13.74 -1.99
CA SER A 106 -2.07 13.15 -3.28
C SER A 106 -3.57 12.87 -3.41
N PHE A 107 -4.13 12.18 -2.42
CA PHE A 107 -5.55 11.84 -2.43
C PHE A 107 -6.30 12.67 -1.39
N LYS A 108 -6.93 13.77 -1.85
CA LYS A 108 -7.68 14.65 -0.95
C LYS A 108 -8.79 13.89 -0.23
N GLN A 109 -9.32 12.84 -0.87
CA GLN A 109 -10.39 12.03 -0.27
C GLN A 109 -9.95 11.41 1.05
N LEU A 110 -8.65 11.09 1.18
CA LEU A 110 -8.12 10.50 2.40
C LEU A 110 -7.21 11.47 3.14
N ASP A 111 -7.21 11.38 4.47
CA ASP A 111 -6.38 12.25 5.30
C ASP A 111 -5.83 11.49 6.49
N THR A 112 -5.09 10.42 6.22
CA THR A 112 -4.50 9.59 7.26
C THR A 112 -3.11 9.09 6.87
N THR A 113 -2.42 8.48 7.83
CA THR A 113 -1.08 7.94 7.61
C THR A 113 -0.98 6.49 8.08
N LEU A 114 0.14 5.84 7.75
CA LEU A 114 0.37 4.45 8.16
C LEU A 114 0.70 4.38 9.65
N LYS A 115 -0.33 4.22 10.48
CA LYS A 115 -0.15 4.14 11.92
C LYS A 115 0.03 2.70 12.40
N TYR A 116 -0.91 1.83 12.04
CA TYR A 116 -0.83 0.42 12.45
C TYR A 116 -1.04 -0.52 11.27
N PRO A 117 -0.31 -1.66 11.24
CA PRO A 117 -0.43 -2.65 10.16
C PRO A 117 -1.77 -3.39 10.20
N TYR A 118 -1.86 -4.49 9.47
CA TYR A 118 -3.09 -5.29 9.42
C TYR A 118 -3.08 -6.41 10.47
N LYS A 119 -1.89 -6.90 10.82
CA LYS A 119 -1.76 -7.97 11.81
C LYS A 119 -2.23 -7.50 13.19
N SER A 120 -1.71 -6.35 13.64
CA SER A 120 -2.08 -5.78 14.94
C SER A 120 -1.75 -6.75 16.08
N ARG A 121 -0.59 -7.43 15.97
CA ARG A 121 -0.14 -8.39 16.97
C ARG A 121 -1.28 -9.28 17.48
N GLU A 122 -2.15 -9.69 16.56
CA GLU A 122 -3.29 -10.56 16.90
C GLU A 122 -2.83 -11.99 17.10
N GLU B 1 -15.03 1.72 -18.40
CA GLU B 1 -14.44 1.18 -17.15
C GLU B 1 -14.78 2.06 -15.95
N GLU B 2 -14.97 1.42 -14.79
CA GLU B 2 -15.30 2.14 -13.56
C GLU B 2 -14.33 1.77 -12.43
N PRO B 3 -13.16 2.44 -12.39
CA PRO B 3 -12.13 2.17 -11.37
C PRO B 3 -12.65 2.33 -9.94
N VAL B 4 -12.20 1.45 -9.05
CA VAL B 4 -12.61 1.48 -7.64
C VAL B 4 -11.51 2.04 -6.73
N GLU B 6 -8.34 4.40 -5.27
CA GLU B 6 -8.28 5.85 -5.03
C GLU B 6 -7.86 6.61 -6.29
N GLU B 7 -8.25 7.88 -6.38
CA GLU B 7 -7.93 8.72 -7.53
C GLU B 7 -7.11 9.94 -7.12
N VAL B 8 -5.84 9.96 -7.52
CA VAL B 8 -4.95 11.08 -7.19
C VAL B 8 -5.20 12.28 -8.12
N GLY B 9 -5.56 11.98 -9.38
CA GLY B 9 -5.81 13.04 -10.35
C GLY B 9 -7.08 12.78 -11.15
N SER A 10 24.55 -15.30 14.46
CA SER A 10 25.13 -14.18 15.25
C SER A 10 25.90 -13.20 14.37
N ARG A 11 26.70 -13.74 13.45
CA ARG A 11 27.49 -12.90 12.54
C ARG A 11 26.59 -12.06 11.64
N PRO A 12 27.02 -10.83 11.29
CA PRO A 12 26.25 -9.92 10.43
C PRO A 12 25.81 -10.58 9.12
N PRO A 13 24.50 -10.89 8.97
CA PRO A 13 23.96 -11.52 7.78
C PRO A 13 24.27 -10.75 6.49
N SER A 14 24.37 -11.47 5.38
CA SER A 14 24.65 -10.86 4.09
C SER A 14 23.52 -11.13 3.09
N ARG A 15 22.29 -10.82 3.50
CA ARG A 15 21.12 -11.02 2.65
C ARG A 15 20.57 -9.68 2.15
N GLU A 16 19.47 -9.74 1.40
CA GLU A 16 18.84 -8.54 0.86
C GLU A 16 17.73 -8.02 1.80
N ILE A 17 17.03 -6.97 1.36
CA ILE A 17 15.96 -6.38 2.17
C ILE A 17 14.74 -7.31 2.20
N ASP A 18 14.35 -7.71 3.41
CA ASP A 18 13.21 -8.60 3.59
C ASP A 18 11.90 -7.83 3.68
N TYR A 19 11.42 -7.38 2.52
CA TYR A 19 10.17 -6.62 2.45
C TYR A 19 9.00 -7.43 3.05
N THR A 20 9.02 -8.75 2.83
CA THR A 20 7.97 -9.62 3.35
C THR A 20 8.07 -9.79 4.87
N ALA A 21 9.29 -9.69 5.40
CA ALA A 21 9.50 -9.84 6.84
C ALA A 21 8.69 -8.83 7.64
N TYR A 22 8.45 -7.65 7.05
CA TYR A 22 7.68 -6.60 7.70
C TYR A 22 6.24 -7.04 7.96
N PRO A 23 5.61 -6.52 9.03
CA PRO A 23 4.23 -6.87 9.38
C PRO A 23 3.21 -6.27 8.42
N TRP A 24 3.53 -5.09 7.87
CA TRP A 24 2.63 -4.41 6.93
C TRP A 24 2.59 -5.12 5.58
N PHE A 25 3.68 -5.80 5.23
CA PHE A 25 3.75 -6.52 3.96
C PHE A 25 2.85 -7.75 3.97
N ALA A 26 1.87 -7.77 3.06
CA ALA A 26 0.94 -8.89 2.94
C ALA A 26 1.15 -9.64 1.64
N GLY A 27 0.70 -10.89 1.59
CA GLY A 27 0.84 -11.70 0.39
C GLY A 27 -0.24 -11.42 -0.63
N ASN A 28 -0.67 -12.46 -1.34
CA ASN A 28 -1.71 -12.32 -2.36
C ASN A 28 -3.10 -12.47 -1.73
N MET A 29 -3.62 -11.36 -1.19
CA MET A 29 -4.94 -11.36 -0.56
C MET A 29 -6.00 -10.75 -1.49
N GLU A 30 -7.25 -11.17 -1.30
CA GLU A 30 -8.35 -10.69 -2.12
C GLU A 30 -9.05 -9.49 -1.46
N ARG A 31 -9.86 -8.78 -2.24
CA ARG A 31 -10.59 -7.61 -1.73
C ARG A 31 -11.54 -8.01 -0.61
N GLN A 32 -12.30 -9.08 -0.82
CA GLN A 32 -13.26 -9.56 0.19
C GLN A 32 -12.54 -9.88 1.51
N GLN A 33 -11.30 -10.34 1.42
CA GLN A 33 -10.52 -10.68 2.60
C GLN A 33 -10.05 -9.41 3.31
N THR A 34 -9.29 -8.60 2.58
CA THR A 34 -8.77 -7.34 3.12
C THR A 34 -9.86 -6.52 3.79
N ASP A 35 -11.06 -6.53 3.20
CA ASP A 35 -12.18 -5.78 3.74
C ASP A 35 -12.62 -6.36 5.10
N ASN A 36 -12.76 -7.69 5.16
CA ASN A 36 -13.17 -8.36 6.40
C ASN A 36 -12.12 -8.19 7.50
N LEU A 37 -10.84 -8.18 7.10
CA LEU A 37 -9.74 -8.02 8.03
C LEU A 37 -9.63 -6.58 8.55
N LEU A 38 -9.99 -5.62 7.69
CA LEU A 38 -9.90 -4.20 8.06
C LEU A 38 -11.22 -3.67 8.64
N LYS A 39 -12.35 -4.24 8.23
CA LYS A 39 -13.65 -3.79 8.74
C LYS A 39 -13.69 -3.79 10.26
N SER A 40 -12.99 -4.74 10.87
CA SER A 40 -12.92 -4.85 12.32
C SER A 40 -11.84 -3.94 12.90
N HIS A 41 -10.75 -3.76 12.16
CA HIS A 41 -9.63 -2.92 12.60
C HIS A 41 -10.06 -1.45 12.72
N ALA A 42 -9.21 -0.63 13.34
CA ALA A 42 -9.50 0.78 13.52
C ALA A 42 -8.91 1.62 12.39
N SER A 43 -9.13 2.94 12.45
CA SER A 43 -8.62 3.86 11.45
C SER A 43 -7.10 3.99 11.54
N GLY A 44 -6.40 3.57 10.50
CA GLY A 44 -4.95 3.64 10.49
C GLY A 44 -4.30 2.34 10.04
N THR A 45 -5.03 1.23 10.15
CA THR A 45 -4.52 -0.07 9.77
C THR A 45 -4.24 -0.11 8.26
N TYR A 46 -2.98 -0.35 7.89
CA TYR A 46 -2.57 -0.40 6.49
C TYR A 46 -1.92 -1.75 6.16
N LEU A 47 -1.87 -2.07 4.87
CA LEU A 47 -1.25 -3.32 4.41
C LEU A 47 -1.03 -3.30 2.90
N ILE A 48 0.06 -3.93 2.46
CA ILE A 48 0.40 -3.99 1.03
C ILE A 48 0.36 -5.43 0.54
N ARG A 49 -0.54 -5.70 -0.42
CA ARG A 49 -0.69 -7.04 -0.99
C ARG A 49 -0.05 -7.13 -2.37
N GLU A 50 0.02 -8.35 -2.90
CA GLU A 50 0.60 -8.60 -4.22
C GLU A 50 -0.49 -8.89 -5.25
N ARG A 51 -0.22 -8.54 -6.50
CA ARG A 51 -1.17 -8.78 -7.59
C ARG A 51 -0.43 -9.15 -8.88
N PRO A 52 -0.36 -10.47 -9.19
CA PRO A 52 0.33 -10.97 -10.38
C PRO A 52 -0.16 -10.28 -11.66
N ALA A 53 0.55 -9.23 -12.06
CA ALA A 53 0.19 -8.47 -13.26
C ALA A 53 1.41 -7.78 -13.87
N GLU A 54 1.26 -7.31 -15.11
CA GLU A 54 2.35 -6.62 -15.80
C GLU A 54 2.35 -5.13 -15.48
N ALA A 55 1.17 -4.50 -15.58
CA ALA A 55 1.04 -3.07 -15.30
C ALA A 55 1.14 -2.78 -13.81
N GLU A 56 0.49 -3.61 -13.00
CA GLU A 56 0.50 -3.45 -11.55
C GLU A 56 1.54 -4.36 -10.90
N ARG A 57 2.26 -3.82 -9.90
CA ARG A 57 3.28 -4.59 -9.20
C ARG A 57 2.84 -4.91 -7.76
N PHE A 58 2.18 -3.95 -7.11
CA PHE A 58 1.71 -4.12 -5.74
C PHE A 58 0.38 -3.41 -5.52
N ALA A 59 -0.21 -3.62 -4.34
CA ALA A 59 -1.49 -2.99 -3.98
C ALA A 59 -1.53 -2.62 -2.51
N ILE A 60 -1.85 -1.34 -2.23
CA ILE A 60 -1.93 -0.85 -0.85
C ILE A 60 -3.38 -0.63 -0.43
N SER A 61 -3.65 -0.84 0.86
CA SER A 61 -4.99 -0.67 1.41
C SER A 61 -4.94 -0.18 2.87
N ILE A 62 -5.78 0.81 3.18
CA ILE A 62 -5.82 1.37 4.55
C ILE A 62 -7.24 1.78 4.94
N LYS A 63 -7.50 1.77 6.25
CA LYS A 63 -8.82 2.14 6.79
C LYS A 63 -8.86 3.63 7.17
N PHE A 64 -9.95 4.29 6.80
CA PHE A 64 -10.12 5.72 7.11
C PHE A 64 -11.60 6.09 7.09
N ASN A 65 -12.04 6.81 8.13
CA ASN A 65 -13.44 7.24 8.25
C ASN A 65 -14.39 6.04 8.14
N ASP A 66 -14.05 4.97 8.88
CA ASP A 66 -14.85 3.74 8.89
C ASP A 66 -15.05 3.20 7.47
N GLU A 67 -14.04 3.38 6.61
CA GLU A 67 -14.11 2.89 5.23
C GLU A 67 -12.76 2.35 4.78
N VAL A 68 -12.77 1.25 4.04
CA VAL A 68 -11.55 0.64 3.54
C VAL A 68 -11.23 1.10 2.12
N LYS A 69 -10.11 1.81 1.96
CA LYS A 69 -9.70 2.30 0.65
C LYS A 69 -8.62 1.41 0.04
N HIS A 70 -8.61 1.32 -1.29
CA HIS A 70 -7.64 0.50 -2.01
C HIS A 70 -6.88 1.33 -3.05
N ILE A 71 -5.55 1.24 -3.02
CA ILE A 71 -4.71 1.99 -3.96
C ILE A 71 -3.73 1.06 -4.69
N LYS A 72 -3.92 0.91 -5.99
CA LYS A 72 -3.06 0.04 -6.81
C LYS A 72 -1.76 0.76 -7.18
N VAL A 73 -0.67 -0.01 -7.27
CA VAL A 73 0.64 0.54 -7.62
C VAL A 73 0.91 0.39 -9.11
N VAL A 74 1.44 1.45 -9.73
CA VAL A 74 1.75 1.44 -11.16
C VAL A 74 3.21 1.82 -11.42
N GLU A 75 4.04 0.83 -11.76
CA GLU A 75 5.45 1.08 -12.05
C GLU A 75 5.68 1.30 -13.55
N LYS A 76 6.20 2.47 -13.90
CA LYS A 76 6.46 2.81 -15.29
C LYS A 76 7.78 3.57 -15.43
N ASP A 77 8.44 3.40 -16.59
CA ASP A 77 9.71 4.06 -16.85
C ASP A 77 10.77 3.65 -15.82
N ASN A 78 10.72 2.40 -15.39
CA ASN A 78 11.67 1.87 -14.40
C ASN A 78 11.53 2.60 -13.06
N TRP A 79 10.33 3.14 -12.79
CA TRP A 79 10.08 3.86 -11.55
C TRP A 79 8.72 3.47 -10.96
N ILE A 80 8.65 3.35 -9.64
CA ILE A 80 7.41 2.99 -8.95
C ILE A 80 6.67 4.23 -8.45
N HIS A 81 5.35 4.23 -8.59
CA HIS A 81 4.52 5.37 -8.16
C HIS A 81 3.03 5.06 -8.31
N ILE A 82 2.23 5.58 -7.38
CA ILE A 82 0.78 5.40 -7.43
C ILE A 82 0.10 6.53 -8.20
N THR A 83 0.69 7.72 -8.15
CA THR A 83 0.14 8.89 -8.85
C THR A 83 0.78 9.05 -10.22
N GLU A 84 0.48 10.16 -10.88
CA GLU A 84 1.04 10.44 -12.21
C GLU A 84 1.92 11.68 -12.18
N ALA A 85 2.69 11.85 -11.10
CA ALA A 85 3.58 12.99 -10.95
C ALA A 85 4.84 12.60 -10.17
N LYS A 86 4.63 12.02 -8.98
CA LYS A 86 5.74 11.60 -8.13
C LYS A 86 6.39 10.30 -8.65
N LYS A 87 7.69 10.15 -8.39
CA LYS A 87 8.42 8.96 -8.82
C LYS A 87 9.27 8.39 -7.69
N PHE A 88 9.29 7.06 -7.57
CA PHE A 88 10.06 6.39 -6.52
C PHE A 88 10.95 5.31 -7.13
N ASP A 89 12.08 5.03 -6.49
CA ASP A 89 13.02 4.02 -6.96
C ASP A 89 12.58 2.61 -6.56
N SER A 90 11.77 2.51 -5.49
CA SER A 90 11.28 1.22 -5.02
C SER A 90 10.10 1.39 -4.06
N LEU A 91 9.51 0.26 -3.64
CA LEU A 91 8.38 0.29 -2.72
C LEU A 91 8.75 0.94 -1.39
N LEU A 92 9.95 0.65 -0.90
CA LEU A 92 10.43 1.21 0.37
C LEU A 92 10.36 2.73 0.35
N GLU A 93 10.91 3.34 -0.70
CA GLU A 93 10.90 4.80 -0.82
C GLU A 93 9.46 5.34 -0.82
N LEU A 94 8.56 4.62 -1.48
CA LEU A 94 7.16 5.02 -1.55
C LEU A 94 6.51 4.93 -0.16
N VAL A 95 6.63 3.77 0.47
CA VAL A 95 6.05 3.56 1.81
C VAL A 95 6.70 4.49 2.83
N GLU A 96 8.00 4.72 2.70
CA GLU A 96 8.73 5.60 3.62
C GLU A 96 8.24 7.04 3.49
N TYR A 97 8.12 7.53 2.25
CA TYR A 97 7.66 8.89 2.00
C TYR A 97 6.24 9.10 2.52
N TYR A 98 5.36 8.14 2.21
CA TYR A 98 3.96 8.22 2.66
C TYR A 98 3.80 7.76 4.11
N GLN A 99 4.86 7.18 4.69
CA GLN A 99 4.81 6.72 6.08
C GLN A 99 4.54 7.90 7.01
N CYS A 100 5.13 9.05 6.68
CA CYS A 100 4.96 10.26 7.48
C CYS A 100 3.92 11.19 6.86
N HIS A 101 3.94 11.30 5.52
CA HIS A 101 3.00 12.18 4.82
C HIS A 101 1.65 11.47 4.59
N SER A 102 0.57 12.23 4.76
CA SER A 102 -0.78 11.70 4.57
C SER A 102 -1.10 11.53 3.08
N LEU A 103 -2.14 10.76 2.80
CA LEU A 103 -2.56 10.51 1.41
C LEU A 103 -3.48 11.63 0.90
N LYS A 104 -3.63 12.71 1.66
CA LYS A 104 -4.48 13.83 1.26
C LYS A 104 -3.92 14.54 0.02
N GLU A 105 -2.60 14.60 -0.08
CA GLU A 105 -1.95 15.27 -1.22
C GLU A 105 -2.37 14.62 -2.54
N SER A 106 -2.33 13.29 -2.59
CA SER A 106 -2.71 12.56 -3.80
C SER A 106 -4.22 12.33 -3.85
N PHE A 107 -4.76 11.81 -2.74
CA PHE A 107 -6.19 11.52 -2.66
C PHE A 107 -6.86 12.45 -1.65
N LYS A 108 -7.54 13.49 -2.15
CA LYS A 108 -8.23 14.45 -1.29
C LYS A 108 -9.23 13.74 -0.37
N GLN A 109 -9.87 12.68 -0.88
CA GLN A 109 -10.83 11.90 -0.10
C GLN A 109 -10.19 11.30 1.13
N LEU A 110 -8.90 10.98 1.04
CA LEU A 110 -8.15 10.39 2.15
C LEU A 110 -7.39 11.45 2.93
N ASP A 111 -7.14 11.18 4.21
CA ASP A 111 -6.41 12.11 5.08
C ASP A 111 -5.73 11.37 6.22
N THR A 112 -5.18 10.19 5.92
CA THR A 112 -4.51 9.38 6.93
C THR A 112 -3.18 8.81 6.40
N THR A 113 -2.37 8.28 7.31
CA THR A 113 -1.09 7.69 6.96
C THR A 113 -0.98 6.26 7.48
N LEU A 114 0.17 5.63 7.25
CA LEU A 114 0.40 4.26 7.70
C LEU A 114 0.72 4.22 9.20
N LYS A 115 -0.27 3.83 10.00
CA LYS A 115 -0.11 3.75 11.46
C LYS A 115 0.30 2.34 11.90
N TYR A 116 -0.58 1.36 11.65
CA TYR A 116 -0.31 -0.02 12.05
C TYR A 116 -0.61 -0.99 10.90
N PRO A 117 0.13 -2.12 10.83
CA PRO A 117 -0.05 -3.13 9.78
C PRO A 117 -1.31 -3.96 10.00
N TYR A 118 -1.51 -4.97 9.16
CA TYR A 118 -2.67 -5.86 9.26
C TYR A 118 -2.44 -6.96 10.28
N LYS A 119 -1.20 -7.48 10.35
CA LYS A 119 -0.86 -8.54 11.29
C LYS A 119 -0.93 -8.06 12.73
N SER A 120 -0.43 -6.84 12.98
CA SER A 120 -0.43 -6.23 14.32
C SER A 120 0.38 -7.07 15.31
N ARG A 121 1.58 -6.60 15.64
CA ARG A 121 2.45 -7.31 16.57
C ARG A 121 2.96 -6.37 17.67
N GLU A 122 2.60 -6.66 18.92
CA GLU A 122 3.02 -5.85 20.05
C GLU A 122 4.38 -6.32 20.56
N GLU B 1 -21.22 -1.52 -9.71
CA GLU B 1 -20.40 -1.64 -8.47
C GLU B 1 -19.32 -2.70 -8.63
N GLU B 2 -18.06 -2.27 -8.58
CA GLU B 2 -16.92 -3.19 -8.71
C GLU B 2 -15.63 -2.54 -8.19
N PRO B 3 -14.61 -3.37 -7.87
CA PRO B 3 -13.32 -2.88 -7.36
C PRO B 3 -12.52 -2.12 -8.41
N VAL B 4 -12.43 -0.81 -8.25
CA VAL B 4 -11.69 0.04 -9.18
C VAL B 4 -10.56 0.82 -8.50
N GLU B 6 -9.07 3.56 -5.38
CA GLU B 6 -9.20 5.02 -5.24
C GLU B 6 -8.52 5.74 -6.40
N GLU B 7 -9.00 6.96 -6.69
CA GLU B 7 -8.44 7.77 -7.77
C GLU B 7 -7.90 9.10 -7.26
N VAL B 8 -6.82 9.56 -7.88
CA VAL B 8 -6.19 10.84 -7.49
C VAL B 8 -7.11 12.02 -7.82
N GLY B 9 -7.56 12.10 -9.06
CA GLY B 9 -8.44 13.19 -9.47
C GLY B 9 -7.80 14.10 -10.51
#